data_3MJA
# 
_entry.id   3MJA 
# 
_audit_conform.dict_name       mmcif_pdbx.dic 
_audit_conform.dict_version    5.379 
_audit_conform.dict_location   http://mmcif.pdb.org/dictionaries/ascii/mmcif_pdbx.dic 
# 
loop_
_database_2.database_id 
_database_2.database_code 
_database_2.pdbx_database_accession 
_database_2.pdbx_DOI 
PDB   3MJA         pdb_00003mja 10.2210/pdb3mja/pdb 
NDB   NA0520       ?            ?                   
RCSB  RCSB058614   ?            ?                   
WWPDB D_1000058614 ?            ?                   
# 
loop_
_pdbx_database_related.db_name 
_pdbx_database_related.db_id 
_pdbx_database_related.details 
_pdbx_database_related.content_type 
PDB 3MJ3 . unspecified 
PDB 3MJB . unspecified 
# 
_pdbx_database_status.entry_id                        3MJA 
_pdbx_database_status.deposit_site                    RCSB 
_pdbx_database_status.process_site                    RCSB 
_pdbx_database_status.recvd_initial_deposition_date   2010-04-12 
_pdbx_database_status.status_code                     REL 
_pdbx_database_status.status_code_sf                  REL 
_pdbx_database_status.status_code_mr                  ? 
_pdbx_database_status.SG_entry                        ? 
_pdbx_database_status.pdb_format_compatible           Y 
_pdbx_database_status.status_code_cs                  ? 
_pdbx_database_status.status_code_nmr_data            ? 
_pdbx_database_status.methods_development_category    ? 
# 
loop_
_audit_author.name 
_audit_author.pdbx_ordinal 
'Kieft, J.S.'      1 
'Golden, B.L.'     2 
'Costantino, D.A.' 3 
'Chase, E.'        4 
# 
_citation.id                        primary 
_citation.title                     'Identification and characterization of anion binding sites in RNA.' 
_citation.journal_abbrev            Rna 
_citation.journal_volume            16 
_citation.page_first                1118 
_citation.page_last                 1123 
_citation.year                      2010 
_citation.journal_id_ASTM           RNARFU 
_citation.country                   UK 
_citation.journal_id_ISSN           1355-8382 
_citation.journal_id_CSD            2122 
_citation.book_publisher            ? 
_citation.pdbx_database_id_PubMed   20410239 
_citation.pdbx_database_id_DOI      10.1261/rna.2072710 
# 
loop_
_citation_author.citation_id 
_citation_author.name 
_citation_author.ordinal 
_citation_author.identifier_ORCID 
primary 'Kieft, J.S.'      1 ? 
primary 'Chase, E.'        2 ? 
primary 'Costantino, D.A.' 3 ? 
primary 'Golden, B.L.'     4 ? 
# 
_cell.entry_id           3MJA 
_cell.length_a           59.250 
_cell.length_b           59.250 
_cell.length_c           99.775 
_cell.angle_alpha        90.00 
_cell.angle_beta         90.00 
_cell.angle_gamma        90.00 
_cell.Z_PDB              8 
_cell.pdbx_unique_axis   ? 
_cell.length_a_esd       ? 
_cell.length_b_esd       ? 
_cell.length_c_esd       ? 
_cell.angle_alpha_esd    ? 
_cell.angle_beta_esd     ? 
_cell.angle_gamma_esd    ? 
# 
_symmetry.entry_id                         3MJA 
_symmetry.space_group_name_H-M             'P 41 21 2' 
_symmetry.pdbx_full_space_group_name_H-M   ? 
_symmetry.cell_setting                     ? 
_symmetry.Int_Tables_number                92 
_symmetry.space_group_name_Hall            ? 
# 
loop_
_entity.id 
_entity.type 
_entity.src_method 
_entity.pdbx_description 
_entity.formula_weight 
_entity.pdbx_number_of_molecules 
_entity.pdbx_ec 
_entity.pdbx_mutation 
_entity.pdbx_fragment 
_entity.details 
1 polymer     syn 'Domain 3 of the cricket paralysis virus intergenic region IRES RNA' 9326.556 1 ? U6178A 'Domain 3 RNA' ? 
2 polymer     syn 
;RNA (5'-R(P*UP*AP*AP*GP*AP*AP*AP*UP*UP*UP*AP*CP*CP*U)-3')
;
4416.675 1 ? A6199G 'Domain 3 RNA' ? 
3 non-polymer syn 'SELENATE ION'                                                       142.958  4 ? U6198U 'Domain 3 RNA' ? 
# 
loop_
_entity_poly.entity_id 
_entity_poly.type 
_entity_poly.nstd_linkage 
_entity_poly.nstd_monomer 
_entity_poly.pdbx_seq_one_letter_code 
_entity_poly.pdbx_seq_one_letter_code_can 
_entity_poly.pdbx_strand_id 
_entity_poly.pdbx_target_identifier 
1 polyribonucleotide no no GGUUAUUCAGAUUAGGUAGUCGAAUGACC GGUUAUUCAGAUUAGGUAGUCGAAUGACC B ? 
2 polyribonucleotide no no UAAGAAAUUUACCU                UAAGAAAUUUACCU                C ? 
# 
loop_
_entity_poly_seq.entity_id 
_entity_poly_seq.num 
_entity_poly_seq.mon_id 
_entity_poly_seq.hetero 
1 1  G n 
1 2  G n 
1 3  U n 
1 4  U n 
1 5  A n 
1 6  U n 
1 7  U n 
1 8  C n 
1 9  A n 
1 10 G n 
1 11 A n 
1 12 U n 
1 13 U n 
1 14 A n 
1 15 G n 
1 16 G n 
1 17 U n 
1 18 A n 
1 19 G n 
1 20 U n 
1 21 C n 
1 22 G n 
1 23 A n 
1 24 A n 
1 25 U n 
1 26 G n 
1 27 A n 
1 28 C n 
1 29 C n 
2 1  U n 
2 2  A n 
2 3  A n 
2 4  G n 
2 5  A n 
2 6  A n 
2 7  A n 
2 8  U n 
2 9  U n 
2 10 U n 
2 11 A n 
2 12 C n 
2 13 C n 
2 14 U n 
# 
_pdbx_entity_src_syn.entity_id              1 
_pdbx_entity_src_syn.pdbx_src_id            1 
_pdbx_entity_src_syn.pdbx_alt_source_flag   sample 
_pdbx_entity_src_syn.pdbx_beg_seq_num       ? 
_pdbx_entity_src_syn.pdbx_end_seq_num       ? 
_pdbx_entity_src_syn.organism_scientific    ? 
_pdbx_entity_src_syn.organism_common_name   ? 
_pdbx_entity_src_syn.ncbi_taxonomy_id       ? 
_pdbx_entity_src_syn.details                'In vitro transcription' 
# 
loop_
_struct_ref.id 
_struct_ref.db_name 
_struct_ref.db_code 
_struct_ref.pdbx_db_accession 
_struct_ref.entity_id 
_struct_ref.pdbx_align_begin 
_struct_ref.pdbx_seq_one_letter_code 
_struct_ref.pdbx_db_isoform 
1 PDB 3MJA 3MJA 1 1 GGUUAUUCAGAUUAGGUAGUCGAAUGACC ? 
2 PDB 3MJA 3MJA 2 1 UAAGAAAUUUACCU                ? 
# 
loop_
_struct_ref_seq.align_id 
_struct_ref_seq.ref_id 
_struct_ref_seq.pdbx_PDB_id_code 
_struct_ref_seq.pdbx_strand_id 
_struct_ref_seq.seq_align_beg 
_struct_ref_seq.pdbx_seq_align_beg_ins_code 
_struct_ref_seq.seq_align_end 
_struct_ref_seq.pdbx_seq_align_end_ins_code 
_struct_ref_seq.pdbx_db_accession 
_struct_ref_seq.db_align_beg 
_struct_ref_seq.pdbx_db_align_beg_ins_code 
_struct_ref_seq.db_align_end 
_struct_ref_seq.pdbx_db_align_end_ins_code 
_struct_ref_seq.pdbx_auth_seq_align_beg 
_struct_ref_seq.pdbx_auth_seq_align_end 
1 1 3MJA B 1 ? 29 ? 3MJA 6174 ? 6202 ? 6174 6202 
2 2 3MJA C 1 ? 14 ? 3MJA 6203 ? 6216 ? 6203 6216 
# 
loop_
_chem_comp.id 
_chem_comp.type 
_chem_comp.mon_nstd_flag 
_chem_comp.name 
_chem_comp.pdbx_synonyms 
_chem_comp.formula 
_chem_comp.formula_weight 
A   'RNA linking' y "ADENOSINE-5'-MONOPHOSPHATE" ? 'C10 H14 N5 O7 P' 347.221 
C   'RNA linking' y "CYTIDINE-5'-MONOPHOSPHATE"  ? 'C9 H14 N3 O8 P'  323.197 
G   'RNA linking' y "GUANOSINE-5'-MONOPHOSPHATE" ? 'C10 H14 N5 O8 P' 363.221 
SE4 non-polymer   . 'SELENATE ION'               ? 'O4 Se -2'        142.958 
U   'RNA linking' y "URIDINE-5'-MONOPHOSPHATE"   ? 'C9 H13 N2 O9 P'  324.181 
# 
_exptl.crystals_number   1 
_exptl.entry_id          3MJA 
_exptl.method            'X-RAY DIFFRACTION' 
# 
_exptl_crystal.id                    1 
_exptl_crystal.density_Matthews      3.19 
_exptl_crystal.density_meas          ? 
_exptl_crystal.density_percent_sol   61.39 
_exptl_crystal.description           ? 
_exptl_crystal.F_000                 ? 
_exptl_crystal.preparation           ? 
# 
_exptl_crystal_grow.crystal_id      1 
_exptl_crystal_grow.method          'VAPOR DIFFUSION' 
_exptl_crystal_grow.pH              7.5 
_exptl_crystal_grow.temp            293 
_exptl_crystal_grow.temp_details    ? 
_exptl_crystal_grow.pdbx_details    
;1.8 M lithium selenate, 42.5 mM magnesium chloride, 0.5 mM spermidine, 10 mM HEPES-KOH, 50 mM HEPES-NaOH; moved to 2.4 M lithium selenate, 42.5 mM magnesium chloride, 0.5 mM spermidine, 10 mM HEPES-KOH, 50 mM HEPES-NaOH (all otherfor cryoprotections, pH 7.5, VAPOR DIFFUSION, temperature 293K
;
_exptl_crystal_grow.pdbx_pH_range   ? 
# 
_diffrn.id                     1 
_diffrn.ambient_temp           ? 
_diffrn.ambient_temp_details   ? 
_diffrn.crystal_id             1 
# 
_diffrn_radiation.diffrn_id                        1 
_diffrn_radiation.wavelength_id                    1 
_diffrn_radiation.pdbx_diffrn_protocol             'SINGLE WAVELENGTH' 
_diffrn_radiation.monochromator                    ? 
_diffrn_radiation.pdbx_monochromatic_or_laue_m_l   M 
_diffrn_radiation.pdbx_scattering_type             x-ray 
# 
_diffrn_radiation_wavelength.id           1 
_diffrn_radiation_wavelength.wavelength   0.9786 
_diffrn_radiation_wavelength.wt           1.0 
# 
_diffrn_source.diffrn_id                   1 
_diffrn_source.source                      SYNCHROTRON 
_diffrn_source.type                        'ALS BEAMLINE 4.2.2' 
_diffrn_source.pdbx_wavelength             ? 
_diffrn_source.pdbx_wavelength_list        0.9786 
_diffrn_source.pdbx_synchrotron_site       ALS 
_diffrn_source.pdbx_synchrotron_beamline   4.2.2 
# 
_reflns.entry_id                     3MJA 
_reflns.observed_criterion_sigma_F   2.0 
_reflns.observed_criterion_sigma_I   2.0 
_reflns.d_resolution_high            2.8 
_reflns.d_resolution_low             42 
_reflns.number_all                   ? 
_reflns.number_obs                   8365 
_reflns.percent_possible_obs         99.9 
_reflns.pdbx_netI_over_sigmaI        ? 
_reflns.B_iso_Wilson_estimate        ? 
_reflns.pdbx_redundancy              ? 
_reflns.R_free_details               ? 
_reflns.limit_h_max                  ? 
_reflns.limit_h_min                  ? 
_reflns.limit_k_max                  ? 
_reflns.limit_k_min                  ? 
_reflns.limit_l_max                  ? 
_reflns.limit_l_min                  ? 
_reflns.observed_criterion_F_max     ? 
_reflns.observed_criterion_F_min     ? 
_reflns.pdbx_chi_squared             ? 
_reflns.pdbx_scaling_rejects         ? 
_reflns.pdbx_Rmerge_I_obs            ? 
_reflns.pdbx_Rsym_value              ? 
_reflns.pdbx_diffrn_id               1 
_reflns.pdbx_ordinal                 1 
# 
_refine.entry_id                                 3MJA 
_refine.ls_d_res_high                            2.800 
_refine.ls_d_res_low                             30.000 
_refine.pdbx_ls_sigma_F                          0.00 
_refine.pdbx_data_cutoff_high_absF               ? 
_refine.pdbx_data_cutoff_low_absF                ? 
_refine.ls_percent_reflns_obs                    99.900 
_refine.ls_number_reflns_obs                     6953 
_refine.ls_number_reflns_all                     ? 
_refine.pdbx_ls_cross_valid_method               ? 
_refine.pdbx_R_Free_selection_details            RANDOM 
_refine.details                                  ? 
_refine.ls_R_factor_all                          ? 
_refine.ls_R_factor_obs                          ? 
_refine.ls_R_factor_R_work                       0.233 
_refine.ls_wR_factor_R_work                      ? 
_refine.ls_R_factor_R_free                       0.283 
_refine.ls_wR_factor_R_free                      ? 
_refine.ls_percent_reflns_R_free                 9.800 
_refine.ls_number_reflns_R_free                  818 
_refine.ls_R_factor_R_free_error                 ? 
_refine.B_iso_mean                               47.745 
_refine.solvent_model_param_bsol                 35.000 
_refine.solvent_model_param_ksol                 ? 
_refine.pdbx_isotropic_thermal_model             ? 
_refine.aniso_B[1][1]                            -6.240 
_refine.aniso_B[2][2]                            2.302 
_refine.aniso_B[3][3]                            3.937 
_refine.aniso_B[1][2]                            0.000 
_refine.aniso_B[1][3]                            0.000 
_refine.aniso_B[2][3]                            0.000 
_refine.correlation_coeff_Fo_to_Fc               ? 
_refine.correlation_coeff_Fo_to_Fc_free          ? 
_refine.overall_SU_R_Cruickshank_DPI             ? 
_refine.overall_SU_R_free                        ? 
_refine.pdbx_overall_ESU_R_Free                  ? 
_refine.overall_SU_ML                            ? 
_refine.overall_SU_B                             ? 
_refine.solvent_model_details                    ? 
_refine.pdbx_solvent_vdw_probe_radii             ? 
_refine.pdbx_solvent_ion_probe_radii             ? 
_refine.pdbx_solvent_shrinkage_radii             ? 
_refine.ls_number_parameters                     ? 
_refine.ls_number_restraints                     ? 
_refine.pdbx_starting_model                      'PDB 3B31' 
_refine.pdbx_method_to_determine_struct          'MOLECULAR REPLACEMENT' 
_refine.pdbx_stereochemistry_target_values       'Engh & Huber' 
_refine.pdbx_stereochem_target_val_spec_case     ? 
_refine.overall_FOM_work_R_set                   ? 
_refine.B_iso_max                                100.92 
_refine.B_iso_min                                27.36 
_refine.occupancy_max                            1.00 
_refine.occupancy_min                            1.00 
_refine.pdbx_ls_sigma_I                          ? 
_refine.ls_redundancy_reflns_obs                 ? 
_refine.ls_R_factor_R_free_error_details         ? 
_refine.pdbx_data_cutoff_high_rms_absF           ? 
_refine.overall_FOM_free_R_set                   ? 
_refine.pdbx_overall_phase_error                 ? 
_refine.pdbx_refine_id                           'X-RAY DIFFRACTION' 
_refine.pdbx_overall_ESU_R                       ? 
_refine.pdbx_diffrn_id                           1 
_refine.pdbx_TLS_residual_ADP_flag               ? 
_refine.pdbx_overall_SU_R_free_Cruickshank_DPI   ? 
_refine.pdbx_overall_SU_R_Blow_DPI               ? 
_refine.pdbx_overall_SU_R_free_Blow_DPI          ? 
# 
_refine_hist.pdbx_refine_id                   'X-RAY DIFFRACTION' 
_refine_hist.cycle_id                         LAST 
_refine_hist.pdbx_number_atoms_protein        0 
_refine_hist.pdbx_number_atoms_nucleic_acid   917 
_refine_hist.pdbx_number_atoms_ligand         20 
_refine_hist.number_atoms_solvent             0 
_refine_hist.number_atoms_total               937 
_refine_hist.d_res_high                       2.800 
_refine_hist.d_res_low                        30.000 
# 
loop_
_refine_ls_restr.type 
_refine_ls_restr.number 
_refine_ls_restr.dev_ideal 
_refine_ls_restr.dev_ideal_target 
_refine_ls_restr.weight 
_refine_ls_restr.pdbx_refine_id 
_refine_ls_restr.pdbx_restraint_function 
c_bond_d     ? 0.006 ?     ? 'X-RAY DIFFRACTION' ? 
c_angle_d    ? 1.381 ?     ? 'X-RAY DIFFRACTION' ? 
c_mcbond_it  ? 1.559 1.500 ? 'X-RAY DIFFRACTION' ? 
c_mcangle_it ? 2.512 2.000 ? 'X-RAY DIFFRACTION' ? 
# 
loop_
_pdbx_xplor_file.serial_no 
_pdbx_xplor_file.param_file 
_pdbx_xplor_file.topol_file 
_pdbx_xplor_file.pdbx_refine_id 
1 protein_rep.param      protein.top          'X-RAY DIFFRACTION' 
2 dna-rna_rep.param      dna-rna.top          'X-RAY DIFFRACTION' 
3 water_rep.param        water.top            'X-RAY DIFFRACTION' 
4 ion.param              ion.top              'X-RAY DIFFRACTION' 
5 CNS_TOPPAR:irhex.param CNS_TOPPAR:irhex.top 'X-RAY DIFFRACTION' 
# 
_struct.entry_id                  3MJA 
_struct.title                     'Cricket Paralysis Virus IGR IRES Domain 3 RNA bound to selenate, structure #2' 
_struct.pdbx_model_details        ? 
_struct.pdbx_CASP_flag            ? 
_struct.pdbx_model_type_details   ? 
# 
_struct_keywords.entry_id        3MJA 
_struct_keywords.pdbx_keywords   RNA 
_struct_keywords.text            'RNA psuedoknot, anions, selenate, RNA' 
# 
loop_
_struct_asym.id 
_struct_asym.pdbx_blank_PDB_chainid_flag 
_struct_asym.pdbx_modified 
_struct_asym.entity_id 
_struct_asym.details 
A N N 1 ? 
B N N 2 ? 
C N N 3 ? 
D N N 3 ? 
E N N 3 ? 
F N N 3 ? 
# 
_struct_biol.id        1 
_struct_biol.details   ? 
# 
loop_
_struct_conn.id 
_struct_conn.conn_type_id 
_struct_conn.pdbx_leaving_atom_flag 
_struct_conn.pdbx_PDB_id 
_struct_conn.ptnr1_label_asym_id 
_struct_conn.ptnr1_label_comp_id 
_struct_conn.ptnr1_label_seq_id 
_struct_conn.ptnr1_label_atom_id 
_struct_conn.pdbx_ptnr1_label_alt_id 
_struct_conn.pdbx_ptnr1_PDB_ins_code 
_struct_conn.pdbx_ptnr1_standard_comp_id 
_struct_conn.ptnr1_symmetry 
_struct_conn.ptnr2_label_asym_id 
_struct_conn.ptnr2_label_comp_id 
_struct_conn.ptnr2_label_seq_id 
_struct_conn.ptnr2_label_atom_id 
_struct_conn.pdbx_ptnr2_label_alt_id 
_struct_conn.pdbx_ptnr2_PDB_ins_code 
_struct_conn.ptnr1_auth_asym_id 
_struct_conn.ptnr1_auth_comp_id 
_struct_conn.ptnr1_auth_seq_id 
_struct_conn.ptnr2_auth_asym_id 
_struct_conn.ptnr2_auth_comp_id 
_struct_conn.ptnr2_auth_seq_id 
_struct_conn.ptnr2_symmetry 
_struct_conn.pdbx_ptnr3_label_atom_id 
_struct_conn.pdbx_ptnr3_label_seq_id 
_struct_conn.pdbx_ptnr3_label_comp_id 
_struct_conn.pdbx_ptnr3_label_asym_id 
_struct_conn.pdbx_ptnr3_label_alt_id 
_struct_conn.pdbx_ptnr3_PDB_ins_code 
_struct_conn.details 
_struct_conn.pdbx_dist_value 
_struct_conn.pdbx_value_order 
_struct_conn.pdbx_role 
hydrog1  hydrog ? ? A G 1  N1 ? ? ? 1_555 A C 29 N3 ? ? B G 6174 B C 6202 1_555 ? ? ? ? ? ? WATSON-CRICK  ? ? ? 
hydrog2  hydrog ? ? A G 1  N2 ? ? ? 1_555 A C 29 O2 ? ? B G 6174 B C 6202 1_555 ? ? ? ? ? ? WATSON-CRICK  ? ? ? 
hydrog3  hydrog ? ? A G 1  O6 ? ? ? 1_555 A C 29 N4 ? ? B G 6174 B C 6202 1_555 ? ? ? ? ? ? WATSON-CRICK  ? ? ? 
hydrog4  hydrog ? ? A G 2  N1 ? ? ? 1_555 A C 28 N3 ? ? B G 6175 B C 6201 1_555 ? ? ? ? ? ? WATSON-CRICK  ? ? ? 
hydrog5  hydrog ? ? A G 2  N2 ? ? ? 1_555 A C 28 O2 ? ? B G 6175 B C 6201 1_555 ? ? ? ? ? ? WATSON-CRICK  ? ? ? 
hydrog6  hydrog ? ? A G 2  O6 ? ? ? 1_555 A C 28 N4 ? ? B G 6175 B C 6201 1_555 ? ? ? ? ? ? WATSON-CRICK  ? ? ? 
hydrog7  hydrog ? ? A U 3  N3 ? ? ? 1_555 A A 27 N1 ? ? B U 6176 B A 6200 1_555 ? ? ? ? ? ? WATSON-CRICK  ? ? ? 
hydrog8  hydrog ? ? A U 3  O4 ? ? ? 1_555 A A 27 N6 ? ? B U 6176 B A 6200 1_555 ? ? ? ? ? ? WATSON-CRICK  ? ? ? 
hydrog9  hydrog ? ? A U 4  O2 ? ? ? 1_555 A G 26 N2 ? ? B U 6177 B G 6199 1_555 ? ? ? ? ? ? 'U-G MISPAIR' ? ? ? 
hydrog10 hydrog ? ? A A 5  N1 ? ? ? 1_555 A U 25 N3 ? ? B A 6178 B U 6198 1_555 ? ? ? ? ? ? WATSON-CRICK  ? ? ? 
hydrog11 hydrog ? ? A A 5  N6 ? ? ? 1_555 A U 25 O4 ? ? B A 6178 B U 6198 1_555 ? ? ? ? ? ? WATSON-CRICK  ? ? ? 
hydrog12 hydrog ? ? A U 6  N3 ? ? ? 1_555 A A 24 N1 ? ? B U 6179 B A 6197 1_555 ? ? ? ? ? ? WATSON-CRICK  ? ? ? 
hydrog13 hydrog ? ? A U 6  O4 ? ? ? 1_555 A A 24 N6 ? ? B U 6179 B A 6197 1_555 ? ? ? ? ? ? WATSON-CRICK  ? ? ? 
hydrog14 hydrog ? ? A U 7  N3 ? ? ? 1_555 A A 23 N1 ? ? B U 6180 B A 6196 1_555 ? ? ? ? ? ? WATSON-CRICK  ? ? ? 
hydrog15 hydrog ? ? A U 7  O4 ? ? ? 1_555 A A 23 N6 ? ? B U 6180 B A 6196 1_555 ? ? ? ? ? ? WATSON-CRICK  ? ? ? 
hydrog16 hydrog ? ? A C 8  N3 ? ? ? 1_555 A G 22 N1 ? ? B C 6181 B G 6195 1_555 ? ? ? ? ? ? WATSON-CRICK  ? ? ? 
hydrog17 hydrog ? ? A C 8  N4 ? ? ? 1_555 A G 22 O6 ? ? B C 6181 B G 6195 1_555 ? ? ? ? ? ? WATSON-CRICK  ? ? ? 
hydrog18 hydrog ? ? A C 8  O2 ? ? ? 1_555 A G 22 N2 ? ? B C 6181 B G 6195 1_555 ? ? ? ? ? ? WATSON-CRICK  ? ? ? 
hydrog19 hydrog ? ? A G 10 N1 ? ? ? 1_555 A C 21 N3 ? ? B G 6183 B C 6194 1_555 ? ? ? ? ? ? WATSON-CRICK  ? ? ? 
hydrog20 hydrog ? ? A G 10 N2 ? ? ? 1_555 A C 21 O2 ? ? B G 6183 B C 6194 1_555 ? ? ? ? ? ? WATSON-CRICK  ? ? ? 
hydrog21 hydrog ? ? A G 10 O6 ? ? ? 1_555 A C 21 N4 ? ? B G 6183 B C 6194 1_555 ? ? ? ? ? ? WATSON-CRICK  ? ? ? 
hydrog22 hydrog ? ? A A 11 N1 ? ? ? 1_555 A U 20 N3 ? ? B A 6184 B U 6193 1_555 ? ? ? ? ? ? WATSON-CRICK  ? ? ? 
hydrog23 hydrog ? ? A A 11 N6 ? ? ? 1_555 A U 20 O4 ? ? B A 6184 B U 6193 1_555 ? ? ? ? ? ? WATSON-CRICK  ? ? ? 
hydrog24 hydrog ? ? A A 14 N1 ? ? ? 1_555 B U 14 N3 ? ? B A 6187 C U 6216 1_555 ? ? ? ? ? ? WATSON-CRICK  ? ? ? 
hydrog25 hydrog ? ? A A 14 N6 ? ? ? 1_555 B U 14 O4 ? ? B A 6187 C U 6216 1_555 ? ? ? ? ? ? WATSON-CRICK  ? ? ? 
hydrog26 hydrog ? ? A G 15 N1 ? ? ? 1_555 B C 13 N3 ? ? B G 6188 C C 6215 1_555 ? ? ? ? ? ? WATSON-CRICK  ? ? ? 
hydrog27 hydrog ? ? A G 15 N2 ? ? ? 1_555 B C 13 O2 ? ? B G 6188 C C 6215 1_555 ? ? ? ? ? ? WATSON-CRICK  ? ? ? 
hydrog28 hydrog ? ? A G 15 O6 ? ? ? 1_555 B C 13 N4 ? ? B G 6188 C C 6215 1_555 ? ? ? ? ? ? WATSON-CRICK  ? ? ? 
hydrog29 hydrog ? ? A G 16 N1 ? ? ? 1_555 B C 12 N3 ? ? B G 6189 C C 6214 1_555 ? ? ? ? ? ? WATSON-CRICK  ? ? ? 
hydrog30 hydrog ? ? A G 16 N2 ? ? ? 1_555 B C 12 O2 ? ? B G 6189 C C 6214 1_555 ? ? ? ? ? ? WATSON-CRICK  ? ? ? 
hydrog31 hydrog ? ? A G 16 O6 ? ? ? 1_555 B C 12 N4 ? ? B G 6189 C C 6214 1_555 ? ? ? ? ? ? WATSON-CRICK  ? ? ? 
hydrog32 hydrog ? ? A U 17 N3 ? ? ? 1_555 B A 11 N1 ? ? B U 6190 C A 6213 1_555 ? ? ? ? ? ? WATSON-CRICK  ? ? ? 
hydrog33 hydrog ? ? A U 17 O4 ? ? ? 1_555 B A 11 N6 ? ? B U 6190 C A 6213 1_555 ? ? ? ? ? ? WATSON-CRICK  ? ? ? 
hydrog34 hydrog ? ? A A 18 N1 ? ? ? 1_555 B U 10 N3 ? ? B A 6191 C U 6212 1_555 ? ? ? ? ? ? WATSON-CRICK  ? ? ? 
hydrog35 hydrog ? ? A A 18 N6 ? ? ? 1_555 B U 10 O4 ? ? B A 6191 C U 6212 1_555 ? ? ? ? ? ? WATSON-CRICK  ? ? ? 
hydrog36 hydrog ? ? A G 19 N2 ? ? ? 1_555 B A 7  N3 ? ? B G 6192 C A 6209 1_555 ? ? ? ? ? ? 'G-A MISPAIR' ? ? ? 
# 
_struct_conn_type.id          hydrog 
_struct_conn_type.criteria    ? 
_struct_conn_type.reference   ? 
# 
loop_
_struct_site.id 
_struct_site.pdbx_evidence_code 
_struct_site.pdbx_auth_asym_id 
_struct_site.pdbx_auth_comp_id 
_struct_site.pdbx_auth_seq_id 
_struct_site.pdbx_auth_ins_code 
_struct_site.pdbx_num_residues 
_struct_site.details 
AC1 Software B SE4 100 ? 2 'BINDING SITE FOR RESIDUE SE4 B 100' 
AC2 Software C SE4 101 ? 1 'BINDING SITE FOR RESIDUE SE4 C 101' 
AC3 Software C SE4 102 ? 2 'BINDING SITE FOR RESIDUE SE4 C 102' 
AC4 Software B SE4 103 ? 2 'BINDING SITE FOR RESIDUE SE4 B 103' 
# 
loop_
_struct_site_gen.id 
_struct_site_gen.site_id 
_struct_site_gen.pdbx_num_res 
_struct_site_gen.label_comp_id 
_struct_site_gen.label_asym_id 
_struct_site_gen.label_seq_id 
_struct_site_gen.pdbx_auth_ins_code 
_struct_site_gen.auth_comp_id 
_struct_site_gen.auth_asym_id 
_struct_site_gen.auth_seq_id 
_struct_site_gen.label_atom_id 
_struct_site_gen.label_alt_id 
_struct_site_gen.symmetry 
_struct_site_gen.details 
1 AC1 2 G A 22 ? G B 6195 . ? 1_555 ? 
2 AC1 2 A A 23 ? A B 6196 . ? 1_555 ? 
3 AC2 1 C B 13 ? C C 6215 . ? 1_555 ? 
4 AC3 2 G B 4  ? G C 6206 . ? 1_555 ? 
5 AC3 2 A B 5  ? A C 6207 . ? 1_555 ? 
6 AC4 2 C A 28 ? C B 6201 . ? 1_555 ? 
7 AC4 2 C A 29 ? C B 6202 . ? 1_555 ? 
# 
_atom_sites.entry_id                    3MJA 
_atom_sites.fract_transf_matrix[1][1]   0.01222934 
_atom_sites.fract_transf_matrix[1][2]   -0.01078484 
_atom_sites.fract_transf_matrix[1][3]   0.00435859 
_atom_sites.fract_transf_matrix[2][1]   -0.01146724 
_atom_sites.fract_transf_matrix[2][2]   -0.01011599 
_atom_sites.fract_transf_matrix[2][3]   0.00714394 
_atom_sites.fract_transf_matrix[3][1]   -0.00115951 
_atom_sites.fract_transf_matrix[3][2]   -0.00483253 
_atom_sites.fract_transf_matrix[3][3]   -0.00870418 
_atom_sites.fract_transf_vector[1]      0.037579 
_atom_sites.fract_transf_vector[2]      -0.311032 
_atom_sites.fract_transf_vector[3]      0.146677 
# 
loop_
_atom_type.symbol 
C  
N  
O  
P  
SE 
# 
loop_
_atom_site.group_PDB 
_atom_site.id 
_atom_site.type_symbol 
_atom_site.label_atom_id 
_atom_site.label_alt_id 
_atom_site.label_comp_id 
_atom_site.label_asym_id 
_atom_site.label_entity_id 
_atom_site.label_seq_id 
_atom_site.pdbx_PDB_ins_code 
_atom_site.Cartn_x 
_atom_site.Cartn_y 
_atom_site.Cartn_z 
_atom_site.occupancy 
_atom_site.B_iso_or_equiv 
_atom_site.pdbx_formal_charge 
_atom_site.auth_seq_id 
_atom_site.auth_comp_id 
_atom_site.auth_asym_id 
_atom_site.auth_atom_id 
_atom_site.pdbx_PDB_model_num 
ATOM   1   O  OP3   . G   A 1 1  ? 19.649  2.173   -6.810  1.00 109.28 ? 6174 G   B OP3   1 
ATOM   2   P  P     . G   A 1 1  ? 18.939  3.525   -6.881  1.00 109.40 ? 6174 G   B P     1 
ATOM   3   O  OP1   . G   A 1 1  ? 17.833  3.656   -5.831  1.00 109.06 ? 6174 G   B OP1   1 
ATOM   4   O  OP2   . G   A 1 1  ? 19.906  4.712   -6.882  1.00 108.84 ? 6174 G   B OP2   1 
ATOM   5   O  "O5'" . G   A 1 1  ? 18.198  3.552   -8.337  1.00 103.56 ? 6174 G   B "O5'" 1 
ATOM   6   C  "C5'" . G   A 1 1  ? 17.822  4.797   -8.944  1.00 94.93  ? 6174 G   B "C5'" 1 
ATOM   7   C  "C4'" . G   A 1 1  ? 17.328  4.557   -10.342 1.00 89.53  ? 6174 G   B "C4'" 1 
ATOM   8   O  "O4'" . G   A 1 1  ? 18.341  3.841   -11.092 1.00 86.32  ? 6174 G   B "O4'" 1 
ATOM   9   C  "C3'" . G   A 1 1  ? 16.114  3.656   -10.443 1.00 88.13  ? 6174 G   B "C3'" 1 
ATOM   10  O  "O3'" . G   A 1 1  ? 14.920  4.381   -10.190 1.00 88.35  ? 6174 G   B "O3'" 1 
ATOM   11  C  "C2'" . G   A 1 1  ? 16.203  3.175   -11.884 1.00 86.19  ? 6174 G   B "C2'" 1 
ATOM   12  O  "O2'" . G   A 1 1  ? 15.697  4.109   -12.816 1.00 85.78  ? 6174 G   B "O2'" 1 
ATOM   13  C  "C1'" . G   A 1 1  ? 17.715  3.000   -12.046 1.00 84.39  ? 6174 G   B "C1'" 1 
ATOM   14  N  N9    . G   A 1 1  ? 18.111  1.626   -11.769 1.00 80.83  ? 6174 G   B N9    1 
ATOM   15  C  C8    . G   A 1 1  ? 18.807  1.159   -10.680 1.00 79.32  ? 6174 G   B C8    1 
ATOM   16  N  N7    . G   A 1 1  ? 18.959  -0.138  -10.691 1.00 77.92  ? 6174 G   B N7    1 
ATOM   17  C  C5    . G   A 1 1  ? 18.337  -0.548  -11.864 1.00 77.34  ? 6174 G   B C5    1 
ATOM   18  C  C6    . G   A 1 1  ? 18.168  -1.845  -12.415 1.00 76.46  ? 6174 G   B C6    1 
ATOM   19  O  O6    . G   A 1 1  ? 18.561  -2.926  -11.968 1.00 75.16  ? 6174 G   B O6    1 
ATOM   20  N  N1    . G   A 1 1  ? 17.460  -1.805  -13.612 1.00 75.76  ? 6174 G   B N1    1 
ATOM   21  C  C2    . G   A 1 1  ? 16.981  -0.664  -14.207 1.00 75.69  ? 6174 G   B C2    1 
ATOM   22  N  N2    . G   A 1 1  ? 16.301  -0.827  -15.345 1.00 75.32  ? 6174 G   B N2    1 
ATOM   23  N  N3    . G   A 1 1  ? 17.148  0.549   -13.714 1.00 76.54  ? 6174 G   B N3    1 
ATOM   24  C  C4    . G   A 1 1  ? 17.822  0.532   -12.546 1.00 78.40  ? 6174 G   B C4    1 
ATOM   25  P  P     . G   A 1 2  ? 13.697  3.658   -9.443  1.00 87.96  ? 6175 G   B P     1 
ATOM   26  O  OP1   . G   A 1 2  ? 12.822  4.752   -8.952  1.00 89.57  ? 6175 G   B OP1   1 
ATOM   27  O  OP2   . G   A 1 2  ? 14.244  2.671   -8.475  1.00 87.85  ? 6175 G   B OP2   1 
ATOM   28  O  "O5'" . G   A 1 2  ? 12.943  2.882   -10.616 1.00 85.40  ? 6175 G   B "O5'" 1 
ATOM   29  C  "C5'" . G   A 1 2  ? 12.432  3.590   -11.741 1.00 83.29  ? 6175 G   B "C5'" 1 
ATOM   30  C  "C4'" . G   A 1 2  ? 11.951  2.626   -12.800 1.00 82.26  ? 6175 G   B "C4'" 1 
ATOM   31  O  "O4'" . G   A 1 2  ? 13.078  1.901   -13.360 1.00 80.64  ? 6175 G   B "O4'" 1 
ATOM   32  C  "C3'" . G   A 1 2  ? 11.013  1.531   -12.326 1.00 82.32  ? 6175 G   B "C3'" 1 
ATOM   33  O  "O3'" . G   A 1 2  ? 9.674   1.997   -12.248 1.00 85.21  ? 6175 G   B "O3'" 1 
ATOM   34  C  "C2'" . G   A 1 2  ? 11.170  0.490   -13.425 1.00 80.45  ? 6175 G   B "C2'" 1 
ATOM   35  O  "O2'" . G   A 1 2  ? 10.407  0.796   -14.577 1.00 79.62  ? 6175 G   B "O2'" 1 
ATOM   36  C  "C1'" . G   A 1 2  ? 12.672  0.584   -13.709 1.00 78.24  ? 6175 G   B "C1'" 1 
ATOM   37  N  N9    . G   A 1 2  ? 13.446  -0.359  -12.903 1.00 74.38  ? 6175 G   B N9    1 
ATOM   38  C  C8    . G   A 1 2  ? 14.097  -0.096  -11.719 1.00 72.97  ? 6175 G   B C8    1 
ATOM   39  N  N7    . G   A 1 2  ? 14.686  -1.144  -11.212 1.00 71.06  ? 6175 G   B N7    1 
ATOM   40  C  C5    . G   A 1 2  ? 14.415  -2.162  -12.120 1.00 70.41  ? 6175 G   B C5    1 
ATOM   41  C  C6    . G   A 1 2  ? 14.790  -3.534  -12.107 1.00 69.51  ? 6175 G   B C6    1 
ATOM   42  O  O6    . G   A 1 2  ? 15.470  -4.142  -11.274 1.00 68.18  ? 6175 G   B O6    1 
ATOM   43  N  N1    . G   A 1 2  ? 14.289  -4.210  -13.210 1.00 69.08  ? 6175 G   B N1    1 
ATOM   44  C  C2    . G   A 1 2  ? 13.534  -3.646  -14.202 1.00 69.81  ? 6175 G   B C2    1 
ATOM   45  N  N2    . G   A 1 2  ? 13.142  -4.475  -15.174 1.00 70.41  ? 6175 G   B N2    1 
ATOM   46  N  N3    . G   A 1 2  ? 13.185  -2.370  -14.237 1.00 70.14  ? 6175 G   B N3    1 
ATOM   47  C  C4    . G   A 1 2  ? 13.654  -1.693  -13.170 1.00 71.49  ? 6175 G   B C4    1 
ATOM   48  P  P     . U   A 1 3  ? 8.705   1.441   -11.094 1.00 86.76  ? 6176 U   B P     1 
ATOM   49  O  OP1   . U   A 1 3  ? 7.555   2.379   -11.075 1.00 87.18  ? 6176 U   B OP1   1 
ATOM   50  O  OP2   . U   A 1 3  ? 9.498   1.226   -9.854  1.00 86.30  ? 6176 U   B OP2   1 
ATOM   51  O  "O5'" . U   A 1 3  ? 8.228   0.017   -11.635 1.00 85.79  ? 6176 U   B "O5'" 1 
ATOM   52  C  "C5'" . U   A 1 3  ? 7.565   -0.104  -12.892 1.00 86.23  ? 6176 U   B "C5'" 1 
ATOM   53  C  "C4'" . U   A 1 3  ? 7.535   -1.549  -13.340 1.00 86.41  ? 6176 U   B "C4'" 1 
ATOM   54  O  "O4'" . U   A 1 3  ? 8.894   -2.007  -13.599 1.00 86.22  ? 6176 U   B "O4'" 1 
ATOM   55  C  "C3'" . U   A 1 3  ? 7.010   -2.567  -12.337 1.00 87.23  ? 6176 U   B "C3'" 1 
ATOM   56  O  "O3'" . U   A 1 3  ? 5.585   -2.605  -12.265 1.00 88.47  ? 6176 U   B "O3'" 1 
ATOM   57  C  "C2'" . U   A 1 3  ? 7.600   -3.859  -12.888 1.00 86.13  ? 6176 U   B "C2'" 1 
ATOM   58  O  "O2'" . U   A 1 3  ? 6.919   -4.318  -14.041 1.00 85.39  ? 6176 U   B "O2'" 1 
ATOM   59  C  "C1'" . U   A 1 3  ? 9.005   -3.390  -13.277 1.00 85.29  ? 6176 U   B "C1'" 1 
ATOM   60  N  N1    . U   A 1 3  ? 9.986   -3.539  -12.185 1.00 84.11  ? 6176 U   B N1    1 
ATOM   61  C  C2    . U   A 1 3  ? 10.566  -4.792  -11.979 1.00 83.40  ? 6176 U   B C2    1 
ATOM   62  O  O2    . U   A 1 3  ? 10.314  -5.771  -12.664 1.00 83.89  ? 6176 U   B O2    1 
ATOM   63  N  N3    . U   A 1 3  ? 11.456  -4.853  -10.939 1.00 81.86  ? 6176 U   B N3    1 
ATOM   64  C  C4    . U   A 1 3  ? 11.829  -3.827  -10.104 1.00 82.07  ? 6176 U   B C4    1 
ATOM   65  O  O4    . U   A 1 3  ? 12.654  -4.040  -9.219  1.00 81.73  ? 6176 U   B O4    1 
ATOM   66  C  C5    . U   A 1 3  ? 11.196  -2.573  -10.378 1.00 82.70  ? 6176 U   B C5    1 
ATOM   67  C  C6    . U   A 1 3  ? 10.320  -2.475  -11.383 1.00 83.50  ? 6176 U   B C6    1 
ATOM   68  P  P     . U   A 1 4  ? 4.865   -2.870  -10.841 1.00 89.38  ? 6177 U   B P     1 
ATOM   69  O  OP1   . U   A 1 4  ? 3.448   -2.448  -10.993 1.00 89.73  ? 6177 U   B OP1   1 
ATOM   70  O  OP2   . U   A 1 4  ? 5.692   -2.281  -9.754  1.00 89.14  ? 6177 U   B OP2   1 
ATOM   71  O  "O5'" . U   A 1 4  ? 4.904   -4.453  -10.665 1.00 87.60  ? 6177 U   B "O5'" 1 
ATOM   72  C  "C5'" . U   A 1 4  ? 4.342   -5.312  -11.651 1.00 87.93  ? 6177 U   B "C5'" 1 
ATOM   73  C  "C4'" . U   A 1 4  ? 4.953   -6.691  -11.554 1.00 87.49  ? 6177 U   B "C4'" 1 
ATOM   74  O  "O4'" . U   A 1 4  ? 6.386   -6.600  -11.799 1.00 86.76  ? 6177 U   B "O4'" 1 
ATOM   75  C  "C3'" . U   A 1 4  ? 4.867   -7.369  -10.192 1.00 87.25  ? 6177 U   B "C3'" 1 
ATOM   76  O  "O3'" . U   A 1 4  ? 3.602   -7.986  -9.970  1.00 86.54  ? 6177 U   B "O3'" 1 
ATOM   77  C  "C2'" . U   A 1 4  ? 5.997   -8.388  -10.280 1.00 86.54  ? 6177 U   B "C2'" 1 
ATOM   78  O  "O2'" . U   A 1 4  ? 5.662   -9.552  -11.016 1.00 86.41  ? 6177 U   B "O2'" 1 
ATOM   79  C  "C1'" . U   A 1 4  ? 7.063   -7.580  -11.023 1.00 85.72  ? 6177 U   B "C1'" 1 
ATOM   80  N  N1    . U   A 1 4  ? 7.975   -6.899  -10.093 1.00 83.78  ? 6177 U   B N1    1 
ATOM   81  C  C2    . U   A 1 4  ? 8.921   -7.677  -9.455  1.00 83.22  ? 6177 U   B C2    1 
ATOM   82  O  O2    . U   A 1 4  ? 9.035   -8.872  -9.654  1.00 83.22  ? 6177 U   B O2    1 
ATOM   83  N  N3    . U   A 1 4  ? 9.728   -7.006  -8.575  1.00 82.39  ? 6177 U   B N3    1 
ATOM   84  C  C4    . U   A 1 4  ? 9.690   -5.666  -8.279  1.00 82.21  ? 6177 U   B C4    1 
ATOM   85  O  O4    . U   A 1 4  ? 10.464  -5.218  -7.436  1.00 81.12  ? 6177 U   B O4    1 
ATOM   86  C  C5    . U   A 1 4  ? 8.695   -4.921  -8.992  1.00 82.16  ? 6177 U   B C5    1 
ATOM   87  C  C6    . U   A 1 4  ? 7.892   -5.549  -9.854  1.00 83.05  ? 6177 U   B C6    1 
ATOM   88  P  P     . A   A 1 5  ? 2.900   -7.866  -8.527  1.00 85.96  ? 6178 A   B P     1 
ATOM   89  O  OP1   . A   A 1 5  ? 1.447   -8.060  -8.767  1.00 86.45  ? 6178 A   B OP1   1 
ATOM   90  O  OP2   . A   A 1 5  ? 3.371   -6.620  -7.867  1.00 85.63  ? 6178 A   B OP2   1 
ATOM   91  O  "O5'" . A   A 1 5  ? 3.476   -9.098  -7.693  1.00 82.47  ? 6178 A   B "O5'" 1 
ATOM   92  C  "C5'" . A   A 1 5  ? 3.301   -10.437 -8.143  1.00 78.88  ? 6178 A   B "C5'" 1 
ATOM   93  C  "C4'" . A   A 1 5  ? 4.349   -11.331 -7.527  1.00 75.92  ? 6178 A   B "C4'" 1 
ATOM   94  O  "O4'" . A   A 1 5  ? 5.651   -10.932 -8.019  1.00 74.74  ? 6178 A   B "O4'" 1 
ATOM   95  C  "C3'" . A   A 1 5  ? 4.467   -11.245 -6.011  1.00 75.61  ? 6178 A   B "C3'" 1 
ATOM   96  O  "O3'" . A   A 1 5  ? 3.549   -12.127 -5.378  1.00 73.47  ? 6178 A   B "O3'" 1 
ATOM   97  C  "C2'" . A   A 1 5  ? 5.912   -11.669 -5.767  1.00 74.51  ? 6178 A   B "C2'" 1 
ATOM   98  O  "O2'" . A   A 1 5  ? 6.109   -13.067 -5.741  1.00 73.47  ? 6178 A   B "O2'" 1 
ATOM   99  C  "C1'" . A   A 1 5  ? 6.612   -11.068 -6.984  1.00 74.28  ? 6178 A   B "C1'" 1 
ATOM   100 N  N9    . A   A 1 5  ? 7.162   -9.749  -6.697  1.00 73.04  ? 6178 A   B N9    1 
ATOM   101 C  C8    . A   A 1 5  ? 6.730   -8.524  -7.146  1.00 73.23  ? 6178 A   B C8    1 
ATOM   102 N  N7    . A   A 1 5  ? 7.450   -7.517  -6.711  1.00 72.56  ? 6178 A   B N7    1 
ATOM   103 C  C5    . A   A 1 5  ? 8.418   -8.122  -5.920  1.00 72.20  ? 6178 A   B C5    1 
ATOM   104 C  C6    . A   A 1 5  ? 9.490   -7.602  -5.179  1.00 72.33  ? 6178 A   B C6    1 
ATOM   105 N  N6    . A   A 1 5  ? 9.769   -6.298  -5.112  1.00 72.46  ? 6178 A   B N6    1 
ATOM   106 N  N1    . A   A 1 5  ? 10.277  -8.478  -4.503  1.00 70.98  ? 6178 A   B N1    1 
ATOM   107 C  C2    . A   A 1 5  ? 9.989   -9.786  -4.578  1.00 71.13  ? 6178 A   B C2    1 
ATOM   108 N  N3    . A   A 1 5  ? 9.005   -10.395 -5.241  1.00 71.06  ? 6178 A   B N3    1 
ATOM   109 C  C4    . A   A 1 5  ? 8.250   -9.495  -5.899  1.00 72.28  ? 6178 A   B C4    1 
ATOM   110 P  P     . U   A 1 6  ? 2.862   -11.706 -3.989  1.00 70.40  ? 6179 U   B P     1 
ATOM   111 O  OP1   . U   A 1 6  ? 1.696   -12.603 -3.806  1.00 72.00  ? 6179 U   B OP1   1 
ATOM   112 O  OP2   . U   A 1 6  ? 2.663   -10.234 -4.025  1.00 71.46  ? 6179 U   B OP2   1 
ATOM   113 O  "O5'" . U   A 1 6  ? 3.923   -12.112 -2.873  1.00 67.12  ? 6179 U   B "O5'" 1 
ATOM   114 C  "C5'" . U   A 1 6  ? 4.196   -13.484 -2.619  1.00 65.04  ? 6179 U   B "C5'" 1 
ATOM   115 C  "C4'" . U   A 1 6  ? 5.508   -13.635 -1.897  1.00 63.67  ? 6179 U   B "C4'" 1 
ATOM   116 O  "O4'" . U   A 1 6  ? 6.532   -12.928 -2.639  1.00 63.11  ? 6179 U   B "O4'" 1 
ATOM   117 C  "C3'" . U   A 1 6  ? 5.567   -12.993 -0.527  1.00 64.09  ? 6179 U   B "C3'" 1 
ATOM   118 O  "O3'" . U   A 1 6  ? 5.024   -13.858 0.453   1.00 67.50  ? 6179 U   B "O3'" 1 
ATOM   119 C  "C2'" . U   A 1 6  ? 7.061   -12.787 -0.331  1.00 61.90  ? 6179 U   B "C2'" 1 
ATOM   120 O  "O2'" . U   A 1 6  ? 7.745   -13.959 0.062   1.00 60.20  ? 6179 U   B "O2'" 1 
ATOM   121 C  "C1'" . U   A 1 6  ? 7.485   -12.385 -1.740  1.00 60.57  ? 6179 U   B "C1'" 1 
ATOM   122 N  N1    . U   A 1 6  ? 7.511   -10.929 -1.921  1.00 58.29  ? 6179 U   B N1    1 
ATOM   123 C  C2    . U   A 1 6  ? 8.520   -10.239 -1.290  1.00 57.59  ? 6179 U   B C2    1 
ATOM   124 O  O2    . U   A 1 6  ? 9.346   -10.785 -0.583  1.00 56.97  ? 6179 U   B O2    1 
ATOM   125 N  N3    . U   A 1 6  ? 8.525   -8.883  -1.512  1.00 56.65  ? 6179 U   B N3    1 
ATOM   126 C  C4    . U   A 1 6  ? 7.631   -8.164  -2.280  1.00 57.15  ? 6179 U   B C4    1 
ATOM   127 O  O4    . U   A 1 6  ? 7.799   -6.951  -2.421  1.00 57.17  ? 6179 U   B O4    1 
ATOM   128 C  C5    . U   A 1 6  ? 6.595   -8.952  -2.891  1.00 57.27  ? 6179 U   B C5    1 
ATOM   129 C  C6    . U   A 1 6  ? 6.573   -10.278 -2.696  1.00 57.48  ? 6179 U   B C6    1 
ATOM   130 P  P     . U   A 1 7  ? 4.079   -13.253 1.593   1.00 68.44  ? 6180 U   B P     1 
ATOM   131 O  OP1   . U   A 1 7  ? 3.289   -14.367 2.178   1.00 70.23  ? 6180 U   B OP1   1 
ATOM   132 O  OP2   . U   A 1 7  ? 3.386   -12.103 0.952   1.00 68.43  ? 6180 U   B OP2   1 
ATOM   133 O  "O5'" . U   A 1 7  ? 5.095   -12.739 2.706   1.00 67.07  ? 6180 U   B "O5'" 1 
ATOM   134 C  "C5'" . U   A 1 7  ? 6.176   -13.563 3.136   1.00 67.60  ? 6180 U   B "C5'" 1 
ATOM   135 C  "C4'" . U   A 1 7  ? 7.305   -12.705 3.647   1.00 66.99  ? 6180 U   B "C4'" 1 
ATOM   136 O  "O4'" . U   A 1 7  ? 7.726   -11.800 2.597   1.00 66.45  ? 6180 U   B "O4'" 1 
ATOM   137 C  "C3'" . U   A 1 7  ? 6.915   -11.769 4.770   1.00 67.46  ? 6180 U   B "C3'" 1 
ATOM   138 O  "O3'" . U   A 1 7  ? 6.984   -12.460 6.007   1.00 69.47  ? 6180 U   B "O3'" 1 
ATOM   139 C  "C2'" . U   A 1 7  ? 7.968   -10.667 4.674   1.00 65.94  ? 6180 U   B "C2'" 1 
ATOM   140 O  "O2'" . U   A 1 7  ? 9.180   -11.017 5.300   1.00 66.29  ? 6180 U   B "O2'" 1 
ATOM   141 C  "C1'" . U   A 1 7  ? 8.208   -10.599 3.170   1.00 63.81  ? 6180 U   B "C1'" 1 
ATOM   142 N  N1    . U   A 1 7  ? 7.585   -9.469  2.469   1.00 61.78  ? 6180 U   B N1    1 
ATOM   143 C  C2    . U   A 1 7  ? 8.196   -8.221  2.576   1.00 61.05  ? 6180 U   B C2    1 
ATOM   144 O  O2    . U   A 1 7  ? 9.155   -8.005  3.308   1.00 61.23  ? 6180 U   B O2    1 
ATOM   145 N  N3    . U   A 1 7  ? 7.630   -7.236  1.802   1.00 59.47  ? 6180 U   B N3    1 
ATOM   146 C  C4    . U   A 1 7  ? 6.530   -7.362  0.977   1.00 59.75  ? 6180 U   B C4    1 
ATOM   147 O  O4    . U   A 1 7  ? 6.234   -6.435  0.224   1.00 59.64  ? 6180 U   B O4    1 
ATOM   148 C  C5    . U   A 1 7  ? 5.923   -8.663  0.979   1.00 60.68  ? 6180 U   B C5    1 
ATOM   149 C  C6    . U   A 1 7  ? 6.460   -9.647  1.705   1.00 60.14  ? 6180 U   B C6    1 
ATOM   150 P  P     . C   A 1 8  ? 5.812   -12.265 7.082   1.00 69.87  ? 6181 C   B P     1 
ATOM   151 O  OP1   . C   A 1 8  ? 6.452   -12.256 8.431   1.00 68.42  ? 6181 C   B OP1   1 
ATOM   152 O  OP2   . C   A 1 8  ? 4.709   -13.222 6.787   1.00 71.00  ? 6181 C   B OP2   1 
ATOM   153 O  "O5'" . C   A 1 8  ? 5.286   -10.801 6.780   1.00 66.69  ? 6181 C   B "O5'" 1 
ATOM   154 C  "C5'" . C   A 1 8  ? 5.131   -9.886  7.847   1.00 65.56  ? 6181 C   B "C5'" 1 
ATOM   155 C  "C4'" . C   A 1 8  ? 6.471   -9.299  8.241   1.00 62.73  ? 6181 C   B "C4'" 1 
ATOM   156 O  "O4'" . C   A 1 8  ? 7.036   -8.596  7.112   1.00 61.33  ? 6181 C   B "O4'" 1 
ATOM   157 C  "C3'" . C   A 1 8  ? 6.304   -8.273  9.339   1.00 61.51  ? 6181 C   B "C3'" 1 
ATOM   158 O  "O3'" . C   A 1 8  ? 7.253   -8.413  10.387  1.00 62.55  ? 6181 C   B "O3'" 1 
ATOM   159 C  "C2'" . C   A 1 8  ? 6.259   -6.923  8.646   1.00 59.98  ? 6181 C   B "C2'" 1 
ATOM   160 O  "O2'" . C   A 1 8  ? 7.058   -6.031  9.385   1.00 66.52  ? 6181 C   B "O2'" 1 
ATOM   161 C  "C1'" . C   A 1 8  ? 6.973   -7.204  7.318   1.00 57.39  ? 6181 C   B "C1'" 1 
ATOM   162 N  N1    . C   A 1 8  ? 6.397   -6.582  6.111   1.00 51.48  ? 6181 C   B N1    1 
ATOM   163 C  C2    . C   A 1 8  ? 6.836   -5.309  5.734   1.00 50.00  ? 6181 C   B C2    1 
ATOM   164 O  O2    . C   A 1 8  ? 7.691   -4.741  6.430   1.00 49.64  ? 6181 C   B O2    1 
ATOM   165 N  N3    . C   A 1 8  ? 6.322   -4.732  4.622   1.00 47.07  ? 6181 C   B N3    1 
ATOM   166 C  C4    . C   A 1 8  ? 5.405   -5.381  3.902   1.00 47.43  ? 6181 C   B C4    1 
ATOM   167 N  N4    . C   A 1 8  ? 4.911   -4.775  2.826   1.00 45.53  ? 6181 C   B N4    1 
ATOM   168 C  C5    . C   A 1 8  ? 4.946   -6.681  4.258   1.00 46.70  ? 6181 C   B C5    1 
ATOM   169 C  C6    . C   A 1 8  ? 5.460   -7.236  5.363   1.00 49.13  ? 6181 C   B C6    1 
ATOM   170 P  P     . A   A 1 9  ? 6.777   -8.443  11.920  1.00 63.34  ? 6182 A   B P     1 
ATOM   171 O  OP1   . A   A 1 9  ? 7.785   -7.718  12.739  1.00 63.46  ? 6182 A   B OP1   1 
ATOM   172 O  OP2   . A   A 1 9  ? 6.442   -9.858  12.244  1.00 64.47  ? 6182 A   B OP2   1 
ATOM   173 O  "O5'" . A   A 1 9  ? 5.431   -7.602  11.940  1.00 62.63  ? 6182 A   B "O5'" 1 
ATOM   174 C  "C5'" . A   A 1 9  ? 4.184   -8.223  11.674  1.00 60.93  ? 6182 A   B "C5'" 1 
ATOM   175 C  "C4'" . A   A 1 9  ? 3.293   -8.121  12.883  1.00 59.61  ? 6182 A   B "C4'" 1 
ATOM   176 O  "O4'" . A   A 1 9  ? 3.771   -8.998  13.931  1.00 60.75  ? 6182 A   B "O4'" 1 
ATOM   177 C  "C3'" . A   A 1 9  ? 3.275   -6.781  13.587  1.00 58.15  ? 6182 A   B "C3'" 1 
ATOM   178 O  "O3'" . A   A 1 9  ? 2.508   -5.830  12.864  1.00 56.41  ? 6182 A   B "O3'" 1 
ATOM   179 C  "C2'" . A   A 1 9  ? 2.658   -7.158  14.929  1.00 56.74  ? 6182 A   B "C2'" 1 
ATOM   180 O  "O2'" . A   A 1 9  ? 1.266   -7.342  14.860  1.00 57.11  ? 6182 A   B "O2'" 1 
ATOM   181 C  "C1'" . A   A 1 9  ? 3.294   -8.524  15.178  1.00 57.57  ? 6182 A   B "C1'" 1 
ATOM   182 N  N9    . A   A 1 9  ? 4.399   -8.479  16.127  1.00 57.90  ? 6182 A   B N9    1 
ATOM   183 C  C8    . A   A 1 9  ? 5.718   -8.822  15.953  1.00 57.29  ? 6182 A   B C8    1 
ATOM   184 N  N7    . A   A 1 9  ? 6.452   -8.660  17.033  1.00 58.72  ? 6182 A   B N7    1 
ATOM   185 C  C5    . A   A 1 9  ? 5.551   -8.181  17.978  1.00 58.43  ? 6182 A   B C5    1 
ATOM   186 C  C6    . A   A 1 9  ? 5.694   -7.822  19.328  1.00 58.32  ? 6182 A   B C6    1 
ATOM   187 N  N6    . A   A 1 9  ? 6.842   -7.899  19.993  1.00 59.99  ? 6182 A   B N6    1 
ATOM   188 N  N1    . A   A 1 9  ? 4.599   -7.380  19.983  1.00 57.85  ? 6182 A   B N1    1 
ATOM   189 C  C2    . A   A 1 9  ? 3.439   -7.317  19.319  1.00 57.60  ? 6182 A   B C2    1 
ATOM   190 N  N3    . A   A 1 9  ? 3.175   -7.632  18.053  1.00 57.98  ? 6182 A   B N3    1 
ATOM   191 C  C4    . A   A 1 9  ? 4.287   -8.062  17.431  1.00 57.92  ? 6182 A   B C4    1 
ATOM   192 P  P     . G   A 1 10 ? 2.938   -4.284  12.892  1.00 53.86  ? 6183 G   B P     1 
ATOM   193 O  OP1   . G   A 1 10 ? 2.723   -3.848  14.294  1.00 55.94  ? 6183 G   B OP1   1 
ATOM   194 O  OP2   . G   A 1 10 ? 2.286   -3.538  11.772  1.00 54.74  ? 6183 G   B OP2   1 
ATOM   195 O  "O5'" . G   A 1 10 ? 4.502   -4.303  12.606  1.00 51.30  ? 6183 G   B "O5'" 1 
ATOM   196 C  "C5'" . G   A 1 10 ? 4.996   -4.365  11.274  1.00 45.69  ? 6183 G   B "C5'" 1 
ATOM   197 C  "C4'" . G   A 1 10 ? 5.988   -3.253  11.032  1.00 42.28  ? 6183 G   B "C4'" 1 
ATOM   198 O  "O4'" . G   A 1 10 ? 6.598   -3.448  9.734   1.00 39.86  ? 6183 G   B "O4'" 1 
ATOM   199 C  "C3'" . G   A 1 10 ? 5.372   -1.865  10.980  1.00 42.85  ? 6183 G   B "C3'" 1 
ATOM   200 O  "O3'" . G   A 1 10 ? 5.326   -1.272  12.275  1.00 41.73  ? 6183 G   B "O3'" 1 
ATOM   201 C  "C2'" . G   A 1 10 ? 6.309   -1.133  10.029  1.00 41.65  ? 6183 G   B "C2'" 1 
ATOM   202 O  "O2'" . G   A 1 10 ? 7.513   -0.775  10.674  1.00 44.95  ? 6183 G   B "O2'" 1 
ATOM   203 C  "C1'" . G   A 1 10 ? 6.600   -2.233  9.011   1.00 38.97  ? 6183 G   B "C1'" 1 
ATOM   204 N  N9    . G   A 1 10 ? 5.600   -2.375  7.961   1.00 37.66  ? 6183 G   B N9    1 
ATOM   205 C  C8    . G   A 1 10 ? 4.864   -3.505  7.698   1.00 36.42  ? 6183 G   B C8    1 
ATOM   206 N  N7    . G   A 1 10 ? 4.071   -3.370  6.672   1.00 38.03  ? 6183 G   B N7    1 
ATOM   207 C  C5    . G   A 1 10 ? 4.291   -2.069  6.234   1.00 36.73  ? 6183 G   B C5    1 
ATOM   208 C  C6    . G   A 1 10 ? 3.726   -1.351  5.132   1.00 38.00  ? 6183 G   B C6    1 
ATOM   209 O  O6    . G   A 1 10 ? 2.898   -1.731  4.297   1.00 37.59  ? 6183 G   B O6    1 
ATOM   210 N  N1    . G   A 1 10 ? 4.223   -0.065  5.055   1.00 38.50  ? 6183 G   B N1    1 
ATOM   211 C  C2    . G   A 1 10 ? 5.139   0.476   5.917   1.00 40.77  ? 6183 G   B C2    1 
ATOM   212 N  N2    . G   A 1 10 ? 5.473   1.763   5.678   1.00 41.03  ? 6183 G   B N2    1 
ATOM   213 N  N3    . G   A 1 10 ? 5.685   -0.183  6.940   1.00 38.31  ? 6183 G   B N3    1 
ATOM   214 C  C4    . G   A 1 10 ? 5.220   -1.437  7.031   1.00 37.14  ? 6183 G   B C4    1 
ATOM   215 P  P     . A   A 1 11 ? 4.172   -0.208  12.623  1.00 41.19  ? 6184 A   B P     1 
ATOM   216 O  OP1   . A   A 1 11 ? 4.426   0.286   13.995  1.00 40.73  ? 6184 A   B OP1   1 
ATOM   217 O  OP2   . A   A 1 11 ? 2.842   -0.798  12.295  1.00 45.18  ? 6184 A   B OP2   1 
ATOM   218 O  "O5'" . A   A 1 11 ? 4.420   0.958   11.577  1.00 37.28  ? 6184 A   B "O5'" 1 
ATOM   219 C  "C5'" . A   A 1 11 ? 5.484   1.871   11.744  1.00 37.90  ? 6184 A   B "C5'" 1 
ATOM   220 C  "C4'" . A   A 1 11 ? 5.332   3.003   10.768  1.00 36.65  ? 6184 A   B "C4'" 1 
ATOM   221 O  "O4'" . A   A 1 11 ? 5.247   2.428   9.445   1.00 38.34  ? 6184 A   B "O4'" 1 
ATOM   222 C  "C3'" . A   A 1 11 ? 4.038   3.775   10.908  1.00 37.08  ? 6184 A   B "C3'" 1 
ATOM   223 O  "O3'" . A   A 1 11 ? 4.193   4.834   11.820  1.00 38.80  ? 6184 A   B "O3'" 1 
ATOM   224 C  "C2'" . A   A 1 11 ? 3.834   4.323   9.514   1.00 37.92  ? 6184 A   B "C2'" 1 
ATOM   225 O  "O2'" . A   A 1 11 ? 4.677   5.432   9.304   1.00 40.33  ? 6184 A   B "O2'" 1 
ATOM   226 C  "C1'" . A   A 1 11 ? 4.320   3.153   8.664   1.00 37.58  ? 6184 A   B "C1'" 1 
ATOM   227 N  N9    . A   A 1 11 ? 3.285   2.228   8.210   1.00 36.52  ? 6184 A   B N9    1 
ATOM   228 C  C8    . A   A 1 11 ? 2.953   0.989   8.709   1.00 37.26  ? 6184 A   B C8    1 
ATOM   229 N  N7    . A   A 1 11 ? 2.013   0.379   8.028   1.00 36.79  ? 6184 A   B N7    1 
ATOM   230 C  C5    . A   A 1 11 ? 1.698   1.283   7.021   1.00 37.32  ? 6184 A   B C5    1 
ATOM   231 C  C6    . A   A 1 11 ? 0.790   1.230   5.948   1.00 37.80  ? 6184 A   B C6    1 
ATOM   232 N  N6    . A   A 1 11 ? 0.010   0.177   5.687   1.00 39.09  ? 6184 A   B N6    1 
ATOM   233 N  N1    . A   A 1 11 ? 0.717   2.306   5.135   1.00 37.72  ? 6184 A   B N1    1 
ATOM   234 C  C2    . A   A 1 11 ? 1.520   3.351   5.384   1.00 37.33  ? 6184 A   B C2    1 
ATOM   235 N  N3    . A   A 1 11 ? 2.424   3.512   6.343   1.00 35.84  ? 6184 A   B N3    1 
ATOM   236 C  C4    . A   A 1 11 ? 2.462   2.432   7.137   1.00 37.01  ? 6184 A   B C4    1 
ATOM   237 P  P     . U   A 1 12 ? 2.915   5.360   12.618  1.00 42.52  ? 6185 U   B P     1 
ATOM   238 O  OP1   . U   A 1 12 ? 3.237   6.733   13.093  1.00 41.99  ? 6185 U   B OP1   1 
ATOM   239 O  OP2   . U   A 1 12 ? 2.502   4.322   13.592  1.00 41.44  ? 6185 U   B OP2   1 
ATOM   240 O  "O5'" . U   A 1 12 ? 1.801   5.468   11.484  1.00 40.85  ? 6185 U   B "O5'" 1 
ATOM   241 C  "C5'" . U   A 1 12 ? 1.761   6.596   10.627  1.00 38.32  ? 6185 U   B "C5'" 1 
ATOM   242 C  "C4'" . U   A 1 12 ? 0.546   6.535   9.742   1.00 38.58  ? 6185 U   B "C4'" 1 
ATOM   243 O  "O4'" . U   A 1 12 ? 0.659   5.384   8.872   1.00 39.39  ? 6185 U   B "O4'" 1 
ATOM   244 C  "C3'" . U   A 1 12 ? -0.779  6.315   10.447  1.00 38.29  ? 6185 U   B "C3'" 1 
ATOM   245 O  "O3'" . U   A 1 12 ? -1.340  7.526   10.931  1.00 37.20  ? 6185 U   B "O3'" 1 
ATOM   246 C  "C2'" . U   A 1 12 ? -1.629  5.766   9.324   1.00 37.95  ? 6185 U   B "C2'" 1 
ATOM   247 O  "O2'" . U   A 1 12 ? -1.987  6.825   8.478   1.00 38.68  ? 6185 U   B "O2'" 1 
ATOM   248 C  "C1'" . U   A 1 12 ? -0.629  4.862   8.611   1.00 38.64  ? 6185 U   B "C1'" 1 
ATOM   249 N  N1    . U   A 1 12 ? -0.662  3.475   9.087   1.00 40.23  ? 6185 U   B N1    1 
ATOM   250 C  C2    . U   A 1 12 ? -1.666  2.677   8.606   1.00 41.35  ? 6185 U   B C2    1 
ATOM   251 O  O2    . U   A 1 12 ? -2.532  3.103   7.862   1.00 45.31  ? 6185 U   B O2    1 
ATOM   252 N  N3    . U   A 1 12 ? -1.631  1.368   9.033   1.00 39.63  ? 6185 U   B N3    1 
ATOM   253 C  C4    . U   A 1 12 ? -0.717  0.809   9.901   1.00 40.68  ? 6185 U   B C4    1 
ATOM   254 O  O4    . U   A 1 12 ? -0.822  -0.379  10.207  1.00 43.03  ? 6185 U   B O4    1 
ATOM   255 C  C5    . U   A 1 12 ? 0.284   1.714   10.383  1.00 39.49  ? 6185 U   B C5    1 
ATOM   256 C  C6    . U   A 1 12 ? 0.279   2.986   9.966   1.00 40.83  ? 6185 U   B C6    1 
ATOM   257 P  P     . U   A 1 13 ? -1.978  7.553   12.406  1.00 38.47  ? 6186 U   B P     1 
ATOM   258 O  OP1   . U   A 1 13 ? -2.474  8.929   12.676  1.00 38.43  ? 6186 U   B OP1   1 
ATOM   259 O  OP2   . U   A 1 13 ? -0.980  6.931   13.311  1.00 39.56  ? 6186 U   B OP2   1 
ATOM   260 O  "O5'" . U   A 1 13 ? -3.225  6.561   12.321  1.00 38.98  ? 6186 U   B "O5'" 1 
ATOM   261 C  "C5'" . U   A 1 13 ? -4.364  6.908   11.545  1.00 40.55  ? 6186 U   B "C5'" 1 
ATOM   262 C  "C4'" . U   A 1 13 ? -5.457  5.878   11.706  1.00 42.51  ? 6186 U   B "C4'" 1 
ATOM   263 O  "O4'" . U   A 1 13 ? -5.094  4.631   11.061  1.00 42.91  ? 6186 U   B "O4'" 1 
ATOM   264 C  "C3'" . U   A 1 13 ? -5.792  5.453   13.122  1.00 44.05  ? 6186 U   B "C3'" 1 
ATOM   265 O  "O3'" . U   A 1 13 ? -6.614  6.423   13.742  1.00 45.97  ? 6186 U   B "O3'" 1 
ATOM   266 C  "C2'" . U   A 1 13 ? -6.550  4.152   12.878  1.00 44.39  ? 6186 U   B "C2'" 1 
ATOM   267 O  "O2'" . U   A 1 13 ? -7.891  4.390   12.491  1.00 45.25  ? 6186 U   B "O2'" 1 
ATOM   268 C  "C1'" . U   A 1 13 ? -5.762  3.559   11.704  1.00 44.01  ? 6186 U   B "C1'" 1 
ATOM   269 N  N1    . U   A 1 13 ? -4.745  2.596   12.137  1.00 44.48  ? 6186 U   B N1    1 
ATOM   270 C  C2    . U   A 1 13 ? -5.045  1.265   12.006  1.00 45.99  ? 6186 U   B C2    1 
ATOM   271 O  O2    . U   A 1 13 ? -6.112  0.873   11.539  1.00 47.13  ? 6186 U   B O2    1 
ATOM   272 N  N3    . U   A 1 13 ? -4.057  0.412   12.433  1.00 46.34  ? 6186 U   B N3    1 
ATOM   273 C  C4    . U   A 1 13 ? -2.830  0.762   12.972  1.00 45.20  ? 6186 U   B C4    1 
ATOM   274 O  O4    . U   A 1 13 ? -2.068  -0.117  13.389  1.00 46.27  ? 6186 U   B O4    1 
ATOM   275 C  C5    . U   A 1 13 ? -2.606  2.160   13.063  1.00 43.82  ? 6186 U   B C5    1 
ATOM   276 C  C6    . U   A 1 13 ? -3.547  3.008   12.652  1.00 43.67  ? 6186 U   B C6    1 
ATOM   277 P  P     . A   A 1 14 ? -6.324  6.846   15.252  1.00 56.86  ? 6187 A   B P     1 
ATOM   278 O  OP1   . A   A 1 14 ? -7.332  7.867   15.616  1.00 57.91  ? 6187 A   B OP1   1 
ATOM   279 O  OP2   . A   A 1 14 ? -4.880  7.168   15.354  1.00 56.95  ? 6187 A   B OP2   1 
ATOM   280 O  "O5'" . A   A 1 14 ? -6.609  5.516   16.069  1.00 56.58  ? 6187 A   B "O5'" 1 
ATOM   281 C  "C5'" . A   A 1 14 ? -6.141  5.364   17.394  1.00 58.08  ? 6187 A   B "C5'" 1 
ATOM   282 C  "C4'" . A   A 1 14 ? -6.854  4.220   18.040  1.00 56.99  ? 6187 A   B "C4'" 1 
ATOM   283 O  "O4'" . A   A 1 14 ? -8.248  4.568   18.119  1.00 58.38  ? 6187 A   B "O4'" 1 
ATOM   284 C  "C3'" . A   A 1 14 ? -6.836  2.944   17.220  1.00 56.40  ? 6187 A   B "C3'" 1 
ATOM   285 O  "O3'" . A   A 1 14 ? -5.682  2.184   17.513  1.00 57.69  ? 6187 A   B "O3'" 1 
ATOM   286 C  "C2'" . A   A 1 14 ? -8.095  2.239   17.680  1.00 59.24  ? 6187 A   B "C2'" 1 
ATOM   287 O  "O2'" . A   A 1 14 ? -7.907  1.590   18.914  1.00 66.15  ? 6187 A   B "O2'" 1 
ATOM   288 C  "C1'" . A   A 1 14 ? -9.036  3.427   17.860  1.00 57.48  ? 6187 A   B "C1'" 1 
ATOM   289 N  N9    . A   A 1 14 ? -9.883  3.724   16.707  1.00 52.61  ? 6187 A   B N9    1 
ATOM   290 C  C8    . A   A 1 14 ? -9.911  4.874   15.961  1.00 52.34  ? 6187 A   B C8    1 
ATOM   291 N  N7    . A   A 1 14 ? -10.832 4.874   15.029  1.00 50.06  ? 6187 A   B N7    1 
ATOM   292 C  C5    . A   A 1 14 ? -11.441 3.633   15.162  1.00 48.75  ? 6187 A   B C5    1 
ATOM   293 C  C6    . A   A 1 14 ? -12.505 3.022   14.479  1.00 48.63  ? 6187 A   B C6    1 
ATOM   294 N  N6    . A   A 1 14 ? -13.192 3.613   13.501  1.00 46.81  ? 6187 A   B N6    1 
ATOM   295 N  N1    . A   A 1 14 ? -12.852 1.770   14.847  1.00 50.56  ? 6187 A   B N1    1 
ATOM   296 C  C2    . A   A 1 14 ? -12.180 1.191   15.847  1.00 51.03  ? 6187 A   B C2    1 
ATOM   297 N  N3    . A   A 1 14 ? -11.176 1.665   16.576  1.00 51.13  ? 6187 A   B N3    1 
ATOM   298 C  C4    . A   A 1 14 ? -10.850 2.907   16.177  1.00 50.74  ? 6187 A   B C4    1 
ATOM   299 P  P     . G   A 1 15 ? -4.654  1.832   16.339  1.00 40.30  ? 6188 G   B P     1 
ATOM   300 O  OP1   . G   A 1 15 ? -3.357  1.571   17.002  1.00 43.33  ? 6188 G   B OP1   1 
ATOM   301 O  OP2   . G   A 1 15 ? -4.753  2.891   15.299  1.00 40.83  ? 6188 G   B OP2   1 
ATOM   302 O  "O5'" . G   A 1 15 ? -5.214  0.462   15.736  1.00 42.68  ? 6188 G   B "O5'" 1 
ATOM   303 C  "C5'" . G   A 1 15 ? -5.366  -0.685  16.569  1.00 43.56  ? 6188 G   B "C5'" 1 
ATOM   304 C  "C4'" . G   A 1 15 ? -6.576  -1.500  16.161  1.00 43.86  ? 6188 G   B "C4'" 1 
ATOM   305 O  "O4'" . G   A 1 15 ? -7.770  -0.675  16.187  1.00 43.76  ? 6188 G   B "O4'" 1 
ATOM   306 C  "C3'" . G   A 1 15 ? -6.592  -2.043  14.751  1.00 44.94  ? 6188 G   B "C3'" 1 
ATOM   307 O  "O3'" . G   A 1 15 ? -5.790  -3.206  14.648  1.00 49.58  ? 6188 G   B "O3'" 1 
ATOM   308 C  "C2'" . G   A 1 15 ? -8.067  -2.377  14.578  1.00 44.56  ? 6188 G   B "C2'" 1 
ATOM   309 O  "O2'" . G   A 1 15 ? -8.435  -3.542  15.280  1.00 45.20  ? 6188 G   B "O2'" 1 
ATOM   310 C  "C1'" . G   A 1 15 ? -8.726  -1.190  15.272  1.00 42.86  ? 6188 G   B "C1'" 1 
ATOM   311 N  N9    . G   A 1 15 ? -9.139  -0.126  14.361  1.00 41.48  ? 6188 G   B N9    1 
ATOM   312 C  C8    . G   A 1 15 ? -8.558  1.110   14.216  1.00 41.26  ? 6188 G   B C8    1 
ATOM   313 N  N7    . G   A 1 15 ? -9.161  1.863   13.338  1.00 41.40  ? 6188 G   B N7    1 
ATOM   314 C  C5    . G   A 1 15 ? -10.208 1.079   12.874  1.00 41.43  ? 6188 G   B C5    1 
ATOM   315 C  C6    . G   A 1 15 ? -11.224 1.366   11.910  1.00 41.39  ? 6188 G   B C6    1 
ATOM   316 O  O6    . G   A 1 15 ? -11.419 2.415   11.270  1.00 41.96  ? 6188 G   B O6    1 
ATOM   317 N  N1    . G   A 1 15 ? -12.066 0.278   11.722  1.00 40.58  ? 6188 G   B N1    1 
ATOM   318 C  C2    . G   A 1 15 ? -11.962 -0.921  12.366  1.00 41.16  ? 6188 G   B C2    1 
ATOM   319 N  N2    . G   A 1 15 ? -12.868 -1.843  12.012  1.00 42.53  ? 6188 G   B N2    1 
ATOM   320 N  N3    . G   A 1 15 ? -11.039 -1.199  13.279  1.00 41.38  ? 6188 G   B N3    1 
ATOM   321 C  C4    . G   A 1 15 ? -10.200 -0.158  13.481  1.00 41.36  ? 6188 G   B C4    1 
ATOM   322 P  P     . G   A 1 16 ? -5.183  -3.620  13.219  1.00 51.46  ? 6189 G   B P     1 
ATOM   323 O  OP1   . G   A 1 16 ? -4.244  -4.746  13.448  1.00 51.52  ? 6189 G   B OP1   1 
ATOM   324 O  OP2   . G   A 1 16 ? -4.696  -2.393  12.548  1.00 52.27  ? 6189 G   B OP2   1 
ATOM   325 O  "O5'" . G   A 1 16 ? -6.461  -4.149  12.427  1.00 50.66  ? 6189 G   B "O5'" 1 
ATOM   326 C  "C5'" . G   A 1 16 ? -7.220  -5.251  12.921  1.00 50.56  ? 6189 G   B "C5'" 1 
ATOM   327 C  "C4'" . G   A 1 16 ? -8.314  -5.611  11.948  1.00 49.79  ? 6189 G   B "C4'" 1 
ATOM   328 O  "O4'" . G   A 1 16 ? -9.368  -4.619  11.995  1.00 48.74  ? 6189 G   B "O4'" 1 
ATOM   329 C  "C3'" . G   A 1 16 ? -7.881  -5.628  10.499  1.00 50.27  ? 6189 G   B "C3'" 1 
ATOM   330 O  "O3'" . G   A 1 16 ? -7.294  -6.882  10.192  1.00 53.15  ? 6189 G   B "O3'" 1 
ATOM   331 C  "C2'" . G   A 1 16 ? -9.195  -5.402  9.760   1.00 49.22  ? 6189 G   B "C2'" 1 
ATOM   332 O  "O2'" . G   A 1 16 ? -9.964  -6.577  9.619   1.00 49.44  ? 6189 G   B "O2'" 1 
ATOM   333 C  "C1'" . G   A 1 16 ? -9.913  -4.431  10.699  1.00 46.41  ? 6189 G   B "C1'" 1 
ATOM   334 N  N9    . G   A 1 16 ? -9.737  -3.028  10.346  1.00 44.06  ? 6189 G   B N9    1 
ATOM   335 C  C8    . G   A 1 16 ? -8.821  -2.159  10.884  1.00 43.54  ? 6189 G   B C8    1 
ATOM   336 N  N7    . G   A 1 16 ? -8.916  -0.952  10.400  1.00 44.19  ? 6189 G   B N7    1 
ATOM   337 C  C5    . G   A 1 16 ? -9.952  -1.031  9.483   1.00 42.68  ? 6189 G   B C5    1 
ATOM   338 C  C6    . G   A 1 16 ? -10.516 -0.032  8.646   1.00 42.92  ? 6189 G   B C6    1 
ATOM   339 O  O6    . G   A 1 16 ? -10.205 1.167   8.551   1.00 42.35  ? 6189 G   B O6    1 
ATOM   340 N  N1    . G   A 1 16 ? -11.544 -0.549  7.863   1.00 43.55  ? 6189 G   B N1    1 
ATOM   341 C  C2    . G   A 1 16 ? -11.968 -1.854  7.881   1.00 42.44  ? 6189 G   B C2    1 
ATOM   342 N  N2    . G   A 1 16 ? -12.965 -2.164  7.049   1.00 42.40  ? 6189 G   B N2    1 
ATOM   343 N  N3    . G   A 1 16 ? -11.450 -2.789  8.660   1.00 42.69  ? 6189 G   B N3    1 
ATOM   344 C  C4    . G   A 1 16 ? -10.459 -2.309  9.429   1.00 42.68  ? 6189 G   B C4    1 
ATOM   345 P  P     . U   A 1 17 ? -6.292  -7.010  8.946   1.00 55.76  ? 6190 U   B P     1 
ATOM   346 O  OP1   . U   A 1 17 ? -5.939  -8.447  8.876   1.00 53.51  ? 6190 U   B OP1   1 
ATOM   347 O  OP2   . U   A 1 17 ? -5.217  -5.991  9.079   1.00 52.81  ? 6190 U   B OP2   1 
ATOM   348 O  "O5'" . U   A 1 17 ? -7.201  -6.667  7.680   1.00 53.32  ? 6190 U   B "O5'" 1 
ATOM   349 C  "C5'" . U   A 1 17 ? -8.116  -7.631  7.169   1.00 52.97  ? 6190 U   B "C5'" 1 
ATOM   350 C  "C4'" . U   A 1 17 ? -8.911  -7.047  6.029   1.00 53.70  ? 6190 U   B "C4'" 1 
ATOM   351 O  "O4'" . U   A 1 17 ? -9.646  -5.895  6.509   1.00 53.97  ? 6190 U   B "O4'" 1 
ATOM   352 C  "C3'" . U   A 1 17 ? -8.105  -6.484  4.873   1.00 55.71  ? 6190 U   B "C3'" 1 
ATOM   353 O  "O3'" . U   A 1 17 ? -7.722  -7.514  3.974   1.00 57.09  ? 6190 U   B "O3'" 1 
ATOM   354 C  "C2'" . U   A 1 17 ? -9.109  -5.539  4.226   1.00 54.81  ? 6190 U   B "C2'" 1 
ATOM   355 O  "O2'" . U   A 1 17 ? -10.050 -6.235  3.433   1.00 57.29  ? 6190 U   B "O2'" 1 
ATOM   356 C  "C1'" . U   A 1 17 ? -9.804  -4.955  5.456   1.00 53.14  ? 6190 U   B "C1'" 1 
ATOM   357 N  N1    . U   A 1 17 ? -9.226  -3.678  5.893   1.00 50.87  ? 6190 U   B N1    1 
ATOM   358 C  C2    . U   A 1 17 ? -9.651  -2.520  5.263   1.00 50.64  ? 6190 U   B C2    1 
ATOM   359 O  O2    . U   A 1 17 ? -10.485 -2.512  4.383   1.00 50.30  ? 6190 U   B O2    1 
ATOM   360 N  N3    . U   A 1 17 ? -9.058  -1.368  5.709   1.00 49.72  ? 6190 U   B N3    1 
ATOM   361 C  C4    . U   A 1 17 ? -8.107  -1.260  6.701   1.00 50.66  ? 6190 U   B C4    1 
ATOM   362 O  O4    . U   A 1 17 ? -7.659  -0.153  6.986   1.00 53.50  ? 6190 U   B O4    1 
ATOM   363 C  C5    . U   A 1 17 ? -7.728  -2.498  7.310   1.00 49.86  ? 6190 U   B C5    1 
ATOM   364 C  C6    . U   A 1 17 ? -8.286  -3.636  6.894   1.00 51.14  ? 6190 U   B C6    1 
ATOM   365 P  P     . A   A 1 18 ? -6.313  -7.417  3.195   1.00 58.99  ? 6191 A   B P     1 
ATOM   366 O  OP1   . A   A 1 18 ? -6.306  -8.625  2.328   1.00 59.67  ? 6191 A   B OP1   1 
ATOM   367 O  OP2   . A   A 1 18 ? -5.193  -7.190  4.150   1.00 58.62  ? 6191 A   B OP2   1 
ATOM   368 O  "O5'" . A   A 1 18 ? -6.475  -6.153  2.240   1.00 55.92  ? 6191 A   B "O5'" 1 
ATOM   369 C  "C5'" . A   A 1 18 ? -7.205  -6.300  1.039   1.00 53.73  ? 6191 A   B "C5'" 1 
ATOM   370 C  "C4'" . A   A 1 18 ? -7.552  -4.970  0.448   1.00 52.07  ? 6191 A   B "C4'" 1 
ATOM   371 O  "O4'" . A   A 1 18 ? -8.202  -4.148  1.451   1.00 51.36  ? 6191 A   B "O4'" 1 
ATOM   372 C  "C3'" . A   A 1 18 ? -6.411  -4.080  0.018   1.00 51.94  ? 6191 A   B "C3'" 1 
ATOM   373 O  "O3'" . A   A 1 18 ? -5.835  -4.490  -1.212  1.00 53.39  ? 6191 A   B "O3'" 1 
ATOM   374 C  "C2'" . A   A 1 18 ? -7.147  -2.759  -0.143  1.00 51.35  ? 6191 A   B "C2'" 1 
ATOM   375 O  "O2'" . A   A 1 18 ? -7.944  -2.758  -1.308  1.00 52.05  ? 6191 A   B "O2'" 1 
ATOM   376 C  "C1'" . A   A 1 18 ? -8.065  -2.782  1.082   1.00 50.26  ? 6191 A   B "C1'" 1 
ATOM   377 N  N9    . A   A 1 18 ? -7.498  -2.023  2.199   1.00 47.71  ? 6191 A   B N9    1 
ATOM   378 C  C8    . A   A 1 18 ? -6.838  -2.460  3.324   1.00 46.52  ? 6191 A   B C8    1 
ATOM   379 N  N7    . A   A 1 18 ? -6.407  -1.486  4.095   1.00 45.47  ? 6191 A   B N7    1 
ATOM   380 C  C5    . A   A 1 18 ? -6.825  -0.334  3.439   1.00 45.33  ? 6191 A   B C5    1 
ATOM   381 C  C6    . A   A 1 18 ? -6.683  1.036   3.733   1.00 44.45  ? 6191 A   B C6    1 
ATOM   382 N  N6    . A   A 1 18 ? -6.031  1.504   4.797   1.00 43.79  ? 6191 A   B N6    1 
ATOM   383 N  N1    . A   A 1 18 ? -7.236  1.923   2.878   1.00 43.99  ? 6191 A   B N1    1 
ATOM   384 C  C2    . A   A 1 18 ? -7.871  1.461   1.804   1.00 44.85  ? 6191 A   B C2    1 
ATOM   385 N  N3    . A   A 1 18 ? -8.061  0.204   1.412   1.00 45.33  ? 6191 A   B N3    1 
ATOM   386 C  C4    . A   A 1 18 ? -7.509  -0.653  2.282   1.00 45.33  ? 6191 A   B C4    1 
ATOM   387 P  P     . G   A 1 19 ? -4.313  -4.081  -1.547  1.00 55.18  ? 6192 G   B P     1 
ATOM   388 O  OP1   . G   A 1 19 ? -3.890  -4.718  -2.822  1.00 54.82  ? 6192 G   B OP1   1 
ATOM   389 O  OP2   . G   A 1 19 ? -3.521  -4.318  -0.309  1.00 55.05  ? 6192 G   B OP2   1 
ATOM   390 O  "O5'" . G   A 1 19 ? -4.376  -2.506  -1.776  1.00 51.74  ? 6192 G   B "O5'" 1 
ATOM   391 C  "C5'" . G   A 1 19 ? -5.072  -1.960  -2.880  1.00 48.43  ? 6192 G   B "C5'" 1 
ATOM   392 C  "C4'" . G   A 1 19 ? -5.115  -0.458  -2.775  1.00 47.11  ? 6192 G   B "C4'" 1 
ATOM   393 O  "O4'" . G   A 1 19 ? -5.786  -0.090  -1.540  1.00 46.20  ? 6192 G   B "O4'" 1 
ATOM   394 C  "C3'" . G   A 1 19 ? -3.786  0.267   -2.658  1.00 48.22  ? 6192 G   B "C3'" 1 
ATOM   395 O  "O3'" . G   A 1 19 ? -3.177  0.475   -3.918  1.00 50.65  ? 6192 G   B "O3'" 1 
ATOM   396 C  "C2'" . G   A 1 19 ? -4.239  1.605   -2.102  1.00 47.86  ? 6192 G   B "C2'" 1 
ATOM   397 O  "O2'" . G   A 1 19 ? -4.808  2.397   -3.129  1.00 48.90  ? 6192 G   B "O2'" 1 
ATOM   398 C  "C1'" . G   A 1 19 ? -5.293  1.159   -1.082  1.00 45.92  ? 6192 G   B "C1'" 1 
ATOM   399 N  N9    . G   A 1 19 ? -4.721  0.972   0.250   1.00 43.96  ? 6192 G   B N9    1 
ATOM   400 C  C8    . G   A 1 19 ? -4.380  -0.218  0.857   1.00 44.60  ? 6192 G   B C8    1 
ATOM   401 N  N7    . G   A 1 19 ? -3.836  -0.055  2.034   1.00 42.95  ? 6192 G   B N7    1 
ATOM   402 C  C5    . G   A 1 19 ? -3.828  1.320   2.222   1.00 41.16  ? 6192 G   B C5    1 
ATOM   403 C  C6    . G   A 1 19 ? -3.344  2.091   3.298   1.00 41.01  ? 6192 G   B C6    1 
ATOM   404 O  O6    . G   A 1 19 ? -2.797  1.704   4.342   1.00 42.67  ? 6192 G   B O6    1 
ATOM   405 N  N1    . G   A 1 19 ? -3.527  3.449   3.075   1.00 40.64  ? 6192 G   B N1    1 
ATOM   406 C  C2    . G   A 1 19 ? -4.095  3.995   1.955   1.00 41.60  ? 6192 G   B C2    1 
ATOM   407 N  N2    . G   A 1 19 ? -4.162  5.336   1.912   1.00 41.72  ? 6192 G   B N2    1 
ATOM   408 N  N3    . G   A 1 19 ? -4.555  3.283   0.945   1.00 40.90  ? 6192 G   B N3    1 
ATOM   409 C  C4    . G   A 1 19 ? -4.386  1.966   1.141   1.00 41.64  ? 6192 G   B C4    1 
ATOM   410 P  P     . U   A 1 20 ? -1.571  0.553   -4.026  1.00 53.57  ? 6193 U   B P     1 
ATOM   411 O  OP1   . U   A 1 20 ? -1.262  0.680   -5.480  1.00 52.69  ? 6193 U   B OP1   1 
ATOM   412 O  OP2   . U   A 1 20 ? -0.977  -0.564  -3.233  1.00 49.72  ? 6193 U   B OP2   1 
ATOM   413 O  "O5'" . U   A 1 20 ? -1.177  1.911   -3.294  1.00 50.88  ? 6193 U   B "O5'" 1 
ATOM   414 C  "C5'" . U   A 1 20 ? -1.692  3.155   -3.724  1.00 50.08  ? 6193 U   B "C5'" 1 
ATOM   415 C  "C4'" . U   A 1 20 ? -1.405  4.203   -2.683  1.00 51.04  ? 6193 U   B "C4'" 1 
ATOM   416 O  "O4'" . U   A 1 20 ? -2.151  3.886   -1.479  1.00 49.41  ? 6193 U   B "O4'" 1 
ATOM   417 C  "C3'" . U   A 1 20 ? 0.037   4.273   -2.203  1.00 50.82  ? 6193 U   B "C3'" 1 
ATOM   418 O  "O3'" . U   A 1 20 ? 0.857   5.038   -3.084  1.00 53.52  ? 6193 U   B "O3'" 1 
ATOM   419 C  "C2'" . U   A 1 20 ? -0.124  4.933   -0.838  1.00 49.61  ? 6193 U   B "C2'" 1 
ATOM   420 O  "O2'" . U   A 1 20 ? -0.315  6.333   -0.909  1.00 49.25  ? 6193 U   B "O2'" 1 
ATOM   421 C  "C1'" . U   A 1 20 ? -1.402  4.261   -0.337  1.00 47.25  ? 6193 U   B "C1'" 1 
ATOM   422 N  N1    . U   A 1 20 ? -1.101  3.046   0.423   1.00 45.37  ? 6193 U   B N1    1 
ATOM   423 C  C2    . U   A 1 20 ? -0.628  3.208   1.693   1.00 45.09  ? 6193 U   B C2    1 
ATOM   424 O  O2    . U   A 1 20 ? -0.478  4.308   2.193   1.00 45.90  ? 6193 U   B O2    1 
ATOM   425 N  N3    . U   A 1 20 ? -0.332  2.043   2.358   1.00 43.66  ? 6193 U   B N3    1 
ATOM   426 C  C4    . U   A 1 20 ? -0.464  0.760   1.870   1.00 44.47  ? 6193 U   B C4    1 
ATOM   427 O  O4    . U   A 1 20 ? -0.096  -0.193  2.561   1.00 44.80  ? 6193 U   B O4    1 
ATOM   428 C  C5    . U   A 1 20 ? -0.978  0.679   0.542   1.00 43.21  ? 6193 U   B C5    1 
ATOM   429 C  C6    . U   A 1 20 ? -1.272  1.798   -0.119  1.00 43.98  ? 6193 U   B C6    1 
ATOM   430 P  P     . C   A 1 21 ? 2.352   4.539   -3.412  1.00 54.14  ? 6194 C   B P     1 
ATOM   431 O  OP1   . C   A 1 21 ? 2.881   5.437   -4.471  1.00 53.67  ? 6194 C   B OP1   1 
ATOM   432 O  OP2   . C   A 1 21 ? 2.304   3.069   -3.645  1.00 52.20  ? 6194 C   B OP2   1 
ATOM   433 O  "O5'" . C   A 1 21 ? 3.158   4.846   -2.072  1.00 52.28  ? 6194 C   B "O5'" 1 
ATOM   434 C  "C5'" . C   A 1 21 ? 3.234   6.181   -1.582  1.00 50.64  ? 6194 C   B "C5'" 1 
ATOM   435 C  "C4'" . C   A 1 21 ? 3.836   6.211   -0.198  1.00 49.74  ? 6194 C   B "C4'" 1 
ATOM   436 O  "O4'" . C   A 1 21 ? 2.941   5.578   0.755   1.00 48.32  ? 6194 C   B "O4'" 1 
ATOM   437 C  "C3'" . C   A 1 21 ? 5.135   5.451   -0.021  1.00 49.51  ? 6194 C   B "C3'" 1 
ATOM   438 O  "O3'" . C   A 1 21 ? 6.249   6.190   -0.518  1.00 50.24  ? 6194 C   B "O3'" 1 
ATOM   439 C  "C2'" . C   A 1 21 ? 5.166   5.263   1.490   1.00 47.81  ? 6194 C   B "C2'" 1 
ATOM   440 O  "O2'" . C   A 1 21 ? 5.500   6.458   2.159   1.00 48.07  ? 6194 C   B "O2'" 1 
ATOM   441 C  "C1'" . C   A 1 21 ? 3.699   4.942   1.770   1.00 45.91  ? 6194 C   B "C1'" 1 
ATOM   442 N  N1    . C   A 1 21 ? 3.407   3.504   1.715   1.00 43.55  ? 6194 C   B N1    1 
ATOM   443 C  C2    . C   A 1 21 ? 3.728   2.705   2.815   1.00 43.75  ? 6194 C   B C2    1 
ATOM   444 O  O2    . C   A 1 21 ? 4.235   3.228   3.808   1.00 46.13  ? 6194 C   B O2    1 
ATOM   445 N  N3    . C   A 1 21 ? 3.472   1.383   2.770   1.00 43.30  ? 6194 C   B N3    1 
ATOM   446 C  C4    . C   A 1 21 ? 2.911   0.857   1.688   1.00 41.96  ? 6194 C   B C4    1 
ATOM   447 N  N4    . C   A 1 21 ? 2.670   -0.443  1.693   1.00 41.95  ? 6194 C   B N4    1 
ATOM   448 C  C5    . C   A 1 21 ? 2.568   1.648   0.553   1.00 42.29  ? 6194 C   B C5    1 
ATOM   449 C  C6    . C   A 1 21 ? 2.831   2.955   0.609   1.00 41.95  ? 6194 C   B C6    1 
ATOM   450 P  P     . G   A 1 22 ? 7.483   5.399   -1.181  1.00 50.58  ? 6195 G   B P     1 
ATOM   451 O  OP1   . G   A 1 22 ? 8.482   6.382   -1.685  1.00 48.84  ? 6195 G   B OP1   1 
ATOM   452 O  OP2   . G   A 1 22 ? 6.912   4.386   -2.114  1.00 49.87  ? 6195 G   B OP2   1 
ATOM   453 O  "O5'" . G   A 1 22 ? 8.110   4.632   0.066   1.00 48.39  ? 6195 G   B "O5'" 1 
ATOM   454 C  "C5'" . G   A 1 22 ? 8.587   5.377   1.175   1.00 47.21  ? 6195 G   B "C5'" 1 
ATOM   455 C  "C4'" . G   A 1 22 ? 9.101   4.461   2.247   1.00 45.69  ? 6195 G   B "C4'" 1 
ATOM   456 O  "O4'" . G   A 1 22 ? 8.004   3.740   2.864   1.00 45.85  ? 6195 G   B "O4'" 1 
ATOM   457 C  "C3'" . G   A 1 22 ? 10.044  3.357   1.811   1.00 45.06  ? 6195 G   B "C3'" 1 
ATOM   458 O  "O3'" . G   A 1 22 ? 11.351  3.889   1.583   1.00 47.19  ? 6195 G   B "O3'" 1 
ATOM   459 C  "C2'" . G   A 1 22 ? 9.981   2.428   3.024   1.00 44.54  ? 6195 G   B "C2'" 1 
ATOM   460 O  "O2'" . G   A 1 22 ? 10.755  2.898   4.114   1.00 43.27  ? 6195 G   B "O2'" 1 
ATOM   461 C  "C1'" . G   A 1 22 ? 8.497   2.523   3.403   1.00 43.61  ? 6195 G   B "C1'" 1 
ATOM   462 N  N9    . G   A 1 22 ? 7.681   1.426   2.893   1.00 41.32  ? 6195 G   B N9    1 
ATOM   463 C  C8    . G   A 1 22 ? 6.893   1.424   1.768   1.00 40.90  ? 6195 G   B C8    1 
ATOM   464 N  N7    . G   A 1 22 ? 6.267   0.291   1.585   1.00 40.52  ? 6195 G   B N7    1 
ATOM   465 C  C5    . G   A 1 22 ? 6.665   -0.496  2.654   1.00 38.41  ? 6195 G   B C5    1 
ATOM   466 C  C6    . G   A 1 22 ? 6.303   -1.821  3.003   1.00 38.57  ? 6195 G   B C6    1 
ATOM   467 O  O6    . G   A 1 22 ? 5.508   -2.580  2.435   1.00 36.65  ? 6195 G   B O6    1 
ATOM   468 N  N1    . G   A 1 22 ? 6.963   -2.243  4.151   1.00 37.28  ? 6195 G   B N1    1 
ATOM   469 C  C2    . G   A 1 22 ? 7.842   -1.478  4.877   1.00 37.94  ? 6195 G   B C2    1 
ATOM   470 N  N2    . G   A 1 22 ? 8.388   -2.056  5.952   1.00 37.27  ? 6195 G   B N2    1 
ATOM   471 N  N3    . G   A 1 22 ? 8.167   -0.235  4.573   1.00 38.56  ? 6195 G   B N3    1 
ATOM   472 C  C4    . G   A 1 22 ? 7.548   0.188   3.459   1.00 38.97  ? 6195 G   B C4    1 
ATOM   473 P  P     . A   A 1 23 ? 12.387  3.112   0.618   1.00 46.09  ? 6196 A   B P     1 
ATOM   474 O  OP1   . A   A 1 23 ? 13.545  4.024   0.429   1.00 47.35  ? 6196 A   B OP1   1 
ATOM   475 O  OP2   . A   A 1 23 ? 11.657  2.595   -0.561  1.00 47.58  ? 6196 A   B OP2   1 
ATOM   476 O  "O5'" . A   A 1 23 ? 12.841  1.859   1.480   1.00 43.07  ? 6196 A   B "O5'" 1 
ATOM   477 C  "C5'" . A   A 1 23 ? 13.470  2.049   2.730   1.00 44.35  ? 6196 A   B "C5'" 1 
ATOM   478 C  "C4'" . A   A 1 23 ? 13.495  0.760   3.495   1.00 46.19  ? 6196 A   B "C4'" 1 
ATOM   479 O  "O4'" . A   A 1 23 ? 12.136  0.356   3.805   1.00 45.79  ? 6196 A   B "O4'" 1 
ATOM   480 C  "C3'" . A   A 1 23 ? 14.034  -0.439  2.739   1.00 47.39  ? 6196 A   B "C3'" 1 
ATOM   481 O  "O3'" . A   A 1 23 ? 15.443  -0.451  2.709   1.00 49.49  ? 6196 A   B "O3'" 1 
ATOM   482 C  "C2'" . A   A 1 23 ? 13.475  -1.580  3.563   1.00 46.15  ? 6196 A   B "C2'" 1 
ATOM   483 O  "O2'" . A   A 1 23 ? 14.189  -1.719  4.779   1.00 46.68  ? 6196 A   B "O2'" 1 
ATOM   484 C  "C1'" . A   A 1 23 ? 12.059  -1.062  3.823   1.00 44.17  ? 6196 A   B "C1'" 1 
ATOM   485 N  N9    . A   A 1 23 ? 11.102  -1.468  2.796   1.00 42.49  ? 6196 A   B N9    1 
ATOM   486 C  C8    . A   A 1 23 ? 10.635  -0.750  1.719   1.00 41.41  ? 6196 A   B C8    1 
ATOM   487 N  N7    . A   A 1 23 ? 9.745   -1.398  0.999   1.00 40.67  ? 6196 A   B N7    1 
ATOM   488 C  C5    . A   A 1 23 ? 9.627   -2.623  1.646   1.00 39.33  ? 6196 A   B C5    1 
ATOM   489 C  C6    . A   A 1 23 ? 8.839   -3.756  1.389   1.00 39.05  ? 6196 A   B C6    1 
ATOM   490 N  N6    . A   A 1 23 ? 7.979   -3.848  0.380   1.00 39.16  ? 6196 A   B N6    1 
ATOM   491 N  N1    . A   A 1 23 ? 8.963   -4.809  2.220   1.00 39.47  ? 6196 A   B N1    1 
ATOM   492 C  C2    . A   A 1 23 ? 9.823   -4.720  3.241   1.00 41.93  ? 6196 A   B C2    1 
ATOM   493 N  N3    . A   A 1 23 ? 10.618  -3.709  3.591   1.00 39.99  ? 6196 A   B N3    1 
ATOM   494 C  C4    . A   A 1 23 ? 10.466  -2.680  2.744   1.00 40.99  ? 6196 A   B C4    1 
ATOM   495 P  P     . A   A 1 24 ? 16.194  -1.089  1.445   1.00 52.58  ? 6197 A   B P     1 
ATOM   496 O  OP1   . A   A 1 24 ? 17.600  -0.601  1.549   1.00 52.59  ? 6197 A   B OP1   1 
ATOM   497 O  OP2   . A   A 1 24 ? 15.419  -0.839  0.199   1.00 49.19  ? 6197 A   B OP2   1 
ATOM   498 O  "O5'" . A   A 1 24 ? 16.155  -2.656  1.738   1.00 52.32  ? 6197 A   B "O5'" 1 
ATOM   499 C  "C5'" . A   A 1 24 ? 16.708  -3.181  2.943   1.00 53.72  ? 6197 A   B "C5'" 1 
ATOM   500 C  "C4'" . A   A 1 24 ? 16.371  -4.648  3.085   1.00 55.12  ? 6197 A   B "C4'" 1 
ATOM   501 O  "O4'" . A   A 1 24 ? 14.955  -4.819  3.377   1.00 53.79  ? 6197 A   B "O4'" 1 
ATOM   502 C  "C3'" . A   A 1 24 ? 16.604  -5.503  1.852   1.00 57.03  ? 6197 A   B "C3'" 1 
ATOM   503 O  "O3'" . A   A 1 24 ? 17.974  -5.895  1.759   1.00 60.42  ? 6197 A   B "O3'" 1 
ATOM   504 C  "C2'" . A   A 1 24 ? 15.689  -6.688  2.137   1.00 54.90  ? 6197 A   B "C2'" 1 
ATOM   505 O  "O2'" . A   A 1 24 ? 16.258  -7.528  3.129   1.00 56.07  ? 6197 A   B "O2'" 1 
ATOM   506 C  "C1'" . A   A 1 24 ? 14.463  -5.979  2.716   1.00 51.10  ? 6197 A   B "C1'" 1 
ATOM   507 N  N9    . A   A 1 24 ? 13.489  -5.548  1.707   1.00 46.43  ? 6197 A   B N9    1 
ATOM   508 C  C8    . A   A 1 24 ? 13.386  -4.295  1.150   1.00 45.28  ? 6197 A   B C8    1 
ATOM   509 N  N7    . A   A 1 24 ? 12.430  -4.185  0.259   1.00 43.15  ? 6197 A   B N7    1 
ATOM   510 C  C5    . A   A 1 24 ? 11.861  -5.449  0.220   1.00 41.44  ? 6197 A   B C5    1 
ATOM   511 C  C6    . A   A 1 24 ? 10.808  -5.987  -0.547  1.00 40.37  ? 6197 A   B C6    1 
ATOM   512 N  N6    . A   A 1 24 ? 10.128  -5.295  -1.465  1.00 38.55  ? 6197 A   B N6    1 
ATOM   513 N  N1    . A   A 1 24 ? 10.482  -7.278  -0.343  1.00 40.63  ? 6197 A   B N1    1 
ATOM   514 C  C2    . A   A 1 24 ? 11.184  -7.981  0.565   1.00 42.48  ? 6197 A   B C2    1 
ATOM   515 N  N3    . A   A 1 24 ? 12.205  -7.592  1.337   1.00 42.42  ? 6197 A   B N3    1 
ATOM   516 C  C4    . A   A 1 24 ? 12.496  -6.299  1.115   1.00 43.42  ? 6197 A   B C4    1 
ATOM   517 P  P     . U   A 1 25 ? 18.612  -6.247  0.322   1.00 61.52  ? 6198 U   B P     1 
ATOM   518 O  OP1   . U   A 1 25 ? 20.024  -6.599  0.605   1.00 62.35  ? 6198 U   B OP1   1 
ATOM   519 O  OP2   . U   A 1 25 ? 18.294  -5.188  -0.681  1.00 61.11  ? 6198 U   B OP2   1 
ATOM   520 O  "O5'" . U   A 1 25 ? 17.859  -7.575  -0.124  1.00 61.90  ? 6198 U   B "O5'" 1 
ATOM   521 C  "C5'" . U   A 1 25 ? 17.971  -8.762  0.653   1.00 62.68  ? 6198 U   B "C5'" 1 
ATOM   522 C  "C4'" . U   A 1 25 ? 17.086  -9.844  0.084   1.00 62.97  ? 6198 U   B "C4'" 1 
ATOM   523 O  "O4'" . U   A 1 25 ? 15.690  -9.426  0.138   1.00 63.45  ? 6198 U   B "O4'" 1 
ATOM   524 C  "C3'" . U   A 1 25 ? 17.265  -10.166 -1.387  1.00 62.56  ? 6198 U   B "C3'" 1 
ATOM   525 O  "O3'" . U   A 1 25 ? 18.426  -10.968 -1.600  1.00 62.58  ? 6198 U   B "O3'" 1 
ATOM   526 C  "C2'" . U   A 1 25 ? 15.973  -10.925 -1.674  1.00 61.82  ? 6198 U   B "C2'" 1 
ATOM   527 O  "O2'" . U   A 1 25 ? 16.014  -12.225 -1.113  1.00 61.32  ? 6198 U   B "O2'" 1 
ATOM   528 C  "C1'" . U   A 1 25 ? 14.958  -10.112 -0.866  1.00 61.37  ? 6198 U   B "C1'" 1 
ATOM   529 N  N1    . U   A 1 25 ? 14.175  -9.136  -1.641  1.00 59.63  ? 6198 U   B N1    1 
ATOM   530 C  C2    . U   A 1 25 ? 13.000  -9.582  -2.257  1.00 59.27  ? 6198 U   B C2    1 
ATOM   531 O  O2    . U   A 1 25 ? 12.604  -10.726 -2.183  1.00 59.49  ? 6198 U   B O2    1 
ATOM   532 N  N3    . U   A 1 25 ? 12.312  -8.632  -2.959  1.00 56.99  ? 6198 U   B N3    1 
ATOM   533 C  C4    . U   A 1 25 ? 12.657  -7.313  -3.112  1.00 58.46  ? 6198 U   B C4    1 
ATOM   534 O  O4    . U   A 1 25 ? 11.956  -6.592  -3.814  1.00 59.21  ? 6198 U   B O4    1 
ATOM   535 C  C5    . U   A 1 25 ? 13.872  -6.922  -2.449  1.00 58.43  ? 6198 U   B C5    1 
ATOM   536 C  C6    . U   A 1 25 ? 14.574  -7.827  -1.756  1.00 59.16  ? 6198 U   B C6    1 
ATOM   537 P  P     . G   A 1 26 ? 19.140  -10.970 -3.046  1.00 62.76  ? 6199 G   B P     1 
ATOM   538 O  OP1   . G   A 1 26 ? 20.353  -11.807 -2.909  1.00 62.89  ? 6199 G   B OP1   1 
ATOM   539 O  OP2   . G   A 1 26 ? 19.265  -9.572  -3.520  1.00 62.35  ? 6199 G   B OP2   1 
ATOM   540 O  "O5'" . G   A 1 26 ? 18.097  -11.702 -4.014  1.00 61.64  ? 6199 G   B "O5'" 1 
ATOM   541 C  "C5'" . G   A 1 26 ? 17.658  -13.038 -3.761  1.00 58.57  ? 6199 G   B "C5'" 1 
ATOM   542 C  "C4'" . G   A 1 26 ? 16.501  -13.393 -4.676  1.00 58.54  ? 6199 G   B "C4'" 1 
ATOM   543 O  "O4'" . G   A 1 26 ? 15.324  -12.622 -4.316  1.00 58.08  ? 6199 G   B "O4'" 1 
ATOM   544 C  "C3'" . G   A 1 26 ? 16.705  -13.103 -6.155  1.00 58.62  ? 6199 G   B "C3'" 1 
ATOM   545 O  "O3'" . G   A 1 26 ? 17.406  -14.188 -6.766  1.00 59.99  ? 6199 G   B "O3'" 1 
ATOM   546 C  "C2'" . G   A 1 26 ? 15.270  -12.996 -6.666  1.00 57.75  ? 6199 G   B "C2'" 1 
ATOM   547 O  "O2'" . G   A 1 26 ? 14.687  -14.258 -6.912  1.00 57.95  ? 6199 G   B "O2'" 1 
ATOM   548 C  "C1'" . G   A 1 26 ? 14.560  -12.342 -5.476  1.00 57.51  ? 6199 G   B "C1'" 1 
ATOM   549 N  N9    . G   A 1 26 ? 14.391  -10.894 -5.576  1.00 57.53  ? 6199 G   B N9    1 
ATOM   550 C  C8    . G   A 1 26 ? 15.155  -9.929  -4.963  1.00 58.32  ? 6199 G   B C8    1 
ATOM   551 N  N7    . G   A 1 26 ? 14.756  -8.712  -5.231  1.00 57.70  ? 6199 G   B N7    1 
ATOM   552 C  C5    . G   A 1 26 ? 13.663  -8.884  -6.071  1.00 57.53  ? 6199 G   B C5    1 
ATOM   553 C  C6    . G   A 1 26 ? 12.816  -7.924  -6.692  1.00 57.47  ? 6199 G   B C6    1 
ATOM   554 O  O6    . G   A 1 26 ? 12.847  -6.694  -6.606  1.00 57.69  ? 6199 G   B O6    1 
ATOM   555 N  N1    . G   A 1 26 ? 11.851  -8.530  -7.477  1.00 57.50  ? 6199 G   B N1    1 
ATOM   556 C  C2    . G   A 1 26 ? 11.703  -9.879  -7.638  1.00 58.05  ? 6199 G   B C2    1 
ATOM   557 N  N2    . G   A 1 26 ? 10.714  -10.264 -8.449  1.00 59.98  ? 6199 G   B N2    1 
ATOM   558 N  N3    . G   A 1 26 ? 12.466  -10.785 -7.053  1.00 57.81  ? 6199 G   B N3    1 
ATOM   559 C  C4    . G   A 1 26 ? 13.425  -10.223 -6.296  1.00 57.59  ? 6199 G   B C4    1 
ATOM   560 P  P     . A   A 1 27 ? 18.287  -13.940 -8.090  1.00 58.07  ? 6200 A   B P     1 
ATOM   561 O  OP1   . A   A 1 27 ? 19.040  -15.199 -8.291  1.00 59.15  ? 6200 A   B OP1   1 
ATOM   562 O  OP2   . A   A 1 27 ? 19.020  -12.658 -7.975  1.00 59.47  ? 6200 A   B OP2   1 
ATOM   563 O  "O5'" . A   A 1 27 ? 17.208  -13.795 -9.253  1.00 60.31  ? 6200 A   B "O5'" 1 
ATOM   564 C  "C5'" . A   A 1 27 ? 16.431  -14.918 -9.667  1.00 61.31  ? 6200 A   B "C5'" 1 
ATOM   565 C  "C4'" . A   A 1 27 ? 15.289  -14.483 -10.557 1.00 61.82  ? 6200 A   B "C4'" 1 
ATOM   566 O  "O4'" . A   A 1 27 ? 14.364  -13.655 -9.803  1.00 61.53  ? 6200 A   B "O4'" 1 
ATOM   567 C  "C3'" . A   A 1 27 ? 15.659  -13.624 -11.752 1.00 63.54  ? 6200 A   B "C3'" 1 
ATOM   568 O  "O3'" . A   A 1 27 ? 16.111  -14.416 -12.844 1.00 66.39  ? 6200 A   B "O3'" 1 
ATOM   569 C  "C2'" . A   A 1 27 ? 14.328  -12.957 -12.071 1.00 63.56  ? 6200 A   B "C2'" 1 
ATOM   570 O  "O2'" . A   A 1 27 ? 13.451  -13.803 -12.791 1.00 63.62  ? 6200 A   B "O2'" 1 
ATOM   571 C  "C1'" . A   A 1 27 ? 13.780  -12.692 -10.665 1.00 62.07  ? 6200 A   B "C1'" 1 
ATOM   572 N  N9    . A   A 1 27 ? 14.137  -11.359 -10.181 1.00 61.54  ? 6200 A   B N9    1 
ATOM   573 C  C8    . A   A 1 27 ? 15.167  -11.007 -9.344  1.00 61.37  ? 6200 A   B C8    1 
ATOM   574 N  N7    . A   A 1 27 ? 15.232  -9.720  -9.095  1.00 61.29  ? 6200 A   B N7    1 
ATOM   575 C  C5    . A   A 1 27 ? 14.171  -9.190  -9.816  1.00 61.91  ? 6200 A   B C5    1 
ATOM   576 C  C6    . A   A 1 27 ? 13.697  -7.876  -9.970  1.00 62.82  ? 6200 A   B C6    1 
ATOM   577 N  N6    . A   A 1 27 ? 14.245  -6.820  -9.373  1.00 64.72  ? 6200 A   B N6    1 
ATOM   578 N  N1    . A   A 1 27 ? 12.624  -7.682  -10.766 1.00 63.49  ? 6200 A   B N1    1 
ATOM   579 C  C2    . A   A 1 27 ? 12.074  -8.744  -11.363 1.00 64.49  ? 6200 A   B C2    1 
ATOM   580 N  N3    . A   A 1 27 ? 12.425  -10.030 -11.294 1.00 63.65  ? 6200 A   B N3    1 
ATOM   581 C  C4    . A   A 1 27 ? 13.492  -10.186 -10.492 1.00 61.97  ? 6200 A   B C4    1 
ATOM   582 P  P     . C   A 1 28 ? 17.107  -13.777 -13.941 1.00 68.71  ? 6201 C   B P     1 
ATOM   583 O  OP1   . C   A 1 28 ? 17.416  -14.872 -14.890 1.00 70.16  ? 6201 C   B OP1   1 
ATOM   584 O  OP2   . C   A 1 28 ? 18.218  -13.062 -13.256 1.00 68.95  ? 6201 C   B OP2   1 
ATOM   585 O  "O5'" . C   A 1 28 ? 16.217  -12.713 -14.726 1.00 68.53  ? 6201 C   B "O5'" 1 
ATOM   586 C  "C5'" . C   A 1 28 ? 15.327  -13.135 -15.750 1.00 68.54  ? 6201 C   B "C5'" 1 
ATOM   587 C  "C4'" . C   A 1 28 ? 14.448  -11.992 -16.185 1.00 68.55  ? 6201 C   B "C4'" 1 
ATOM   588 O  "O4'" . C   A 1 28 ? 13.859  -11.398 -14.997 1.00 68.29  ? 6201 C   B "O4'" 1 
ATOM   589 C  "C3'" . C   A 1 28 ? 15.126  -10.806 -16.860 1.00 69.71  ? 6201 C   B "C3'" 1 
ATOM   590 O  "O3'" . C   A 1 28 ? 15.378  -11.019 -18.251 1.00 71.68  ? 6201 C   B "O3'" 1 
ATOM   591 C  "C2'" . C   A 1 28 ? 14.087  -9.710  -16.648 1.00 68.82  ? 6201 C   B "C2'" 1 
ATOM   592 O  "O2'" . C   A 1 28 ? 12.986  -9.791  -17.538 1.00 68.80  ? 6201 C   B "O2'" 1 
ATOM   593 C  "C1'" . C   A 1 28 ? 13.638  -10.010 -15.219 1.00 68.37  ? 6201 C   B "C1'" 1 
ATOM   594 N  N1    . C   A 1 28 ? 14.431  -9.244  -14.250 1.00 67.66  ? 6201 C   B N1    1 
ATOM   595 C  C2    . C   A 1 28 ? 14.094  -7.913  -14.022 1.00 68.19  ? 6201 C   B C2    1 
ATOM   596 O  O2    . C   A 1 28 ? 13.126  -7.431  -14.627 1.00 68.87  ? 6201 C   B O2    1 
ATOM   597 N  N3    . C   A 1 28 ? 14.830  -7.184  -13.152 1.00 68.08  ? 6201 C   B N3    1 
ATOM   598 C  C4    . C   A 1 28 ? 15.867  -7.744  -12.525 1.00 66.66  ? 6201 C   B C4    1 
ATOM   599 N  N4    . C   A 1 28 ? 16.572  -6.984  -11.690 1.00 66.72  ? 6201 C   B N4    1 
ATOM   600 C  C5    . C   A 1 28 ? 16.227  -9.103  -12.733 1.00 65.89  ? 6201 C   B C5    1 
ATOM   601 C  C6    . C   A 1 28 ? 15.488  -9.812  -13.594 1.00 66.50  ? 6201 C   B C6    1 
ATOM   602 P  P     . C   A 1 29 ? 16.623  -10.274 -18.963 1.00 72.53  ? 6202 C   B P     1 
ATOM   603 O  OP1   . C   A 1 29 ? 16.692  -10.823 -20.338 1.00 72.91  ? 6202 C   B OP1   1 
ATOM   604 O  OP2   . C   A 1 29 ? 17.806  -10.378 -18.072 1.00 71.36  ? 6202 C   B OP2   1 
ATOM   605 O  "O5'" . C   A 1 29 ? 16.200  -8.732  -19.048 1.00 72.37  ? 6202 C   B "O5'" 1 
ATOM   606 C  "C5'" . C   A 1 29 ? 14.976  -8.337  -19.672 1.00 71.67  ? 6202 C   B "C5'" 1 
ATOM   607 C  "C4'" . C   A 1 29 ? 14.561  -6.951  -19.217 1.00 71.10  ? 6202 C   B "C4'" 1 
ATOM   608 O  "O4'" . C   A 1 29 ? 14.643  -6.874  -17.774 1.00 72.86  ? 6202 C   B "O4'" 1 
ATOM   609 C  "C3'" . C   A 1 29 ? 15.427  -5.787  -19.665 1.00 70.55  ? 6202 C   B "C3'" 1 
ATOM   610 O  "O3'" . C   A 1 29 ? 15.169  -5.388  -21.008 1.00 70.29  ? 6202 C   B "O3'" 1 
ATOM   611 C  "C2'" . C   A 1 29 ? 15.099  -4.699  -18.647 1.00 71.36  ? 6202 C   B "C2'" 1 
ATOM   612 O  "O2'" . C   A 1 29 ? 13.953  -3.928  -18.950 1.00 71.91  ? 6202 C   B "O2'" 1 
ATOM   613 C  "C1'" . C   A 1 29 ? 14.841  -5.523  -17.387 1.00 72.55  ? 6202 C   B "C1'" 1 
ATOM   614 N  N1    . C   A 1 29 ? 15.918  -5.464  -16.389 1.00 73.67  ? 6202 C   B N1    1 
ATOM   615 C  C2    . C   A 1 29 ? 16.274  -4.221  -15.857 1.00 73.94  ? 6202 C   B C2    1 
ATOM   616 O  O2    . C   A 1 29 ? 15.715  -3.201  -16.292 1.00 73.73  ? 6202 C   B O2    1 
ATOM   617 N  N3    . C   A 1 29 ? 17.220  -4.162  -14.895 1.00 74.36  ? 6202 C   B N3    1 
ATOM   618 C  C4    . C   A 1 29 ? 17.817  -5.282  -14.481 1.00 75.17  ? 6202 C   B C4    1 
ATOM   619 N  N4    . C   A 1 29 ? 18.734  -5.185  -13.521 1.00 76.49  ? 6202 C   B N4    1 
ATOM   620 C  C5    . C   A 1 29 ? 17.497  -6.554  -15.030 1.00 75.16  ? 6202 C   B C5    1 
ATOM   621 C  C6    . C   A 1 29 ? 16.550  -6.599  -15.972 1.00 74.51  ? 6202 C   B C6    1 
ATOM   622 O  OP3   . U   B 2 1  ? -22.774 12.672  -3.921  1.00 82.56  ? 6203 U   C OP3   1 
ATOM   623 P  P     . U   B 2 1  ? -21.962 12.355  -5.167  1.00 81.84  ? 6203 U   C P     1 
ATOM   624 O  OP1   . U   B 2 1  ? -22.203 13.346  -6.296  1.00 82.57  ? 6203 U   C OP1   1 
ATOM   625 O  OP2   . U   B 2 1  ? -20.483 12.171  -4.885  1.00 83.04  ? 6203 U   C OP2   1 
ATOM   626 O  "O5'" . U   B 2 1  ? -22.489 10.898  -5.679  1.00 78.71  ? 6203 U   C "O5'" 1 
ATOM   627 C  "C5'" . U   B 2 1  ? -22.603 9.792   -4.764  1.00 74.42  ? 6203 U   C "C5'" 1 
ATOM   628 C  "C4'" . U   B 2 1  ? -22.687 8.484   -5.521  1.00 72.25  ? 6203 U   C "C4'" 1 
ATOM   629 O  "O4'" . U   B 2 1  ? -23.405 8.690   -6.772  1.00 70.99  ? 6203 U   C "O4'" 1 
ATOM   630 C  "C3'" . U   B 2 1  ? -21.369 7.878   -5.976  1.00 71.47  ? 6203 U   C "C3'" 1 
ATOM   631 O  "O3'" . U   B 2 1  ? -20.719 7.163   -4.932  1.00 72.03  ? 6203 U   C "O3'" 1 
ATOM   632 C  "C2'" . U   B 2 1  ? -21.831 6.952   -7.095  1.00 70.00  ? 6203 U   C "C2'" 1 
ATOM   633 O  "O2'" . U   B 2 1  ? -22.448 5.769   -6.629  1.00 70.12  ? 6203 U   C "O2'" 1 
ATOM   634 C  "C1'" . U   B 2 1  ? -22.878 7.829   -7.777  1.00 68.39  ? 6203 U   C "C1'" 1 
ATOM   635 N  N1    . U   B 2 1  ? -22.280 8.653   -8.839  1.00 64.91  ? 6203 U   C N1    1 
ATOM   636 C  C2    . U   B 2 1  ? -22.056 8.058   -10.063 1.00 63.36  ? 6203 U   C C2    1 
ATOM   637 O  O2    . U   B 2 1  ? -22.329 6.895   -10.289 1.00 63.62  ? 6203 U   C O2    1 
ATOM   638 N  N3    . U   B 2 1  ? -21.491 8.873   -11.008 1.00 60.62  ? 6203 U   C N3    1 
ATOM   639 C  C4    . U   B 2 1  ? -21.127 10.187  -10.854 1.00 60.55  ? 6203 U   C C4    1 
ATOM   640 O  O4    . U   B 2 1  ? -20.604 10.785  -11.792 1.00 60.21  ? 6203 U   C O4    1 
ATOM   641 C  C5    . U   B 2 1  ? -21.390 10.729  -9.563  1.00 61.53  ? 6203 U   C C5    1 
ATOM   642 C  C6    . U   B 2 1  ? -21.948 9.965   -8.625  1.00 63.08  ? 6203 U   C C6    1 
ATOM   643 P  P     . A   B 2 2  ? -19.128 6.916   -5.007  1.00 73.60  ? 6204 A   C P     1 
ATOM   644 O  OP1   . A   B 2 2  ? -18.772 6.013   -3.876  1.00 74.12  ? 6204 A   C OP1   1 
ATOM   645 O  OP2   . A   B 2 2  ? -18.428 8.228   -5.145  1.00 72.72  ? 6204 A   C OP2   1 
ATOM   646 O  "O5'" . A   B 2 2  ? -18.927 6.093   -6.359  1.00 70.11  ? 6204 A   C "O5'" 1 
ATOM   647 C  "C5'" . A   B 2 2  ? -19.269 4.713   -6.430  1.00 65.11  ? 6204 A   C "C5'" 1 
ATOM   648 C  "C4'" . A   B 2 2  ? -18.922 4.151   -7.791  1.00 62.15  ? 6204 A   C "C4'" 1 
ATOM   649 O  "O4'" . A   B 2 2  ? -19.665 4.875   -8.808  1.00 60.65  ? 6204 A   C "O4'" 1 
ATOM   650 C  "C3'" . A   B 2 2  ? -17.477 4.286   -8.249  1.00 60.79  ? 6204 A   C "C3'" 1 
ATOM   651 O  "O3'" . A   B 2 2  ? -16.642 3.268   -7.709  1.00 60.64  ? 6204 A   C "O3'" 1 
ATOM   652 C  "C2'" . A   B 2 2  ? -17.626 4.135   -9.758  1.00 59.13  ? 6204 A   C "C2'" 1 
ATOM   653 O  "O2'" . A   B 2 2  ? -17.818 2.788   -10.163 1.00 58.22  ? 6204 A   C "O2'" 1 
ATOM   654 C  "C1'" . A   B 2 2  ? -18.898 4.947   -10.001 1.00 57.12  ? 6204 A   C "C1'" 1 
ATOM   655 N  N9    . A   B 2 2  ? -18.609 6.353   -10.273 1.00 52.77  ? 6204 A   C N9    1 
ATOM   656 C  C8    . A   B 2 2  ? -18.676 7.435   -9.425  1.00 51.04  ? 6204 A   C C8    1 
ATOM   657 N  N7    . A   B 2 2  ? -18.346 8.570   -9.991  1.00 48.56  ? 6204 A   C N7    1 
ATOM   658 C  C5    . A   B 2 2  ? -18.038 8.211   -11.297 1.00 49.10  ? 6204 A   C C5    1 
ATOM   659 C  C6    . A   B 2 2  ? -17.614 8.958   -12.414 1.00 49.73  ? 6204 A   C C6    1 
ATOM   660 N  N6    . A   B 2 2  ? -17.427 10.284  -12.400 1.00 49.59  ? 6204 A   C N6    1 
ATOM   661 N  N1    . A   B 2 2  ? -17.393 8.286   -13.567 1.00 48.69  ? 6204 A   C N1    1 
ATOM   662 C  C2    . A   B 2 2  ? -17.593 6.961   -13.584 1.00 49.84  ? 6204 A   C C2    1 
ATOM   663 N  N3    . A   B 2 2  ? -17.993 6.154   -12.605 1.00 49.44  ? 6204 A   C N3    1 
ATOM   664 C  C4    . A   B 2 2  ? -18.198 6.849   -11.479 1.00 50.14  ? 6204 A   C C4    1 
ATOM   665 P  P     . A   B 2 3  ? -15.066 3.548   -7.520  1.00 60.34  ? 6205 A   C P     1 
ATOM   666 O  OP1   . A   B 2 3  ? -14.477 2.253   -7.080  1.00 61.11  ? 6205 A   C OP1   1 
ATOM   667 O  OP2   . A   B 2 3  ? -14.863 4.776   -6.701  1.00 58.65  ? 6205 A   C OP2   1 
ATOM   668 O  "O5'" . A   B 2 3  ? -14.541 3.846   -8.996  1.00 58.31  ? 6205 A   C "O5'" 1 
ATOM   669 C  "C5'" . A   B 2 3  ? -14.405 2.797   -9.955  1.00 53.32  ? 6205 A   C "C5'" 1 
ATOM   670 C  "C4'" . A   B 2 3  ? -13.971 3.365   -11.285 1.00 50.56  ? 6205 A   C "C4'" 1 
ATOM   671 O  "O4'" . A   B 2 3  ? -14.960 4.342   -11.717 1.00 49.52  ? 6205 A   C "O4'" 1 
ATOM   672 C  "C3'" . A   B 2 3  ? -12.679 4.156   -11.246 1.00 49.16  ? 6205 A   C "C3'" 1 
ATOM   673 O  "O3'" . A   B 2 3  ? -11.544 3.308   -11.355 1.00 49.29  ? 6205 A   C "O3'" 1 
ATOM   674 C  "C2'" . A   B 2 3  ? -12.846 5.077   -12.443 1.00 48.87  ? 6205 A   C "C2'" 1 
ATOM   675 O  "O2'" . A   B 2 3  ? -12.684 4.393   -13.669 1.00 49.21  ? 6205 A   C "O2'" 1 
ATOM   676 C  "C1'" . A   B 2 3  ? -14.316 5.465   -12.294 1.00 47.92  ? 6205 A   C "C1'" 1 
ATOM   677 N  N9    . A   B 2 3  ? -14.544 6.624   -11.422 1.00 45.28  ? 6205 A   C N9    1 
ATOM   678 C  C8    . A   B 2 3  ? -14.993 6.622   -10.129 1.00 44.91  ? 6205 A   C C8    1 
ATOM   679 N  N7    . A   B 2 3  ? -15.090 7.819   -9.601  1.00 45.08  ? 6205 A   C N7    1 
ATOM   680 C  C5    . A   B 2 3  ? -14.675 8.668   -10.615 1.00 43.61  ? 6205 A   C C5    1 
ATOM   681 C  C6    . A   B 2 3  ? -14.535 10.072  -10.687 1.00 44.58  ? 6205 A   C C6    1 
ATOM   682 N  N6    . A   B 2 3  ? -14.805 10.909  -9.678  1.00 43.56  ? 6205 A   C N6    1 
ATOM   683 N  N1    . A   B 2 3  ? -14.097 10.599  -11.848 1.00 44.86  ? 6205 A   C N1    1 
ATOM   684 C  C2    . A   B 2 3  ? -13.823 9.771   -12.860 1.00 44.59  ? 6205 A   C C2    1 
ATOM   685 N  N3    . A   B 2 3  ? -13.911 8.444   -12.914 1.00 45.41  ? 6205 A   C N3    1 
ATOM   686 C  C4    . A   B 2 3  ? -14.346 7.947   -11.745 1.00 44.16  ? 6205 A   C C4    1 
ATOM   687 P  P     . G   B 2 4  ? -10.183 3.715   -10.601 1.00 47.46  ? 6206 G   C P     1 
ATOM   688 O  OP1   . G   B 2 4  ? -9.133  2.711   -10.919 1.00 47.14  ? 6206 G   C OP1   1 
ATOM   689 O  OP2   . G   B 2 4  ? -10.504 4.038   -9.184  1.00 47.49  ? 6206 G   C OP2   1 
ATOM   690 O  "O5'" . G   B 2 4  ? -9.789  5.109   -11.242 1.00 46.19  ? 6206 G   C "O5'" 1 
ATOM   691 C  "C5'" . G   B 2 4  ? -9.435  5.226   -12.606 1.00 43.01  ? 6206 G   C "C5'" 1 
ATOM   692 C  "C4'" . G   B 2 4  ? -9.219  6.677   -12.924 1.00 41.44  ? 6206 G   C "C4'" 1 
ATOM   693 O  "O4'" . G   B 2 4  ? -10.471 7.381   -12.718 1.00 39.51  ? 6206 G   C "O4'" 1 
ATOM   694 C  "C3'" . G   B 2 4  ? -8.254  7.383   -11.986 1.00 40.52  ? 6206 G   C "C3'" 1 
ATOM   695 O  "O3'" . G   B 2 4  ? -6.917  7.200   -12.430 1.00 41.26  ? 6206 G   C "O3'" 1 
ATOM   696 C  "C2'" . G   B 2 4  ? -8.686  8.830   -12.136 1.00 39.46  ? 6206 G   C "C2'" 1 
ATOM   697 O  "O2'" . G   B 2 4  ? -8.163  9.402   -13.303 1.00 41.13  ? 6206 G   C "O2'" 1 
ATOM   698 C  "C1'" . G   B 2 4  ? -10.202 8.686   -12.268 1.00 38.72  ? 6206 G   C "C1'" 1 
ATOM   699 N  N9    . G   B 2 4  ? -10.835 8.854   -10.976 1.00 39.11  ? 6206 G   C N9    1 
ATOM   700 C  C8    . G   B 2 4  ? -11.343 7.882   -10.158 1.00 39.52  ? 6206 G   C C8    1 
ATOM   701 N  N7    . G   B 2 4  ? -11.782 8.348   -9.020  1.00 40.09  ? 6206 G   C N7    1 
ATOM   702 C  C5    . G   B 2 4  ? -11.563 9.714   -9.104  1.00 40.04  ? 6206 G   C C5    1 
ATOM   703 C  C6    . G   B 2 4  ? -11.818 10.745  -8.167  1.00 40.63  ? 6206 G   C C6    1 
ATOM   704 O  O6    . G   B 2 4  ? -12.306 10.649  -7.025  1.00 42.64  ? 6206 G   C O6    1 
ATOM   705 N  N1    . G   B 2 4  ? -11.436 11.992  -8.666  1.00 41.35  ? 6206 G   C N1    1 
ATOM   706 C  C2    . G   B 2 4  ? -10.874 12.213  -9.908  1.00 41.05  ? 6206 G   C C2    1 
ATOM   707 N  N2    . G   B 2 4  ? -10.564 13.478  -10.213 1.00 42.53  ? 6206 G   C N2    1 
ATOM   708 N  N3    . G   B 2 4  ? -10.633 11.261  -10.784 1.00 39.91  ? 6206 G   C N3    1 
ATOM   709 C  C4    . G   B 2 4  ? -10.996 10.042  -10.317 1.00 40.56  ? 6206 G   C C4    1 
ATOM   710 P  P     . A   B 2 5  ? -5.707  7.106   -11.360 1.00 42.24  ? 6207 A   C P     1 
ATOM   711 O  OP1   . A   B 2 5  ? -4.518  6.692   -12.181 1.00 40.21  ? 6207 A   C OP1   1 
ATOM   712 O  OP2   . A   B 2 5  ? -6.112  6.286   -10.186 1.00 40.58  ? 6207 A   C OP2   1 
ATOM   713 O  "O5'" . A   B 2 5  ? -5.518  8.602   -10.830 1.00 41.62  ? 6207 A   C "O5'" 1 
ATOM   714 C  "C5'" . A   B 2 5  ? -5.253  9.679   -11.729 1.00 41.18  ? 6207 A   C "C5'" 1 
ATOM   715 C  "C4'" . A   B 2 5  ? -5.507  10.999  -11.050 1.00 42.14  ? 6207 A   C "C4'" 1 
ATOM   716 O  "O4'" . A   B 2 5  ? -6.914  11.108  -10.720 1.00 42.34  ? 6207 A   C "O4'" 1 
ATOM   717 C  "C3'" . A   B 2 5  ? -4.820  11.177  -9.709  1.00 44.06  ? 6207 A   C "C3'" 1 
ATOM   718 O  "O3'" . A   B 2 5  ? -3.485  11.605  -9.879  1.00 45.20  ? 6207 A   C "O3'" 1 
ATOM   719 C  "C2'" . A   B 2 5  ? -5.668  12.260  -9.057  1.00 44.44  ? 6207 A   C "C2'" 1 
ATOM   720 O  "O2'" . A   B 2 5  ? -5.372  13.556  -9.544  1.00 47.01  ? 6207 A   C "O2'" 1 
ATOM   721 C  "C1'" . A   B 2 5  ? -7.066  11.852  -9.517  1.00 43.59  ? 6207 A   C "C1'" 1 
ATOM   722 N  N9    . A   B 2 5  ? -7.759  11.013  -8.540  1.00 43.34  ? 6207 A   C N9    1 
ATOM   723 C  C8    . A   B 2 5  ? -7.931  9.650   -8.584  1.00 43.97  ? 6207 A   C C8    1 
ATOM   724 N  N7    . A   B 2 5  ? -8.616  9.170   -7.573  1.00 43.79  ? 6207 A   C N7    1 
ATOM   725 C  C5    . A   B 2 5  ? -8.906  10.288  -6.809  1.00 43.54  ? 6207 A   C C5    1 
ATOM   726 C  C6    . A   B 2 5  ? -9.613  10.444  -5.618  1.00 44.60  ? 6207 A   C C6    1 
ATOM   727 N  N6    . A   B 2 5  ? -10.178 9.423   -4.969  1.00 45.64  ? 6207 A   C N6    1 
ATOM   728 N  N1    . A   B 2 5  ? -9.727  11.697  -5.110  1.00 45.56  ? 6207 A   C N1    1 
ATOM   729 C  C2    . A   B 2 5  ? -9.166  12.713  -5.778  1.00 44.20  ? 6207 A   C C2    1 
ATOM   730 N  N3    . A   B 2 5  ? -8.479  12.690  -6.919  1.00 44.98  ? 6207 A   C N3    1 
ATOM   731 C  C4    . A   B 2 5  ? -8.383  11.432  -7.388  1.00 43.69  ? 6207 A   C C4    1 
ATOM   732 P  P     . A   B 2 6  ? -2.351  11.046  -8.897  1.00 45.15  ? 6208 A   C P     1 
ATOM   733 O  OP1   . A   B 2 6  ? -1.100  11.767  -9.218  1.00 48.07  ? 6208 A   C OP1   1 
ATOM   734 O  OP2   . A   B 2 6  ? -2.383  9.560   -8.950  1.00 46.06  ? 6208 A   C OP2   1 
ATOM   735 O  "O5'" . A   B 2 6  ? -2.814  11.535  -7.458  1.00 44.77  ? 6208 A   C "O5'" 1 
ATOM   736 C  "C5'" . A   B 2 6  ? -2.667  12.893  -7.071  1.00 47.12  ? 6208 A   C "C5'" 1 
ATOM   737 C  "C4'" . A   B 2 6  ? -3.376  13.141  -5.757  1.00 49.82  ? 6208 A   C "C4'" 1 
ATOM   738 O  "O4'" . A   B 2 6  ? -4.788  12.804  -5.895  1.00 50.34  ? 6208 A   C "O4'" 1 
ATOM   739 C  "C3'" . A   B 2 6  ? -2.922  12.305  -4.568  1.00 49.94  ? 6208 A   C "C3'" 1 
ATOM   740 O  "O3'" . A   B 2 6  ? -1.777  12.883  -3.947  1.00 51.57  ? 6208 A   C "O3'" 1 
ATOM   741 C  "C2'" . A   B 2 6  ? -4.140  12.400  -3.665  1.00 49.36  ? 6208 A   C "C2'" 1 
ATOM   742 O  "O2'" . A   B 2 6  ? -4.243  13.684  -3.081  1.00 50.56  ? 6208 A   C "O2'" 1 
ATOM   743 C  "C1'" . A   B 2 6  ? -5.267  12.242  -4.683  1.00 48.97  ? 6208 A   C "C1'" 1 
ATOM   744 N  N9    . A   B 2 6  ? -5.573  10.838  -4.934  1.00 48.04  ? 6208 A   C N9    1 
ATOM   745 C  C8    . A   B 2 6  ? -5.153  10.082  -5.999  1.00 48.51  ? 6208 A   C C8    1 
ATOM   746 N  N7    . A   B 2 6  ? -5.556  8.837   -5.958  1.00 47.32  ? 6208 A   C N7    1 
ATOM   747 C  C5    . A   B 2 6  ? -6.299  8.770   -4.791  1.00 46.30  ? 6208 A   C C5    1 
ATOM   748 C  C6    . A   B 2 6  ? -6.978  7.722   -4.189  1.00 45.40  ? 6208 A   C C6    1 
ATOM   749 N  N6    . A   B 2 6  ? -7.015  6.498   -4.703  1.00 47.51  ? 6208 A   C N6    1 
ATOM   750 N  N1    . A   B 2 6  ? -7.620  7.967   -3.029  1.00 46.20  ? 6208 A   C N1    1 
ATOM   751 C  C2    . A   B 2 6  ? -7.565  9.207   -2.517  1.00 48.14  ? 6208 A   C C2    1 
ATOM   752 N  N3    . A   B 2 6  ? -6.947  10.288  -2.995  1.00 48.61  ? 6208 A   C N3    1 
ATOM   753 C  C4    . A   B 2 6  ? -6.324  9.996   -4.151  1.00 47.61  ? 6208 A   C C4    1 
ATOM   754 P  P     . A   B 2 7  ? -0.580  11.938  -3.441  1.00 51.45  ? 6209 A   C P     1 
ATOM   755 O  OP1   . A   B 2 7  ? 0.500   12.850  -2.973  1.00 53.77  ? 6209 A   C OP1   1 
ATOM   756 O  OP2   . A   B 2 7  ? -0.277  10.907  -4.465  1.00 51.13  ? 6209 A   C OP2   1 
ATOM   757 O  "O5'" . A   B 2 7  ? -1.192  11.180  -2.183  1.00 51.89  ? 6209 A   C "O5'" 1 
ATOM   758 C  "C5'" . A   B 2 7  ? -1.729  11.905  -1.077  1.00 49.15  ? 6209 A   C "C5'" 1 
ATOM   759 C  "C4'" . A   B 2 7  ? -2.431  10.960  -0.135  1.00 47.67  ? 6209 A   C "C4'" 1 
ATOM   760 O  "O4'" . A   B 2 7  ? -3.685  10.513  -0.723  1.00 47.62  ? 6209 A   C "O4'" 1 
ATOM   761 C  "C3'" . A   B 2 7  ? -1.685  9.668   0.139   1.00 46.91  ? 6209 A   C "C3'" 1 
ATOM   762 O  "O3'" . A   B 2 7  ? -0.693  9.841   1.134   1.00 47.32  ? 6209 A   C "O3'" 1 
ATOM   763 C  "C2'" . A   B 2 7  ? -2.808  8.763   0.616   1.00 46.69  ? 6209 A   C "C2'" 1 
ATOM   764 O  "O2'" . A   B 2 7  ? -3.179  9.030   1.947   1.00 47.90  ? 6209 A   C "O2'" 1 
ATOM   765 C  "C1'" . A   B 2 7  ? -3.937  9.178   -0.331  1.00 46.78  ? 6209 A   C "C1'" 1 
ATOM   766 N  N9    . A   B 2 7  ? -3.952  8.347   -1.531  1.00 46.48  ? 6209 A   C N9    1 
ATOM   767 C  C8    . A   B 2 7  ? -3.496  8.651   -2.785  1.00 45.36  ? 6209 A   C C8    1 
ATOM   768 N  N7    . A   B 2 7  ? -3.627  7.670   -3.647  1.00 45.52  ? 6209 A   C N7    1 
ATOM   769 C  C5    . A   B 2 7  ? -4.223  6.657   -2.910  1.00 45.82  ? 6209 A   C C5    1 
ATOM   770 C  C6    . A   B 2 7  ? -4.643  5.358   -3.250  1.00 45.72  ? 6209 A   C C6    1 
ATOM   771 N  N6    . A   B 2 7  ? -4.507  4.835   -4.470  1.00 44.93  ? 6209 A   C N6    1 
ATOM   772 N  N1    . A   B 2 7  ? -5.214  4.607   -2.280  1.00 44.29  ? 6209 A   C N1    1 
ATOM   773 C  C2    . A   B 2 7  ? -5.340  5.134   -1.057  1.00 45.44  ? 6209 A   C C2    1 
ATOM   774 N  N3    . A   B 2 7  ? -4.981  6.340   -0.615  1.00 46.41  ? 6209 A   C N3    1 
ATOM   775 C  C4    . A   B 2 7  ? -4.428  7.061   -1.604  1.00 46.60  ? 6209 A   C C4    1 
ATOM   776 P  P     . U   B 2 8  ? 0.801   9.296   0.875   1.00 47.53  ? 6210 U   C P     1 
ATOM   777 O  OP1   . U   B 2 8  ? 1.699   10.477  0.917   1.00 46.72  ? 6210 U   C OP1   1 
ATOM   778 O  OP2   . U   B 2 8  ? 0.793   8.425   -0.324  1.00 45.25  ? 6210 U   C OP2   1 
ATOM   779 O  "O5'" . U   B 2 8  ? 1.095   8.378   2.147   1.00 47.31  ? 6210 U   C "O5'" 1 
ATOM   780 C  "C5'" . U   B 2 8  ? 0.242   7.283   2.488   1.00 46.17  ? 6210 U   C "C5'" 1 
ATOM   781 C  "C4'" . U   B 2 8  ? -0.037  7.308   3.965   1.00 46.90  ? 6210 U   C "C4'" 1 
ATOM   782 O  "O4'" . U   B 2 8  ? 1.197   7.072   4.666   1.00 47.28  ? 6210 U   C "O4'" 1 
ATOM   783 C  "C3'" . U   B 2 8  ? -0.539  8.665   4.424   1.00 47.42  ? 6210 U   C "C3'" 1 
ATOM   784 O  "O3'" . U   B 2 8  ? -1.984  8.757   4.353   1.00 48.83  ? 6210 U   C "O3'" 1 
ATOM   785 C  "C2'" . U   B 2 8  ? 0.150   8.953   5.760   1.00 46.65  ? 6210 U   C "C2'" 1 
ATOM   786 O  "O2'" . U   B 2 8  ? -0.671  8.807   6.896   1.00 46.75  ? 6210 U   C "O2'" 1 
ATOM   787 C  "C1'" . U   B 2 8  ? 1.301   7.940   5.775   1.00 47.70  ? 6210 U   C "C1'" 1 
ATOM   788 N  N1    . U   B 2 8  ? 2.686   8.429   5.836   1.00 49.52  ? 6210 U   C N1    1 
ATOM   789 C  C2    . U   B 2 8  ? 3.275   8.533   7.085   1.00 49.96  ? 6210 U   C C2    1 
ATOM   790 O  O2    . U   B 2 8  ? 2.668   8.345   8.122   1.00 49.49  ? 6210 U   C O2    1 
ATOM   791 N  N3    . U   B 2 8  ? 4.604   8.873   7.073   1.00 49.89  ? 6210 U   C N3    1 
ATOM   792 C  C4    . U   B 2 8  ? 5.384   9.138   5.966   1.00 51.05  ? 6210 U   C C4    1 
ATOM   793 O  O4    . U   B 2 8  ? 6.590   9.353   6.115   1.00 52.84  ? 6210 U   C O4    1 
ATOM   794 C  C5    . U   B 2 8  ? 4.689   9.066   4.711   1.00 49.66  ? 6210 U   C C5    1 
ATOM   795 C  C6    . U   B 2 8  ? 3.396   8.727   4.692   1.00 49.96  ? 6210 U   C C6    1 
ATOM   796 P  P     . U   B 2 9  ? -2.955  7.650   5.059   1.00 47.61  ? 6211 U   C P     1 
ATOM   797 O  OP1   . U   B 2 9  ? -2.327  6.977   6.209   1.00 49.83  ? 6211 U   C OP1   1 
ATOM   798 O  OP2   . U   B 2 9  ? -3.510  6.814   3.973   1.00 49.17  ? 6211 U   C OP2   1 
ATOM   799 O  "O5'" . U   B 2 9  ? -4.123  8.571   5.629   1.00 47.73  ? 6211 U   C "O5'" 1 
ATOM   800 C  "C5'" . U   B 2 9  ? -3.809  9.743   6.386   1.00 50.95  ? 6211 U   C "C5'" 1 
ATOM   801 C  "C4'" . U   B 2 9  ? -4.578  10.948  5.878   1.00 51.80  ? 6211 U   C "C4'" 1 
ATOM   802 O  "O4'" . U   B 2 9  ? -3.704  12.091  5.944   1.00 53.92  ? 6211 U   C "O4'" 1 
ATOM   803 C  "C3'" . U   B 2 9  ? -5.015  10.839  4.435   1.00 52.92  ? 6211 U   C "C3'" 1 
ATOM   804 O  "O3'" . U   B 2 9  ? -6.345  10.306  4.386   1.00 52.90  ? 6211 U   C "O3'" 1 
ATOM   805 C  "C2'" . U   B 2 9  ? -4.823  12.220  3.824   1.00 54.23  ? 6211 U   C "C2'" 1 
ATOM   806 O  "O2'" . U   B 2 9  ? -5.985  12.981  3.646   1.00 55.62  ? 6211 U   C "O2'" 1 
ATOM   807 C  "C1'" . U   B 2 9  ? -3.843  12.889  4.790   1.00 56.55  ? 6211 U   C "C1'" 1 
ATOM   808 N  N1    . U   B 2 9  ? -2.510  13.107  4.216   1.00 59.30  ? 6211 U   C N1    1 
ATOM   809 C  C2    . U   B 2 9  ? -1.989  14.389  4.257   1.00 61.63  ? 6211 U   C C2    1 
ATOM   810 O  O2    . U   B 2 9  ? -2.574  15.334  4.778   1.00 62.34  ? 6211 U   C O2    1 
ATOM   811 N  N3    . U   B 2 9  ? -0.758  14.526  3.669   1.00 63.11  ? 6211 U   C N3    1 
ATOM   812 C  C4    . U   B 2 9  ? -0.015  13.535  3.063   1.00 63.41  ? 6211 U   C C4    1 
ATOM   813 O  O4    . U   B 2 9  ? 1.057   13.821  2.531   1.00 65.70  ? 6211 U   C O4    1 
ATOM   814 C  C5    . U   B 2 9  ? -0.618  12.244  3.082   1.00 62.06  ? 6211 U   C C5    1 
ATOM   815 C  C6    . U   B 2 9  ? -1.813  12.079  3.646   1.00 60.56  ? 6211 U   C C6    1 
ATOM   816 P  P     . U   B 2 10 ? -7.620  11.142  4.955   1.00 50.78  ? 6212 U   C P     1 
ATOM   817 O  OP1   . U   B 2 10 ? -7.447  12.600  4.965   1.00 49.65  ? 6212 U   C OP1   1 
ATOM   818 O  OP2   . U   B 2 10 ? -8.071  10.469  6.198   1.00 51.87  ? 6212 U   C OP2   1 
ATOM   819 O  "O5'" . U   B 2 10 ? -8.695  10.830  3.833   1.00 51.48  ? 6212 U   C "O5'" 1 
ATOM   820 C  "C5'" . U   B 2 10 ? -8.405  11.121  2.472   1.00 51.17  ? 6212 U   C "C5'" 1 
ATOM   821 C  "C4'" . U   B 2 10 ? -8.702  9.930   1.594   1.00 51.18  ? 6212 U   C "C4'" 1 
ATOM   822 O  "O4'" . U   B 2 10 ? -7.588  9.008   1.547   1.00 51.27  ? 6212 U   C "O4'" 1 
ATOM   823 C  "C3'" . U   B 2 10 ? -9.847  9.053   2.030   1.00 51.40  ? 6212 U   C "C3'" 1 
ATOM   824 O  "O3'" . U   B 2 10 ? -11.090 9.675   1.752   1.00 54.05  ? 6212 U   C "O3'" 1 
ATOM   825 C  "C2'" . U   B 2 10 ? -9.591  7.794   1.209   1.00 50.85  ? 6212 U   C "C2'" 1 
ATOM   826 O  "O2'" . U   B 2 10 ? -9.956  7.941   -0.144  1.00 54.02  ? 6212 U   C "O2'" 1 
ATOM   827 C  "C1'" . U   B 2 10 ? -8.069  7.703   1.268   1.00 49.66  ? 6212 U   C "C1'" 1 
ATOM   828 N  N1    . U   B 2 10 ? -7.609  6.800   2.328   1.00 48.60  ? 6212 U   C N1    1 
ATOM   829 C  C2    . U   B 2 10 ? -7.730  5.454   2.104   1.00 48.52  ? 6212 U   C C2    1 
ATOM   830 O  O2    . U   B 2 10 ? -8.198  5.003   1.083   1.00 49.13  ? 6212 U   C O2    1 
ATOM   831 N  N3    . U   B 2 10 ? -7.287  4.656   3.126   1.00 47.89  ? 6212 U   C N3    1 
ATOM   832 C  C4    . U   B 2 10 ? -6.752  5.066   4.325   1.00 47.09  ? 6212 U   C C4    1 
ATOM   833 O  O4    . U   B 2 10 ? -6.428  4.225   5.162   1.00 48.15  ? 6212 U   C O4    1 
ATOM   834 C  C5    . U   B 2 10 ? -6.659  6.477   4.482   1.00 47.40  ? 6212 U   C C5    1 
ATOM   835 C  C6    . U   B 2 10 ? -7.080  7.279   3.501   1.00 48.36  ? 6212 U   C C6    1 
ATOM   836 P  P     . A   B 2 11 ? -12.373 9.294   2.635   1.00 57.07  ? 6213 A   C P     1 
ATOM   837 O  OP1   . A   B 2 11 ? -13.448 10.210  2.186   1.00 57.84  ? 6213 A   C OP1   1 
ATOM   838 O  OP2   . A   B 2 11 ? -12.002 9.254   4.072   1.00 55.51  ? 6213 A   C OP2   1 
ATOM   839 O  "O5'" . A   B 2 11 ? -12.721 7.820   2.135   1.00 56.02  ? 6213 A   C "O5'" 1 
ATOM   840 C  "C5'" . A   B 2 11 ? -13.066 7.598   0.770   1.00 52.33  ? 6213 A   C "C5'" 1 
ATOM   841 C  "C4'" . A   B 2 11 ? -13.288 6.134   0.511   1.00 50.77  ? 6213 A   C "C4'" 1 
ATOM   842 O  "O4'" . A   B 2 11 ? -12.038 5.427   0.664   1.00 49.98  ? 6213 A   C "O4'" 1 
ATOM   843 C  "C3'" . A   B 2 11 ? -14.208 5.411   1.472   1.00 51.47  ? 6213 A   C "C3'" 1 
ATOM   844 O  "O3'" . A   B 2 11 ? -15.567 5.657   1.149   1.00 54.38  ? 6213 A   C "O3'" 1 
ATOM   845 C  "C2'" . A   B 2 11 ? -13.810 3.956   1.253   1.00 50.50  ? 6213 A   C "C2'" 1 
ATOM   846 O  "O2'" . A   B 2 11 ? -14.399 3.361   0.114   1.00 49.48  ? 6213 A   C "O2'" 1 
ATOM   847 C  "C1'" . A   B 2 11 ? -12.299 4.085   1.038   1.00 49.70  ? 6213 A   C "C1'" 1 
ATOM   848 N  N9    . A   B 2 11 ? -11.521 3.775   2.236   1.00 48.96  ? 6213 A   C N9    1 
ATOM   849 C  C8    . A   B 2 11 ? -10.977 4.639   3.155   1.00 47.17  ? 6213 A   C C8    1 
ATOM   850 N  N7    . A   B 2 11 ? -10.337 4.035   4.128   1.00 47.02  ? 6213 A   C N7    1 
ATOM   851 C  C5    . A   B 2 11 ? -10.465 2.686   3.827   1.00 46.68  ? 6213 A   C C5    1 
ATOM   852 C  C6    . A   B 2 11 ? -10.010 1.521   4.473   1.00 46.88  ? 6213 A   C C6    1 
ATOM   853 N  N6    . A   B 2 11 ? -9.306  1.525   5.603   1.00 47.80  ? 6213 A   C N6    1 
ATOM   854 N  N1    . A   B 2 11 ? -10.310 0.332   3.911   1.00 46.56  ? 6213 A   C N1    1 
ATOM   855 C  C2    . A   B 2 11 ? -11.029 0.324   2.781   1.00 48.36  ? 6213 A   C C2    1 
ATOM   856 N  N3    . A   B 2 11 ? -11.516 1.349   2.083   1.00 46.76  ? 6213 A   C N3    1 
ATOM   857 C  C4    . A   B 2 11 ? -11.193 2.514   2.666   1.00 47.38  ? 6213 A   C C4    1 
ATOM   858 P  P     . C   B 2 12 ? -16.696 5.534   2.288   1.00 56.29  ? 6214 C   C P     1 
ATOM   859 O  OP1   . C   B 2 12 ? -17.986 5.791   1.609   1.00 58.38  ? 6214 C   C OP1   1 
ATOM   860 O  OP2   . C   B 2 12 ? -16.323 6.344   3.476   1.00 55.81  ? 6214 C   C OP2   1 
ATOM   861 O  "O5'" . C   B 2 12 ? -16.683 3.991   2.687   1.00 57.32  ? 6214 C   C "O5'" 1 
ATOM   862 C  "C5'" . C   B 2 12 ? -17.153 2.996   1.781   1.00 55.93  ? 6214 C   C "C5'" 1 
ATOM   863 C  "C4'" . C   B 2 12 ? -16.970 1.623   2.378   1.00 56.44  ? 6214 C   C "C4'" 1 
ATOM   864 O  "O4'" . C   B 2 12 ? -15.553 1.325   2.487   1.00 55.85  ? 6214 C   C "O4'" 1 
ATOM   865 C  "C3'" . C   B 2 12 ? -17.479 1.466   3.799   1.00 57.52  ? 6214 C   C "C3'" 1 
ATOM   866 O  "O3'" . C   B 2 12 ? -18.876 1.226   3.824   1.00 61.66  ? 6214 C   C "O3'" 1 
ATOM   867 C  "C2'" . C   B 2 12 ? -16.670 0.276   4.301   1.00 55.93  ? 6214 C   C "C2'" 1 
ATOM   868 O  "O2'" . C   B 2 12 ? -17.168 -0.981  3.894   1.00 56.04  ? 6214 C   C "O2'" 1 
ATOM   869 C  "C1'" . C   B 2 12 ? -15.315 0.540   3.647   1.00 53.40  ? 6214 C   C "C1'" 1 
ATOM   870 N  N1    . C   B 2 12 ? -14.429 1.292   4.544   1.00 48.93  ? 6214 C   C N1    1 
ATOM   871 C  C2    . C   B 2 12 ? -13.546 0.583   5.367   1.00 46.72  ? 6214 C   C C2    1 
ATOM   872 O  O2    . C   B 2 12 ? -13.489 -0.650  5.263   1.00 42.19  ? 6214 C   C O2    1 
ATOM   873 N  N3    . C   B 2 12 ? -12.772 1.261   6.246   1.00 45.98  ? 6214 C   C N3    1 
ATOM   874 C  C4    . C   B 2 12 ? -12.837 2.597   6.299   1.00 47.27  ? 6214 C   C C4    1 
ATOM   875 N  N4    . C   B 2 12 ? -12.061 3.225   7.181   1.00 47.02  ? 6214 C   C N4    1 
ATOM   876 C  C5    . C   B 2 12 ? -13.706 3.347   5.449   1.00 47.46  ? 6214 C   C C5    1 
ATOM   877 C  C6    . C   B 2 12 ? -14.477 2.658   4.595   1.00 48.01  ? 6214 C   C C6    1 
ATOM   878 P  P     . C   B 2 13 ? -19.721 1.561   5.153   1.00 64.51  ? 6215 C   C P     1 
ATOM   879 O  OP1   . C   B 2 13 ? -21.123 1.214   4.807   1.00 66.41  ? 6215 C   C OP1   1 
ATOM   880 O  OP2   . C   B 2 13 ? -19.405 2.934   5.627   1.00 63.78  ? 6215 C   C OP2   1 
ATOM   881 O  "O5'" . C   B 2 13 ? -19.191 0.499   6.221   1.00 61.82  ? 6215 C   C "O5'" 1 
ATOM   882 C  "C5'" . C   B 2 13 ? -19.394 -0.888  5.997   1.00 60.89  ? 6215 C   C "C5'" 1 
ATOM   883 C  "C4'" . C   B 2 13 ? -18.572 -1.716  6.952   1.00 59.41  ? 6215 C   C "C4'" 1 
ATOM   884 O  "O4'" . C   B 2 13 ? -17.175 -1.361  6.822   1.00 58.62  ? 6215 C   C "O4'" 1 
ATOM   885 C  "C3'" . C   B 2 13 ? -18.837 -1.553  8.435   1.00 59.31  ? 6215 C   C "C3'" 1 
ATOM   886 O  "O3'" . C   B 2 13 ? -19.943 -2.351  8.821   1.00 60.71  ? 6215 C   C "O3'" 1 
ATOM   887 C  "C2'" . C   B 2 13 ? -17.558 -2.120  9.040   1.00 57.29  ? 6215 C   C "C2'" 1 
ATOM   888 O  "O2'" . C   B 2 13 ? -17.564 -3.532  9.045   1.00 56.97  ? 6215 C   C "O2'" 1 
ATOM   889 C  "C1'" . C   B 2 13 ? -16.505 -1.628  8.046   1.00 55.39  ? 6215 C   C "C1'" 1 
ATOM   890 N  N1    . C   B 2 13 ? -15.794 -0.409  8.468   1.00 51.90  ? 6215 C   C N1    1 
ATOM   891 C  C2    . C   B 2 13 ? -14.763 -0.527  9.393   1.00 50.38  ? 6215 C   C C2    1 
ATOM   892 O  O2    . C   B 2 13 ? -14.485 -1.649  9.841   1.00 50.86  ? 6215 C   C O2    1 
ATOM   893 N  N3    . C   B 2 13 ? -14.093 0.581   9.777   1.00 48.91  ? 6215 C   C N3    1 
ATOM   894 C  C4    . C   B 2 13 ? -14.422 1.767   9.271   1.00 48.80  ? 6215 C   C C4    1 
ATOM   895 N  N4    . C   B 2 13 ? -13.736 2.831   9.683   1.00 49.51  ? 6215 C   C N4    1 
ATOM   896 C  C5    . C   B 2 13 ? -15.470 1.918   8.324   1.00 49.15  ? 6215 C   C C5    1 
ATOM   897 C  C6    . C   B 2 13 ? -16.126 0.814   7.955   1.00 50.35  ? 6215 C   C C6    1 
ATOM   898 P  P     . U   B 2 14 ? -20.767 -1.983  10.150  1.00 62.34  ? 6216 U   C P     1 
ATOM   899 O  OP1   . U   B 2 14 ? -21.952 -2.881  10.162  1.00 63.28  ? 6216 U   C OP1   1 
ATOM   900 O  OP2   . U   B 2 14 ? -20.962 -0.500  10.167  1.00 60.30  ? 6216 U   C OP2   1 
ATOM   901 O  "O5'" . U   B 2 14 ? -19.816 -2.437  11.353  1.00 59.92  ? 6216 U   C "O5'" 1 
ATOM   902 C  "C5'" . U   B 2 14 ? -19.771 -3.799  11.778  1.00 58.77  ? 6216 U   C "C5'" 1 
ATOM   903 C  "C4'" . U   B 2 14 ? -18.795 -3.968  12.928  1.00 57.44  ? 6216 U   C "C4'" 1 
ATOM   904 O  "O4'" . U   B 2 14 ? -17.500 -3.457  12.510  1.00 57.02  ? 6216 U   C "O4'" 1 
ATOM   905 C  "C3'" . U   B 2 14 ? -19.086 -3.215  14.227  1.00 58.52  ? 6216 U   C "C3'" 1 
ATOM   906 O  "O3'" . U   B 2 14 ? -20.086 -3.773  15.140  1.00 57.69  ? 6216 U   C "O3'" 1 
ATOM   907 C  "C2'" . U   B 2 14 ? -17.698 -3.129  14.864  1.00 57.46  ? 6216 U   C "C2'" 1 
ATOM   908 O  "O2'" . U   B 2 14 ? -17.309 -4.319  15.541  1.00 58.23  ? 6216 U   C "O2'" 1 
ATOM   909 C  "C1'" . U   B 2 14 ? -16.813 -2.912  13.630  1.00 54.24  ? 6216 U   C "C1'" 1 
ATOM   910 N  N1    . U   B 2 14 ? -16.513 -1.500  13.337  1.00 49.12  ? 6216 U   C N1    1 
ATOM   911 C  C2    . U   B 2 14 ? -15.368 -0.940  13.893  1.00 46.67  ? 6216 U   C C2    1 
ATOM   912 O  O2    . U   B 2 14 ? -14.622 -1.557  14.651  1.00 46.72  ? 6216 U   C O2    1 
ATOM   913 N  N3    . U   B 2 14 ? -15.130 0.363   13.532  1.00 41.77  ? 6216 U   C N3    1 
ATOM   914 C  C4    . U   B 2 14 ? -15.901 1.142   12.704  1.00 42.33  ? 6216 U   C C4    1 
ATOM   915 O  O4    . U   B 2 14 ? -15.521 2.266   12.411  1.00 41.13  ? 6216 U   C O4    1 
ATOM   916 C  C5    . U   B 2 14 ? -17.070 0.505   12.200  1.00 44.50  ? 6216 U   C C5    1 
ATOM   917 C  C6    . U   B 2 14 ? -17.332 -0.762  12.526  1.00 46.15  ? 6216 U   C C6    1 
HETATM 918 SE SE    . SE4 C 3 .  ? 11.275  -1.133  8.195   1.00 89.73  ? 100  SE4 B SE    1 
HETATM 919 O  O1    . SE4 C 3 .  ? 10.812  -0.364  7.005   1.00 88.95  ? 100  SE4 B O1    1 
HETATM 920 O  O2    . SE4 C 3 .  ? 11.105  -0.305  9.414   1.00 90.68  ? 100  SE4 B O2    1 
HETATM 921 O  O3    . SE4 C 3 .  ? 10.488  -2.387  8.336   1.00 88.93  ? 100  SE4 B O3    1 
HETATM 922 O  O4    . SE4 C 3 .  ? 12.709  -1.478  8.036   1.00 88.63  ? 100  SE4 B O4    1 
HETATM 923 SE SE    . SE4 D 3 .  ? 20.126  -7.573  -10.777 1.00 98.90  ? 103  SE4 B SE    1 
HETATM 924 O  O1    . SE4 D 3 .  ? 19.791  -6.138  -10.568 1.00 98.15  ? 103  SE4 B O1    1 
HETATM 925 O  O2    . SE4 D 3 .  ? 21.523  -7.798  -10.320 1.00 99.37  ? 103  SE4 B O2    1 
HETATM 926 O  O3    . SE4 D 3 .  ? 19.205  -8.429  -9.979  1.00 97.91  ? 103  SE4 B O3    1 
HETATM 927 O  O4    . SE4 D 3 .  ? 19.998  -7.916  -12.222 1.00 96.96  ? 103  SE4 B O4    1 
HETATM 928 SE SE    . SE4 E 3 .  ? -13.620 7.320   9.291   1.00 97.02  ? 101  SE4 C SE    1 
HETATM 929 O  O1    . SE4 E 3 .  ? -13.988 8.190   8.137   1.00 96.62  ? 101  SE4 C O1    1 
HETATM 930 O  O2    . SE4 E 3 .  ? -13.702 8.103   10.557  1.00 97.50  ? 101  SE4 C O2    1 
HETATM 931 O  O3    . SE4 E 3 .  ? -14.551 6.163   9.365   1.00 96.21  ? 101  SE4 C O3    1 
HETATM 932 O  O4    . SE4 E 3 .  ? -12.235 6.812   9.099   1.00 95.66  ? 101  SE4 C O4    1 
HETATM 933 SE SE    . SE4 F 3 .  ? -12.632 15.135  -7.138  1.00 99.64  ? 102  SE4 C SE    1 
HETATM 934 O  O1    . SE4 F 3 .  ? -11.467 15.352  -8.036  1.00 98.80  ? 102  SE4 C O1    1 
HETATM 935 O  O2    . SE4 F 3 .  ? -13.012 16.432  -6.510  1.00 100.48 ? 102  SE4 C O2    1 
HETATM 936 O  O3    . SE4 F 3 .  ? -13.786 14.595  -7.920  1.00 98.33  ? 102  SE4 C O3    1 
HETATM 937 O  O4    . SE4 F 3 .  ? -12.267 14.170  -6.073  1.00 97.78  ? 102  SE4 C O4    1 
# 
loop_
_pdbx_poly_seq_scheme.asym_id 
_pdbx_poly_seq_scheme.entity_id 
_pdbx_poly_seq_scheme.seq_id 
_pdbx_poly_seq_scheme.mon_id 
_pdbx_poly_seq_scheme.ndb_seq_num 
_pdbx_poly_seq_scheme.pdb_seq_num 
_pdbx_poly_seq_scheme.auth_seq_num 
_pdbx_poly_seq_scheme.pdb_mon_id 
_pdbx_poly_seq_scheme.auth_mon_id 
_pdbx_poly_seq_scheme.pdb_strand_id 
_pdbx_poly_seq_scheme.pdb_ins_code 
_pdbx_poly_seq_scheme.hetero 
A 1 1  G 1  6174 6174 G G B . n 
A 1 2  G 2  6175 6175 G G B . n 
A 1 3  U 3  6176 6176 U U B . n 
A 1 4  U 4  6177 6177 U U B . n 
A 1 5  A 5  6178 6178 A A B . n 
A 1 6  U 6  6179 6179 U U B . n 
A 1 7  U 7  6180 6180 U U B . n 
A 1 8  C 8  6181 6181 C C B . n 
A 1 9  A 9  6182 6182 A A B . n 
A 1 10 G 10 6183 6183 G G B . n 
A 1 11 A 11 6184 6184 A A B . n 
A 1 12 U 12 6185 6185 U U B . n 
A 1 13 U 13 6186 6186 U U B . n 
A 1 14 A 14 6187 6187 A A B . n 
A 1 15 G 15 6188 6188 G G B . n 
A 1 16 G 16 6189 6189 G G B . n 
A 1 17 U 17 6190 6190 U U B . n 
A 1 18 A 18 6191 6191 A A B . n 
A 1 19 G 19 6192 6192 G G B . n 
A 1 20 U 20 6193 6193 U U B . n 
A 1 21 C 21 6194 6194 C C B . n 
A 1 22 G 22 6195 6195 G G B . n 
A 1 23 A 23 6196 6196 A A B . n 
A 1 24 A 24 6197 6197 A A B . n 
A 1 25 U 25 6198 6198 U U B . n 
A 1 26 G 26 6199 6199 G G B . n 
A 1 27 A 27 6200 6200 A A B . n 
A 1 28 C 28 6201 6201 C C B . n 
A 1 29 C 29 6202 6202 C C B . n 
B 2 1  U 1  6203 6203 U U C . n 
B 2 2  A 2  6204 6204 A A C . n 
B 2 3  A 3  6205 6205 A A C . n 
B 2 4  G 4  6206 6206 G G C . n 
B 2 5  A 5  6207 6207 A A C . n 
B 2 6  A 6  6208 6208 A A C . n 
B 2 7  A 7  6209 6209 A A C . n 
B 2 8  U 8  6210 6210 U U C . n 
B 2 9  U 9  6211 6211 U U C . n 
B 2 10 U 10 6212 6212 U U C . n 
B 2 11 A 11 6213 6213 A A C . n 
B 2 12 C 12 6214 6214 C C C . n 
B 2 13 C 13 6215 6215 C C C . n 
B 2 14 U 14 6216 6216 U U C . n 
# 
loop_
_pdbx_nonpoly_scheme.asym_id 
_pdbx_nonpoly_scheme.entity_id 
_pdbx_nonpoly_scheme.mon_id 
_pdbx_nonpoly_scheme.ndb_seq_num 
_pdbx_nonpoly_scheme.pdb_seq_num 
_pdbx_nonpoly_scheme.auth_seq_num 
_pdbx_nonpoly_scheme.pdb_mon_id 
_pdbx_nonpoly_scheme.auth_mon_id 
_pdbx_nonpoly_scheme.pdb_strand_id 
_pdbx_nonpoly_scheme.pdb_ins_code 
C 3 SE4 1 100 100 SE4 SE4 B . 
D 3 SE4 1 103 103 SE4 SE4 B . 
E 3 SE4 1 101 101 SE4 SE4 C . 
F 3 SE4 1 102 102 SE4 SE4 C . 
# 
_pdbx_struct_assembly.id                   1 
_pdbx_struct_assembly.details              author_defined_assembly 
_pdbx_struct_assembly.method_details       ? 
_pdbx_struct_assembly.oligomeric_details   dimeric 
_pdbx_struct_assembly.oligomeric_count     2 
# 
_pdbx_struct_assembly_gen.assembly_id       1 
_pdbx_struct_assembly_gen.oper_expression   1 
_pdbx_struct_assembly_gen.asym_id_list      A,B,C,D,E,F 
# 
_pdbx_struct_oper_list.id                   1 
_pdbx_struct_oper_list.type                 'identity operation' 
_pdbx_struct_oper_list.name                 1_555 
_pdbx_struct_oper_list.symmetry_operation   x,y,z 
_pdbx_struct_oper_list.matrix[1][1]         1.0000000000 
_pdbx_struct_oper_list.matrix[1][2]         0.0000000000 
_pdbx_struct_oper_list.matrix[1][3]         0.0000000000 
_pdbx_struct_oper_list.vector[1]            0.0000000000 
_pdbx_struct_oper_list.matrix[2][1]         0.0000000000 
_pdbx_struct_oper_list.matrix[2][2]         1.0000000000 
_pdbx_struct_oper_list.matrix[2][3]         0.0000000000 
_pdbx_struct_oper_list.vector[2]            0.0000000000 
_pdbx_struct_oper_list.matrix[3][1]         0.0000000000 
_pdbx_struct_oper_list.matrix[3][2]         0.0000000000 
_pdbx_struct_oper_list.matrix[3][3]         1.0000000000 
_pdbx_struct_oper_list.vector[3]            0.0000000000 
# 
loop_
_pdbx_audit_revision_history.ordinal 
_pdbx_audit_revision_history.data_content_type 
_pdbx_audit_revision_history.major_revision 
_pdbx_audit_revision_history.minor_revision 
_pdbx_audit_revision_history.revision_date 
1 'Structure model' 1 0 2010-05-19 
2 'Structure model' 1 1 2011-07-13 
3 'Structure model' 1 2 2023-09-06 
# 
_pdbx_audit_revision_details.ordinal             1 
_pdbx_audit_revision_details.revision_ordinal    1 
_pdbx_audit_revision_details.data_content_type   'Structure model' 
_pdbx_audit_revision_details.provider            repository 
_pdbx_audit_revision_details.type                'Initial release' 
_pdbx_audit_revision_details.description         ? 
_pdbx_audit_revision_details.details             ? 
# 
loop_
_pdbx_audit_revision_group.ordinal 
_pdbx_audit_revision_group.revision_ordinal 
_pdbx_audit_revision_group.data_content_type 
_pdbx_audit_revision_group.group 
1 2 'Structure model' 'Version format compliance' 
2 3 'Structure model' 'Data collection'           
3 3 'Structure model' 'Database references'       
4 3 'Structure model' 'Derived calculations'      
5 3 'Structure model' 'Refinement description'    
# 
loop_
_pdbx_audit_revision_category.ordinal 
_pdbx_audit_revision_category.revision_ordinal 
_pdbx_audit_revision_category.data_content_type 
_pdbx_audit_revision_category.category 
1 3 'Structure model' chem_comp_atom                
2 3 'Structure model' chem_comp_bond                
3 3 'Structure model' database_2                    
4 3 'Structure model' pdbx_initial_refinement_model 
5 3 'Structure model' struct_site                   
# 
loop_
_pdbx_audit_revision_item.ordinal 
_pdbx_audit_revision_item.revision_ordinal 
_pdbx_audit_revision_item.data_content_type 
_pdbx_audit_revision_item.item 
1 3 'Structure model' '_database_2.pdbx_DOI'                
2 3 'Structure model' '_database_2.pdbx_database_accession' 
3 3 'Structure model' '_struct_site.pdbx_auth_asym_id'      
4 3 'Structure model' '_struct_site.pdbx_auth_comp_id'      
5 3 'Structure model' '_struct_site.pdbx_auth_seq_id'       
# 
loop_
_software.pdbx_ordinal 
_software.name 
_software.version 
_software.date 
_software.type 
_software.contact_author 
_software.contact_author_email 
_software.classification 
_software.location 
_software.language 
_software.citation_id 
1 CNS         .     ?               package 'Axel T. Brunger' axel.brunger@yale.edu refinement        http://cns-online.org/ 
Fortran_77 ? 
2 PDB_EXTRACT 3.100 'Jan. 22, 2010' package PDB               help@deposit.rcsb.org 'data extraction' 
http://sw-tools.pdb.org/apps/PDB_EXTRACT/ C++        ? 
# 
loop_
_pdbx_validate_rmsd_bond.id 
_pdbx_validate_rmsd_bond.PDB_model_num 
_pdbx_validate_rmsd_bond.auth_atom_id_1 
_pdbx_validate_rmsd_bond.auth_asym_id_1 
_pdbx_validate_rmsd_bond.auth_comp_id_1 
_pdbx_validate_rmsd_bond.auth_seq_id_1 
_pdbx_validate_rmsd_bond.PDB_ins_code_1 
_pdbx_validate_rmsd_bond.label_alt_id_1 
_pdbx_validate_rmsd_bond.auth_atom_id_2 
_pdbx_validate_rmsd_bond.auth_asym_id_2 
_pdbx_validate_rmsd_bond.auth_comp_id_2 
_pdbx_validate_rmsd_bond.auth_seq_id_2 
_pdbx_validate_rmsd_bond.PDB_ins_code_2 
_pdbx_validate_rmsd_bond.label_alt_id_2 
_pdbx_validate_rmsd_bond.bond_value 
_pdbx_validate_rmsd_bond.bond_target_value 
_pdbx_validate_rmsd_bond.bond_deviation 
_pdbx_validate_rmsd_bond.bond_standard_deviation 
_pdbx_validate_rmsd_bond.linker_flag 
1 1 P B G 6174 ? ? OP3 B G 6174 ? ? 1.529 1.607 -0.078 0.012 N 
2 1 P C U 6203 ? ? OP3 C U 6203 ? ? 1.521 1.607 -0.086 0.012 N 
# 
_pdbx_validate_planes.id              1 
_pdbx_validate_planes.PDB_model_num   1 
_pdbx_validate_planes.auth_comp_id    U 
_pdbx_validate_planes.auth_asym_id    B 
_pdbx_validate_planes.auth_seq_id     6180 
_pdbx_validate_planes.PDB_ins_code    ? 
_pdbx_validate_planes.label_alt_id    ? 
_pdbx_validate_planes.rmsd            0.072 
_pdbx_validate_planes.type            'SIDE CHAIN' 
# 
loop_
_chem_comp_atom.comp_id 
_chem_comp_atom.atom_id 
_chem_comp_atom.type_symbol 
_chem_comp_atom.pdbx_aromatic_flag 
_chem_comp_atom.pdbx_stereo_config 
_chem_comp_atom.pdbx_ordinal 
A   OP3    O  N N 1   
A   P      P  N N 2   
A   OP1    O  N N 3   
A   OP2    O  N N 4   
A   "O5'"  O  N N 5   
A   "C5'"  C  N N 6   
A   "C4'"  C  N R 7   
A   "O4'"  O  N N 8   
A   "C3'"  C  N S 9   
A   "O3'"  O  N N 10  
A   "C2'"  C  N R 11  
A   "O2'"  O  N N 12  
A   "C1'"  C  N R 13  
A   N9     N  Y N 14  
A   C8     C  Y N 15  
A   N7     N  Y N 16  
A   C5     C  Y N 17  
A   C6     C  Y N 18  
A   N6     N  N N 19  
A   N1     N  Y N 20  
A   C2     C  Y N 21  
A   N3     N  Y N 22  
A   C4     C  Y N 23  
A   HOP3   H  N N 24  
A   HOP2   H  N N 25  
A   "H5'"  H  N N 26  
A   "H5''" H  N N 27  
A   "H4'"  H  N N 28  
A   "H3'"  H  N N 29  
A   "HO3'" H  N N 30  
A   "H2'"  H  N N 31  
A   "HO2'" H  N N 32  
A   "H1'"  H  N N 33  
A   H8     H  N N 34  
A   H61    H  N N 35  
A   H62    H  N N 36  
A   H2     H  N N 37  
C   OP3    O  N N 38  
C   P      P  N N 39  
C   OP1    O  N N 40  
C   OP2    O  N N 41  
C   "O5'"  O  N N 42  
C   "C5'"  C  N N 43  
C   "C4'"  C  N R 44  
C   "O4'"  O  N N 45  
C   "C3'"  C  N S 46  
C   "O3'"  O  N N 47  
C   "C2'"  C  N R 48  
C   "O2'"  O  N N 49  
C   "C1'"  C  N R 50  
C   N1     N  N N 51  
C   C2     C  N N 52  
C   O2     O  N N 53  
C   N3     N  N N 54  
C   C4     C  N N 55  
C   N4     N  N N 56  
C   C5     C  N N 57  
C   C6     C  N N 58  
C   HOP3   H  N N 59  
C   HOP2   H  N N 60  
C   "H5'"  H  N N 61  
C   "H5''" H  N N 62  
C   "H4'"  H  N N 63  
C   "H3'"  H  N N 64  
C   "HO3'" H  N N 65  
C   "H2'"  H  N N 66  
C   "HO2'" H  N N 67  
C   "H1'"  H  N N 68  
C   H41    H  N N 69  
C   H42    H  N N 70  
C   H5     H  N N 71  
C   H6     H  N N 72  
G   OP3    O  N N 73  
G   P      P  N N 74  
G   OP1    O  N N 75  
G   OP2    O  N N 76  
G   "O5'"  O  N N 77  
G   "C5'"  C  N N 78  
G   "C4'"  C  N R 79  
G   "O4'"  O  N N 80  
G   "C3'"  C  N S 81  
G   "O3'"  O  N N 82  
G   "C2'"  C  N R 83  
G   "O2'"  O  N N 84  
G   "C1'"  C  N R 85  
G   N9     N  Y N 86  
G   C8     C  Y N 87  
G   N7     N  Y N 88  
G   C5     C  Y N 89  
G   C6     C  N N 90  
G   O6     O  N N 91  
G   N1     N  N N 92  
G   C2     C  N N 93  
G   N2     N  N N 94  
G   N3     N  N N 95  
G   C4     C  Y N 96  
G   HOP3   H  N N 97  
G   HOP2   H  N N 98  
G   "H5'"  H  N N 99  
G   "H5''" H  N N 100 
G   "H4'"  H  N N 101 
G   "H3'"  H  N N 102 
G   "HO3'" H  N N 103 
G   "H2'"  H  N N 104 
G   "HO2'" H  N N 105 
G   "H1'"  H  N N 106 
G   H8     H  N N 107 
G   H1     H  N N 108 
G   H21    H  N N 109 
G   H22    H  N N 110 
SE4 SE     SE N N 111 
SE4 O1     O  N N 112 
SE4 O2     O  N N 113 
SE4 O3     O  N N 114 
SE4 O4     O  N N 115 
U   OP3    O  N N 116 
U   P      P  N N 117 
U   OP1    O  N N 118 
U   OP2    O  N N 119 
U   "O5'"  O  N N 120 
U   "C5'"  C  N N 121 
U   "C4'"  C  N R 122 
U   "O4'"  O  N N 123 
U   "C3'"  C  N S 124 
U   "O3'"  O  N N 125 
U   "C2'"  C  N R 126 
U   "O2'"  O  N N 127 
U   "C1'"  C  N R 128 
U   N1     N  N N 129 
U   C2     C  N N 130 
U   O2     O  N N 131 
U   N3     N  N N 132 
U   C4     C  N N 133 
U   O4     O  N N 134 
U   C5     C  N N 135 
U   C6     C  N N 136 
U   HOP3   H  N N 137 
U   HOP2   H  N N 138 
U   "H5'"  H  N N 139 
U   "H5''" H  N N 140 
U   "H4'"  H  N N 141 
U   "H3'"  H  N N 142 
U   "HO3'" H  N N 143 
U   "H2'"  H  N N 144 
U   "HO2'" H  N N 145 
U   "H1'"  H  N N 146 
U   H3     H  N N 147 
U   H5     H  N N 148 
U   H6     H  N N 149 
# 
loop_
_chem_comp_bond.comp_id 
_chem_comp_bond.atom_id_1 
_chem_comp_bond.atom_id_2 
_chem_comp_bond.value_order 
_chem_comp_bond.pdbx_aromatic_flag 
_chem_comp_bond.pdbx_stereo_config 
_chem_comp_bond.pdbx_ordinal 
A   OP3   P      sing N N 1   
A   OP3   HOP3   sing N N 2   
A   P     OP1    doub N N 3   
A   P     OP2    sing N N 4   
A   P     "O5'"  sing N N 5   
A   OP2   HOP2   sing N N 6   
A   "O5'" "C5'"  sing N N 7   
A   "C5'" "C4'"  sing N N 8   
A   "C5'" "H5'"  sing N N 9   
A   "C5'" "H5''" sing N N 10  
A   "C4'" "O4'"  sing N N 11  
A   "C4'" "C3'"  sing N N 12  
A   "C4'" "H4'"  sing N N 13  
A   "O4'" "C1'"  sing N N 14  
A   "C3'" "O3'"  sing N N 15  
A   "C3'" "C2'"  sing N N 16  
A   "C3'" "H3'"  sing N N 17  
A   "O3'" "HO3'" sing N N 18  
A   "C2'" "O2'"  sing N N 19  
A   "C2'" "C1'"  sing N N 20  
A   "C2'" "H2'"  sing N N 21  
A   "O2'" "HO2'" sing N N 22  
A   "C1'" N9     sing N N 23  
A   "C1'" "H1'"  sing N N 24  
A   N9    C8     sing Y N 25  
A   N9    C4     sing Y N 26  
A   C8    N7     doub Y N 27  
A   C8    H8     sing N N 28  
A   N7    C5     sing Y N 29  
A   C5    C6     sing Y N 30  
A   C5    C4     doub Y N 31  
A   C6    N6     sing N N 32  
A   C6    N1     doub Y N 33  
A   N6    H61    sing N N 34  
A   N6    H62    sing N N 35  
A   N1    C2     sing Y N 36  
A   C2    N3     doub Y N 37  
A   C2    H2     sing N N 38  
A   N3    C4     sing Y N 39  
C   OP3   P      sing N N 40  
C   OP3   HOP3   sing N N 41  
C   P     OP1    doub N N 42  
C   P     OP2    sing N N 43  
C   P     "O5'"  sing N N 44  
C   OP2   HOP2   sing N N 45  
C   "O5'" "C5'"  sing N N 46  
C   "C5'" "C4'"  sing N N 47  
C   "C5'" "H5'"  sing N N 48  
C   "C5'" "H5''" sing N N 49  
C   "C4'" "O4'"  sing N N 50  
C   "C4'" "C3'"  sing N N 51  
C   "C4'" "H4'"  sing N N 52  
C   "O4'" "C1'"  sing N N 53  
C   "C3'" "O3'"  sing N N 54  
C   "C3'" "C2'"  sing N N 55  
C   "C3'" "H3'"  sing N N 56  
C   "O3'" "HO3'" sing N N 57  
C   "C2'" "O2'"  sing N N 58  
C   "C2'" "C1'"  sing N N 59  
C   "C2'" "H2'"  sing N N 60  
C   "O2'" "HO2'" sing N N 61  
C   "C1'" N1     sing N N 62  
C   "C1'" "H1'"  sing N N 63  
C   N1    C2     sing N N 64  
C   N1    C6     sing N N 65  
C   C2    O2     doub N N 66  
C   C2    N3     sing N N 67  
C   N3    C4     doub N N 68  
C   C4    N4     sing N N 69  
C   C4    C5     sing N N 70  
C   N4    H41    sing N N 71  
C   N4    H42    sing N N 72  
C   C5    C6     doub N N 73  
C   C5    H5     sing N N 74  
C   C6    H6     sing N N 75  
G   OP3   P      sing N N 76  
G   OP3   HOP3   sing N N 77  
G   P     OP1    doub N N 78  
G   P     OP2    sing N N 79  
G   P     "O5'"  sing N N 80  
G   OP2   HOP2   sing N N 81  
G   "O5'" "C5'"  sing N N 82  
G   "C5'" "C4'"  sing N N 83  
G   "C5'" "H5'"  sing N N 84  
G   "C5'" "H5''" sing N N 85  
G   "C4'" "O4'"  sing N N 86  
G   "C4'" "C3'"  sing N N 87  
G   "C4'" "H4'"  sing N N 88  
G   "O4'" "C1'"  sing N N 89  
G   "C3'" "O3'"  sing N N 90  
G   "C3'" "C2'"  sing N N 91  
G   "C3'" "H3'"  sing N N 92  
G   "O3'" "HO3'" sing N N 93  
G   "C2'" "O2'"  sing N N 94  
G   "C2'" "C1'"  sing N N 95  
G   "C2'" "H2'"  sing N N 96  
G   "O2'" "HO2'" sing N N 97  
G   "C1'" N9     sing N N 98  
G   "C1'" "H1'"  sing N N 99  
G   N9    C8     sing Y N 100 
G   N9    C4     sing Y N 101 
G   C8    N7     doub Y N 102 
G   C8    H8     sing N N 103 
G   N7    C5     sing Y N 104 
G   C5    C6     sing N N 105 
G   C5    C4     doub Y N 106 
G   C6    O6     doub N N 107 
G   C6    N1     sing N N 108 
G   N1    C2     sing N N 109 
G   N1    H1     sing N N 110 
G   C2    N2     sing N N 111 
G   C2    N3     doub N N 112 
G   N2    H21    sing N N 113 
G   N2    H22    sing N N 114 
G   N3    C4     sing N N 115 
SE4 SE    O1     doub N N 116 
SE4 SE    O2     doub N N 117 
SE4 SE    O3     sing N N 118 
SE4 SE    O4     sing N N 119 
U   OP3   P      sing N N 120 
U   OP3   HOP3   sing N N 121 
U   P     OP1    doub N N 122 
U   P     OP2    sing N N 123 
U   P     "O5'"  sing N N 124 
U   OP2   HOP2   sing N N 125 
U   "O5'" "C5'"  sing N N 126 
U   "C5'" "C4'"  sing N N 127 
U   "C5'" "H5'"  sing N N 128 
U   "C5'" "H5''" sing N N 129 
U   "C4'" "O4'"  sing N N 130 
U   "C4'" "C3'"  sing N N 131 
U   "C4'" "H4'"  sing N N 132 
U   "O4'" "C1'"  sing N N 133 
U   "C3'" "O3'"  sing N N 134 
U   "C3'" "C2'"  sing N N 135 
U   "C3'" "H3'"  sing N N 136 
U   "O3'" "HO3'" sing N N 137 
U   "C2'" "O2'"  sing N N 138 
U   "C2'" "C1'"  sing N N 139 
U   "C2'" "H2'"  sing N N 140 
U   "O2'" "HO2'" sing N N 141 
U   "C1'" N1     sing N N 142 
U   "C1'" "H1'"  sing N N 143 
U   N1    C2     sing N N 144 
U   N1    C6     sing N N 145 
U   C2    O2     doub N N 146 
U   C2    N3     sing N N 147 
U   N3    C4     sing N N 148 
U   N3    H3     sing N N 149 
U   C4    O4     doub N N 150 
U   C4    C5     sing N N 151 
U   C5    C6     doub N N 152 
U   C5    H5     sing N N 153 
U   C6    H6     sing N N 154 
# 
loop_
_ndb_struct_conf_na.entry_id 
_ndb_struct_conf_na.feature 
3MJA 'double helix'         
3MJA 'a-form double helix'  
3MJA 'bulge loop'           
3MJA 'mismatched base pair' 
# 
loop_
_ndb_struct_na_base_pair.model_number 
_ndb_struct_na_base_pair.i_label_asym_id 
_ndb_struct_na_base_pair.i_label_comp_id 
_ndb_struct_na_base_pair.i_label_seq_id 
_ndb_struct_na_base_pair.i_symmetry 
_ndb_struct_na_base_pair.j_label_asym_id 
_ndb_struct_na_base_pair.j_label_comp_id 
_ndb_struct_na_base_pair.j_label_seq_id 
_ndb_struct_na_base_pair.j_symmetry 
_ndb_struct_na_base_pair.shear 
_ndb_struct_na_base_pair.stretch 
_ndb_struct_na_base_pair.stagger 
_ndb_struct_na_base_pair.buckle 
_ndb_struct_na_base_pair.propeller 
_ndb_struct_na_base_pair.opening 
_ndb_struct_na_base_pair.pair_number 
_ndb_struct_na_base_pair.pair_name 
_ndb_struct_na_base_pair.i_auth_asym_id 
_ndb_struct_na_base_pair.i_auth_seq_id 
_ndb_struct_na_base_pair.i_PDB_ins_code 
_ndb_struct_na_base_pair.j_auth_asym_id 
_ndb_struct_na_base_pair.j_auth_seq_id 
_ndb_struct_na_base_pair.j_PDB_ins_code 
_ndb_struct_na_base_pair.hbond_type_28 
_ndb_struct_na_base_pair.hbond_type_12 
1 A G 1  1_555 A C 29 1_555 -0.655 -0.618 0.592  8.434   -18.488 -0.364  1  B_G6174:C6202_B B 6174 ? B 6202 ? 19 1 
1 A G 2  1_555 A C 28 1_555 -0.531 -0.159 -0.190 -4.613  -18.822 -2.300  2  B_G6175:C6201_B B 6175 ? B 6201 ? 19 1 
1 A U 3  1_555 A A 27 1_555 0.566  -0.003 0.150  0.122   -12.387 -1.868  3  B_U6176:A6200_B B 6176 ? B 6200 ? 20 1 
1 A U 4  1_555 A G 26 1_555 -0.571 -0.234 0.259  2.283   -7.785  0.654   4  B_U6177:G6199_B B 6177 ? B 6199 ? ?  1 
1 A A 5  1_555 A U 25 1_555 0.954  -0.535 0.027  -3.629  -7.477  -5.759  5  B_A6178:U6198_B B 6178 ? B 6198 ? 20 1 
1 A U 6  1_555 A A 24 1_555 -0.433 -0.156 0.017  0.668   -13.323 0.811   6  B_U6179:A6197_B B 6179 ? B 6197 ? 20 1 
1 A U 7  1_555 A A 23 1_555 -0.176 0.101  0.213  -3.708  -14.755 3.921   7  B_U6180:A6196_B B 6180 ? B 6196 ? 20 1 
1 A C 8  1_555 A G 22 1_555 0.169  -0.414 -0.346 3.486   -5.898  -8.672  8  B_C6181:G6195_B B 6181 ? B 6195 ? 19 1 
1 A G 10 1_555 A C 21 1_555 0.018  -0.063 0.335  -1.176  -13.805 -0.269  9  B_G6183:C6194_B B 6183 ? B 6194 ? 19 1 
1 A A 11 1_555 A U 20 1_555 0.120  -0.078 0.385  -17.195 -30.017 -4.090  10 B_A6184:U6193_B B 6184 ? B 6193 ? 20 1 
1 B A 7  1_555 A G 19 1_555 2.024  6.681  -1.816 49.898  9.512   140.984 11 C_A6209:G6192_B C 6209 ? B 6192 ? ?  6 
1 B U 10 1_555 A A 18 1_555 -0.267 -0.368 0.273  -4.209  -5.005  -2.048  12 C_U6212:A6191_B C 6212 ? B 6191 ? 20 1 
1 B A 11 1_555 A U 17 1_555 -0.739 -0.403 0.161  4.279   -10.666 -1.599  13 C_A6213:U6190_B C 6213 ? B 6190 ? 20 1 
1 B C 12 1_555 A G 16 1_555 1.216  -0.316 0.170  -0.125  -14.940 9.787   14 C_C6214:G6189_B C 6214 ? B 6189 ? 19 1 
1 B C 13 1_555 A G 15 1_555 0.615  -0.362 0.105  -2.621  -12.223 1.366   15 C_C6215:G6188_B C 6215 ? B 6188 ? 19 1 
1 B U 14 1_555 A A 14 1_555 0.582  0.074  -0.062 4.411   -11.135 -5.378  16 C_U6216:A6187_B C 6216 ? B 6187 ? 20 1 
# 
loop_
_ndb_struct_na_base_pair_step.model_number 
_ndb_struct_na_base_pair_step.i_label_asym_id_1 
_ndb_struct_na_base_pair_step.i_label_comp_id_1 
_ndb_struct_na_base_pair_step.i_label_seq_id_1 
_ndb_struct_na_base_pair_step.i_symmetry_1 
_ndb_struct_na_base_pair_step.j_label_asym_id_1 
_ndb_struct_na_base_pair_step.j_label_comp_id_1 
_ndb_struct_na_base_pair_step.j_label_seq_id_1 
_ndb_struct_na_base_pair_step.j_symmetry_1 
_ndb_struct_na_base_pair_step.i_label_asym_id_2 
_ndb_struct_na_base_pair_step.i_label_comp_id_2 
_ndb_struct_na_base_pair_step.i_label_seq_id_2 
_ndb_struct_na_base_pair_step.i_symmetry_2 
_ndb_struct_na_base_pair_step.j_label_asym_id_2 
_ndb_struct_na_base_pair_step.j_label_comp_id_2 
_ndb_struct_na_base_pair_step.j_label_seq_id_2 
_ndb_struct_na_base_pair_step.j_symmetry_2 
_ndb_struct_na_base_pair_step.shift 
_ndb_struct_na_base_pair_step.slide 
_ndb_struct_na_base_pair_step.rise 
_ndb_struct_na_base_pair_step.tilt 
_ndb_struct_na_base_pair_step.roll 
_ndb_struct_na_base_pair_step.twist 
_ndb_struct_na_base_pair_step.x_displacement 
_ndb_struct_na_base_pair_step.y_displacement 
_ndb_struct_na_base_pair_step.helical_rise 
_ndb_struct_na_base_pair_step.inclination 
_ndb_struct_na_base_pair_step.tip 
_ndb_struct_na_base_pair_step.helical_twist 
_ndb_struct_na_base_pair_step.step_number 
_ndb_struct_na_base_pair_step.step_name 
_ndb_struct_na_base_pair_step.i_auth_asym_id_1 
_ndb_struct_na_base_pair_step.i_auth_seq_id_1 
_ndb_struct_na_base_pair_step.i_PDB_ins_code_1 
_ndb_struct_na_base_pair_step.j_auth_asym_id_1 
_ndb_struct_na_base_pair_step.j_auth_seq_id_1 
_ndb_struct_na_base_pair_step.j_PDB_ins_code_1 
_ndb_struct_na_base_pair_step.i_auth_asym_id_2 
_ndb_struct_na_base_pair_step.i_auth_seq_id_2 
_ndb_struct_na_base_pair_step.i_PDB_ins_code_2 
_ndb_struct_na_base_pair_step.j_auth_asym_id_2 
_ndb_struct_na_base_pair_step.j_auth_seq_id_2 
_ndb_struct_na_base_pair_step.j_PDB_ins_code_2 
1 A G 1  1_555 A C 29 1_555 A G 2  1_555 A C 28 1_555 -0.927 -2.019 3.474  2.952    4.622    33.378  -4.224 2.075  3.084 7.980   
-5.096  33.813  1  BB_G6174G6175:C6201C6202_BB B 6174 ? B 6202 ? B 6175 ? B 6201 ? 
1 A G 2  1_555 A C 28 1_555 A U 3  1_555 A A 27 1_555 -0.060 -1.171 3.290  -1.547   2.240    34.621  -2.303 -0.135 3.210 3.756   
2.594   34.725  2  BB_G6175U6176:A6200C6201_BB B 6175 ? B 6201 ? B 6176 ? B 6200 ? 
1 A U 3  1_555 A A 27 1_555 A U 4  1_555 A G 26 1_555 0.322  -1.103 3.076  -0.224   7.744    26.203  -4.059 -0.733 2.644 16.625  
0.480   27.305  3  BB_U6176U6177:G6199A6200_BB B 6176 ? B 6200 ? B 6177 ? B 6199 ? 
1 A U 4  1_555 A G 26 1_555 A A 5  1_555 A U 25 1_555 -0.220 -1.347 3.220  1.301    13.212   39.154  -3.224 0.441  2.642 19.061  
-1.877  41.260  4  BB_U6177A6178:U6198G6199_BB B 6177 ? B 6199 ? B 6178 ? B 6198 ? 
1 A A 5  1_555 A U 25 1_555 A U 6  1_555 A A 24 1_555 -0.022 -1.596 3.196  -1.014   6.787    26.914  -4.829 -0.178 2.719 14.288  
2.134   27.759  5  BB_A6178U6179:A6197U6198_BB B 6178 ? B 6198 ? B 6179 ? B 6197 ? 
1 A U 6  1_555 A A 24 1_555 A U 7  1_555 A A 23 1_555 0.524  -1.106 3.358  -0.613   9.234    33.657  -3.222 -0.966 2.951 15.585  
1.035   34.871  6  BB_U6179U6180:A6196A6197_BB B 6179 ? B 6197 ? B 6180 ? B 6196 ? 
1 A U 7  1_555 A A 23 1_555 A C 8  1_555 A G 22 1_555 -0.501 -1.260 3.313  5.135    7.253    29.428  -3.740 1.910  2.804 13.884  
-9.830  30.713  7  BB_U6180C6181:G6195A6196_BB B 6180 ? B 6196 ? B 6181 ? B 6195 ? 
1 A C 8  1_555 A G 22 1_555 A G 10 1_555 A C 21 1_555 0.263  -1.895 3.275  -6.624   7.215    31.253  -4.525 -1.533 2.673 12.999  
11.934  32.715  8  BB_C6181G6183:C6194G6195_BB B 6181 ? B 6195 ? B 6183 ? B 6194 ? 
1 A G 10 1_555 A C 21 1_555 A A 11 1_555 A U 20 1_555 -0.507 -1.810 3.639  2.807    2.489    40.193  -2.929 1.079  3.484 3.612   
-4.073  40.361  9  BB_G6183A6184:U6193C6194_BB B 6183 ? B 6194 ? B 6184 ? B 6193 ? 
1 A A 11 1_555 A U 20 1_555 B A 7  1_555 A G 19 1_555 -2.339 -3.048 -5.257 -152.887 30.603   32.671  -1.172 3.109  0.115 16.991  
84.883  156.905 10 BC_A6184A6209:G6192U6193_BB B 6184 ? B 6193 ? C 6209 ? B 6192 ? 
1 B A 7  1_555 A G 19 1_555 B U 10 1_555 A A 18 1_555 -2.411 -2.579 2.432  87.807   -127.205 116.842 -0.735 1.602  2.473 -65.112 
-44.945 166.761 11 CC_A6209U6212:A6191G6192_BB C 6209 ? B 6192 ? C 6212 ? B 6191 ? 
1 B U 10 1_555 A A 18 1_555 B A 11 1_555 A U 17 1_555 -0.377 -1.770 2.798  -0.380   9.366    28.479  -4.920 0.668  2.126 18.418  
0.748   29.952  12 CC_U6212A6213:U6190A6191_BB C 6212 ? B 6191 ? C 6213 ? B 6190 ? 
1 B A 11 1_555 A U 17 1_555 B C 12 1_555 A G 16 1_555 0.562  -0.844 3.319  2.345    7.226    41.628  -1.909 -0.539 3.162 10.067  
-3.268  42.285  13 CC_A6213C6214:G6189U6190_BB C 6213 ? B 6190 ? C 6214 ? B 6189 ? 
1 B C 12 1_555 A G 16 1_555 B C 13 1_555 A G 15 1_555 0.189  -1.654 3.179  3.607    6.871    29.050  -4.486 0.316  2.728 13.399  
-7.033  30.048  14 CC_C6214C6215:G6188G6189_BB C 6214 ? B 6189 ? C 6215 ? B 6188 ? 
1 B C 13 1_555 A G 15 1_555 B U 14 1_555 A A 14 1_555 -0.546 -1.125 3.030  4.888    6.101    34.907  -2.613 1.516  2.703 10.015  
-8.025  35.745  15 CC_C6215U6216:A6187G6188_BB C 6215 ? B 6188 ? C 6216 ? B 6187 ? 
# 
_pdbx_entity_nonpoly.entity_id   3 
_pdbx_entity_nonpoly.name        'SELENATE ION' 
_pdbx_entity_nonpoly.comp_id     SE4 
# 
_pdbx_initial_refinement_model.id               1 
_pdbx_initial_refinement_model.entity_id_list   ? 
_pdbx_initial_refinement_model.type             'experimental model' 
_pdbx_initial_refinement_model.source_name      PDB 
_pdbx_initial_refinement_model.accession_code   3B31 
_pdbx_initial_refinement_model.details          'PDB 3B31' 
# 
